data_6ZPF
# 
_entry.id   6ZPF 
# 
_audit_conform.dict_name       mmcif_pdbx.dic 
_audit_conform.dict_version    5.384 
_audit_conform.dict_location   http://mmcif.pdb.org/dictionaries/ascii/mmcif_pdbx.dic 
# 
loop_
_database_2.database_id 
_database_2.database_code 
_database_2.pdbx_database_accession 
_database_2.pdbx_DOI 
PDB   6ZPF         pdb_00006zpf 10.2210/pdb6zpf/pdb 
WWPDB D_1292108825 ?            ?                   
# 
loop_
_pdbx_audit_revision_history.ordinal 
_pdbx_audit_revision_history.data_content_type 
_pdbx_audit_revision_history.major_revision 
_pdbx_audit_revision_history.minor_revision 
_pdbx_audit_revision_history.revision_date 
1 'Structure model' 1 0 2021-05-26 
2 'Structure model' 1 1 2021-12-15 
3 'Structure model' 2 0 2023-07-26 
4 'Structure model' 2 1 2024-01-31 
# 
_pdbx_audit_revision_details.ordinal             1 
_pdbx_audit_revision_details.revision_ordinal    1 
_pdbx_audit_revision_details.data_content_type   'Structure model' 
_pdbx_audit_revision_details.provider            repository 
_pdbx_audit_revision_details.type                'Initial release' 
_pdbx_audit_revision_details.description         ? 
_pdbx_audit_revision_details.details             ? 
# 
loop_
_pdbx_audit_revision_group.ordinal 
_pdbx_audit_revision_group.revision_ordinal 
_pdbx_audit_revision_group.data_content_type 
_pdbx_audit_revision_group.group 
1 2 'Structure model' 'Database references'    
2 3 'Structure model' 'Derived calculations'   
3 3 'Structure model' 'Polymer sequence'       
4 4 'Structure model' 'Data collection'        
5 4 'Structure model' 'Refinement description' 
# 
loop_
_pdbx_audit_revision_category.ordinal 
_pdbx_audit_revision_category.revision_ordinal 
_pdbx_audit_revision_category.data_content_type 
_pdbx_audit_revision_category.category 
1 2 'Structure model' citation                      
2 2 'Structure model' citation_author               
3 2 'Structure model' database_2                    
4 3 'Structure model' atom_type                     
5 3 'Structure model' entity_poly                   
6 4 'Structure model' chem_comp_atom                
7 4 'Structure model' chem_comp_bond                
8 4 'Structure model' pdbx_initial_refinement_model 
# 
loop_
_pdbx_audit_revision_item.ordinal 
_pdbx_audit_revision_item.revision_ordinal 
_pdbx_audit_revision_item.data_content_type 
_pdbx_audit_revision_item.item 
1  2 'Structure model' '_citation.country'                   
2  2 'Structure model' '_citation.journal_abbrev'            
3  2 'Structure model' '_citation.journal_id_ASTM'           
4  2 'Structure model' '_citation.journal_id_CSD'            
5  2 'Structure model' '_citation.journal_id_ISSN'           
6  2 'Structure model' '_citation.journal_volume'            
7  2 'Structure model' '_citation.page_first'                
8  2 'Structure model' '_citation.page_last'                 
9  2 'Structure model' '_citation.pdbx_database_id_DOI'      
10 2 'Structure model' '_citation.pdbx_database_id_PubMed'   
11 2 'Structure model' '_citation.title'                     
12 2 'Structure model' '_citation.year'                      
13 2 'Structure model' '_citation_author.identifier_ORCID'   
14 2 'Structure model' '_citation_author.name'               
15 2 'Structure model' '_database_2.pdbx_DOI'                
16 2 'Structure model' '_database_2.pdbx_database_accession' 
17 3 'Structure model' '_atom_type.pdbx_N_electrons'         
18 3 'Structure model' '_atom_type.pdbx_scat_Z'              
19 3 'Structure model' '_entity_poly.type'                   
# 
_pdbx_database_status.status_code                     REL 
_pdbx_database_status.status_code_sf                  REL 
_pdbx_database_status.status_code_mr                  ? 
_pdbx_database_status.entry_id                        6ZPF 
_pdbx_database_status.recvd_initial_deposition_date   2020-07-08 
_pdbx_database_status.SG_entry                        N 
_pdbx_database_status.deposit_site                    PDBE 
_pdbx_database_status.process_site                    PDBE 
_pdbx_database_status.status_code_cs                  ? 
_pdbx_database_status.status_code_nmr_data            ? 
_pdbx_database_status.methods_development_category    ? 
_pdbx_database_status.pdb_format_compatible           Y 
# 
loop_
_pdbx_database_related.db_name 
_pdbx_database_related.details 
_pdbx_database_related.db_id 
_pdbx_database_related.content_type 
PDB 'Another crystal of this form.' 6ZQ9 unspecified 
PDB 'Another crystal of this form.' 6ZR1 unspecified 
PDB 'Another crystal of this form.' 6ZRL unspecified 
PDB 'Another crystal of this form.' 6ZRS unspecified 
PDB 'Another crystal of this form.' 6ZW3 unspecified 
PDB 'Another crystal of this form.' 6ZWU unspecified 
PDB 'Another crystal of this form.' 6ZX5 unspecified 
PDB 'Another crystal of this form.' 6ZX8 unspecified 
PDB 'Another crystal of this form.' 7A9L unspecified 
PDB 'Another crystal of this form.' 7A9N unspecified 
PDB 'Another crystal of this form.' 7A9O unspecified 
PDB 'Another crystal of this form.' 7A9P unspecified 
PDB 'Another crystal of this form.' 7A9Q unspecified 
PDB 'Another crystal of this form.' 7A9R unspecified 
PDB 'Another crystal of this form.' 7A9S unspecified 
PDB 'Another crystal of this form.' 7A9T unspecified 
# 
_audit_author.name               'Rypniewski, W.' 
_audit_author.pdbx_ordinal       1 
_audit_author.identifier_ORCID   0000-0002-6097-5518 
# 
_citation.abstract                  ? 
_citation.abstract_id_CAS           ? 
_citation.book_id_ISBN              ? 
_citation.book_publisher            ? 
_citation.book_publisher_city       ? 
_citation.book_title                ? 
_citation.coordinate_linkage        ? 
_citation.country                   UK 
_citation.database_id_Medline       ? 
_citation.details                   ? 
_citation.id                        primary 
_citation.journal_abbrev            'Nucleic Acids Res.' 
_citation.journal_id_ASTM           NARHAD 
_citation.journal_id_CSD            0389 
_citation.journal_id_ISSN           1362-4962 
_citation.journal_full              ? 
_citation.journal_issue             ? 
_citation.journal_volume            49 
_citation.language                  ? 
_citation.page_first                12535 
_citation.page_last                 12539 
_citation.title                     'Broken symmetry between RNA enantiomers in a crystal lattice.' 
_citation.year                      2021 
_citation.database_id_CSD           ? 
_citation.pdbx_database_id_DOI      10.1093/nar/gkab480 
_citation.pdbx_database_id_PubMed   34107036 
_citation.unpublished_flag          ? 
# 
loop_
_citation_author.citation_id 
_citation_author.name 
_citation_author.ordinal 
_citation_author.identifier_ORCID 
primary 'Kiliszek, A.'   1 0000-0002-2871-7535 
primary 'Blaszczyk, L.'  2 0000-0002-1907-4857 
primary 'Bejger, M.'     3 0000-0003-1660-9745 
primary 'Rypniewski, W.' 4 0000-0002-6097-5518 
# 
loop_
_entity.id 
_entity.type 
_entity.src_method 
_entity.pdbx_description 
_entity.formula_weight 
_entity.pdbx_number_of_molecules 
_entity.pdbx_ec 
_entity.pdbx_mutation 
_entity.pdbx_fragment 
_entity.details 
1 polymer     syn 
;RNA (5'-R(*CP*UP*GP*GP*GP*CP*GP*G)-3')
;
2597.601 1   ? ? ? 'Chain K is D-enantiomer. It pairs with chain L.' 
2 polymer     syn 
;RNA (5'-R(*CP*CP*GP*CP*CP*UP*GP*G)-3')
;
2517.553 1   ? ? ? 'Chain L is D-enantiomer. It pairs with chain K.' 
3 polymer     syn 
;RNA (5'-R(*(0C)P*(0U)P*(0G)P*(0G)P*(0G)P*(0C)P*(0G)P*(0G))-3')
;
2597.601 1   ? ? ? 'Chain M is L-enantiomer. It pairs with chain N.' 
4 polymer     syn 
;RNA (5'-R(*(0C)P*(0C)P*(0G)P*(0C)P*(0C)P*(0U)P*(0G)P*(0G))-3')
;
2517.553 1   ? ? ? ?                                                 
5 non-polymer syn 'ZINC ION'                                                       65.409   7   ? ? ? ? 
6 water       nat water                                                            18.015   197 ? ? ? ? 
# 
loop_
_entity_poly.entity_id 
_entity_poly.type 
_entity_poly.nstd_linkage 
_entity_poly.nstd_monomer 
_entity_poly.pdbx_seq_one_letter_code 
_entity_poly.pdbx_seq_one_letter_code_can 
_entity_poly.pdbx_strand_id 
_entity_poly.pdbx_target_identifier 
1 polyribonucleotide no no  CUGGGCGG                           CUGGGCGG K ? 
2 polyribonucleotide no no  CCGCCUGG                           CCGCCUGG L ? 
3 polyribonucleotide no yes '(0C)(0U)(0G)(0G)(0G)(0C)(0G)(0G)' CUGGGCGG M ? 
4 polyribonucleotide no yes '(0C)(0C)(0G)(0C)(0C)(0U)(0G)(0G)' CCGCCUGG N ? 
# 
loop_
_pdbx_entity_nonpoly.entity_id 
_pdbx_entity_nonpoly.name 
_pdbx_entity_nonpoly.comp_id 
5 'ZINC ION' ZN  
6 water      HOH 
# 
loop_
_entity_poly_seq.entity_id 
_entity_poly_seq.num 
_entity_poly_seq.mon_id 
_entity_poly_seq.hetero 
1 1 C  n 
1 2 U  n 
1 3 G  n 
1 4 G  n 
1 5 G  n 
1 6 C  n 
1 7 G  n 
1 8 G  n 
2 1 C  n 
2 2 C  n 
2 3 G  n 
2 4 C  n 
2 5 C  n 
2 6 U  n 
2 7 G  n 
2 8 G  n 
3 1 0C n 
3 2 0U n 
3 3 0G n 
3 4 0G n 
3 5 0G n 
3 6 0C n 
3 7 0G n 
3 8 0G n 
4 1 0C n 
4 2 0C n 
4 3 0G n 
4 4 0C n 
4 5 0C n 
4 6 0U n 
4 7 0G n 
4 8 0G n 
# 
loop_
_pdbx_entity_src_syn.entity_id 
_pdbx_entity_src_syn.pdbx_src_id 
_pdbx_entity_src_syn.pdbx_alt_source_flag 
_pdbx_entity_src_syn.pdbx_beg_seq_num 
_pdbx_entity_src_syn.pdbx_end_seq_num 
_pdbx_entity_src_syn.organism_scientific 
_pdbx_entity_src_syn.organism_common_name 
_pdbx_entity_src_syn.ncbi_taxonomy_id 
_pdbx_entity_src_syn.details 
1 1 sample 1 8 'Thermus thermophilus' ? 274 ? 
2 1 sample 1 8 'Thermus thermophilus' ? 274 ? 
3 1 sample 1 8 'Thermus thermophilus' ? 274 ? 
4 1 sample 1 8 'Thermus thermophilus' ? 274 ? 
# 
loop_
_chem_comp.id 
_chem_comp.type 
_chem_comp.mon_nstd_flag 
_chem_comp.name 
_chem_comp.pdbx_synonyms 
_chem_comp.formula 
_chem_comp.formula_weight 
0C  'L-RNA linking' . "L-CYTIDINE-5'-MONOPHOSPHATE"  ? 'C9 H14 N3 O8 P'  323.197 
0G  'L-RNA linking' . "L-GUANOSINE-5'-MONOPHOSPHATE" ? 'C10 H14 N5 O8 P' 363.221 
0U  'L-RNA linking' . "L-URIDINE-5'-MONOPHOSPHATE"   ? 'C9 H13 N2 O9 P'  324.181 
C   'RNA linking'   y "CYTIDINE-5'-MONOPHOSPHATE"    ? 'C9 H14 N3 O8 P'  323.197 
G   'RNA linking'   y "GUANOSINE-5'-MONOPHOSPHATE"   ? 'C10 H14 N5 O8 P' 363.221 
HOH non-polymer     . WATER                          ? 'H2 O'            18.015  
U   'RNA linking'   y "URIDINE-5'-MONOPHOSPHATE"     ? 'C9 H13 N2 O9 P'  324.181 
ZN  non-polymer     . 'ZINC ION'                     ? 'Zn 2'            65.409  
# 
loop_
_pdbx_poly_seq_scheme.asym_id 
_pdbx_poly_seq_scheme.entity_id 
_pdbx_poly_seq_scheme.seq_id 
_pdbx_poly_seq_scheme.mon_id 
_pdbx_poly_seq_scheme.ndb_seq_num 
_pdbx_poly_seq_scheme.pdb_seq_num 
_pdbx_poly_seq_scheme.auth_seq_num 
_pdbx_poly_seq_scheme.pdb_mon_id 
_pdbx_poly_seq_scheme.auth_mon_id 
_pdbx_poly_seq_scheme.pdb_strand_id 
_pdbx_poly_seq_scheme.pdb_ins_code 
_pdbx_poly_seq_scheme.hetero 
A 1 1 C  1 79 79 C  C  K . n 
A 1 2 U  2 80 80 U  U  K . n 
A 1 3 G  3 81 81 G  G  K . n 
A 1 4 G  4 82 82 G  G  K . n 
A 1 5 G  5 83 83 G  G  K . n 
A 1 6 C  6 84 84 C  C  K . n 
A 1 7 G  7 85 85 G  G  K . n 
A 1 8 G  8 86 86 G  G  K . n 
B 2 1 C  1 90 90 C  C  L . n 
B 2 2 C  2 91 91 C  C  L . n 
B 2 3 G  3 92 92 G  G  L . n 
B 2 4 C  4 93 93 C  C  L . n 
B 2 5 C  5 94 94 C  C  L . n 
B 2 6 U  6 95 95 U  U  L . n 
B 2 7 G  7 96 96 G  G  L . n 
B 2 8 G  8 97 97 G  G  L . n 
C 3 1 0C 1 79 79 0C 0C M . n 
C 3 2 0U 2 80 80 0U 0U M . n 
C 3 3 0G 3 81 81 0G 0G M . n 
C 3 4 0G 4 82 82 0G 0G M . n 
C 3 5 0G 5 83 83 0G 0G M . n 
C 3 6 0C 6 84 84 0C 0C M . n 
C 3 7 0G 7 85 85 0G 0G M . n 
C 3 8 0G 8 86 86 0G 0G M . n 
D 4 1 0C 1 90 90 0C 0C N . n 
D 4 2 0C 2 91 91 0C 0C N . n 
D 4 3 0G 3 92 92 0G 0G N . n 
D 4 4 0C 4 93 93 0C 0C N . n 
D 4 5 0C 5 94 94 0C 0C N . n 
D 4 6 0U 6 95 95 0U 0U N . n 
D 4 7 0G 7 96 96 0G 0G N . n 
D 4 8 0G 8 97 97 0G 0G N . n 
# 
loop_
_pdbx_nonpoly_scheme.asym_id 
_pdbx_nonpoly_scheme.entity_id 
_pdbx_nonpoly_scheme.mon_id 
_pdbx_nonpoly_scheme.ndb_seq_num 
_pdbx_nonpoly_scheme.pdb_seq_num 
_pdbx_nonpoly_scheme.auth_seq_num 
_pdbx_nonpoly_scheme.pdb_mon_id 
_pdbx_nonpoly_scheme.auth_mon_id 
_pdbx_nonpoly_scheme.pdb_strand_id 
_pdbx_nonpoly_scheme.pdb_ins_code 
E 5 ZN  1  101 1   ZN  ZN  K . 
F 5 ZN  1  102 3   ZN  ZN  K . 
G 5 ZN  1  101 7   ZN  ZN  L . 
H 5 ZN  1  102 10  ZN  ZN  L . 
I 5 ZN  1  101 2   ZN  ZN  M . 
J 5 ZN  1  102 4   ZN  ZN  M . 
K 5 ZN  1  101 8   ZN  ZN  N . 
L 6 HOH 1  201 122 HOH HOH K . 
L 6 HOH 2  202 117 HOH HOH K . 
L 6 HOH 3  203 47  HOH HOH K . 
L 6 HOH 4  204 73  HOH HOH K . 
L 6 HOH 5  205 2   HOH HOH K . 
L 6 HOH 6  206 194 HOH HOH K . 
L 6 HOH 7  207 69  HOH HOH K . 
L 6 HOH 8  208 106 HOH HOH K . 
L 6 HOH 9  209 49  HOH HOH K . 
L 6 HOH 10 210 39  HOH HOH K . 
L 6 HOH 11 211 55  HOH HOH K . 
L 6 HOH 12 212 44  HOH HOH K . 
L 6 HOH 13 213 140 HOH HOH K . 
L 6 HOH 14 214 66  HOH HOH K . 
L 6 HOH 15 215 121 HOH HOH K . 
L 6 HOH 16 216 170 HOH HOH K . 
L 6 HOH 17 217 42  HOH HOH K . 
L 6 HOH 18 218 43  HOH HOH K . 
L 6 HOH 19 219 185 HOH HOH K . 
L 6 HOH 20 220 37  HOH HOH K . 
L 6 HOH 21 221 159 HOH HOH K . 
L 6 HOH 22 222 145 HOH HOH K . 
L 6 HOH 23 223 22  HOH HOH K . 
L 6 HOH 24 224 118 HOH HOH K . 
L 6 HOH 25 225 149 HOH HOH K . 
L 6 HOH 26 226 189 HOH HOH K . 
L 6 HOH 27 227 82  HOH HOH K . 
L 6 HOH 28 228 120 HOH HOH K . 
L 6 HOH 29 229 67  HOH HOH K . 
L 6 HOH 30 230 141 HOH HOH K . 
L 6 HOH 31 231 187 HOH HOH K . 
L 6 HOH 32 232 28  HOH HOH K . 
L 6 HOH 33 233 75  HOH HOH K . 
L 6 HOH 34 234 197 HOH HOH K . 
L 6 HOH 35 235 171 HOH HOH K . 
L 6 HOH 36 236 10  HOH HOH K . 
L 6 HOH 37 237 98  HOH HOH K . 
L 6 HOH 38 238 154 HOH HOH K . 
L 6 HOH 39 239 193 HOH HOH K . 
L 6 HOH 40 240 161 HOH HOH K . 
L 6 HOH 41 241 168 HOH HOH K . 
L 6 HOH 42 242 158 HOH HOH K . 
L 6 HOH 43 243 174 HOH HOH K . 
L 6 HOH 44 244 172 HOH HOH K . 
L 6 HOH 45 245 68  HOH HOH K . 
L 6 HOH 46 246 6   HOH HOH K . 
L 6 HOH 47 247 125 HOH HOH K . 
L 6 HOH 48 248 195 HOH HOH K . 
L 6 HOH 49 249 164 HOH HOH K . 
L 6 HOH 50 250 123 HOH HOH K . 
M 6 HOH 1  201 165 HOH HOH L . 
M 6 HOH 2  202 72  HOH HOH L . 
M 6 HOH 3  203 157 HOH HOH L . 
M 6 HOH 4  204 91  HOH HOH L . 
M 6 HOH 5  205 143 HOH HOH L . 
M 6 HOH 6  206 77  HOH HOH L . 
M 6 HOH 7  207 14  HOH HOH L . 
M 6 HOH 8  208 21  HOH HOH L . 
M 6 HOH 9  209 60  HOH HOH L . 
M 6 HOH 10 210 13  HOH HOH L . 
M 6 HOH 11 211 74  HOH HOH L . 
M 6 HOH 12 212 16  HOH HOH L . 
M 6 HOH 13 213 29  HOH HOH L . 
M 6 HOH 14 214 129 HOH HOH L . 
M 6 HOH 15 215 147 HOH HOH L . 
M 6 HOH 16 216 130 HOH HOH L . 
M 6 HOH 17 217 192 HOH HOH L . 
M 6 HOH 18 218 48  HOH HOH L . 
M 6 HOH 19 219 79  HOH HOH L . 
M 6 HOH 20 220 41  HOH HOH L . 
M 6 HOH 21 221 71  HOH HOH L . 
M 6 HOH 22 222 9   HOH HOH L . 
M 6 HOH 23 223 97  HOH HOH L . 
M 6 HOH 24 224 31  HOH HOH L . 
M 6 HOH 25 225 46  HOH HOH L . 
M 6 HOH 26 226 51  HOH HOH L . 
M 6 HOH 27 227 93  HOH HOH L . 
M 6 HOH 28 228 100 HOH HOH L . 
M 6 HOH 29 229 20  HOH HOH L . 
M 6 HOH 30 230 186 HOH HOH L . 
M 6 HOH 31 231 139 HOH HOH L . 
M 6 HOH 32 232 182 HOH HOH L . 
M 6 HOH 33 233 162 HOH HOH L . 
M 6 HOH 34 234 56  HOH HOH L . 
M 6 HOH 35 235 103 HOH HOH L . 
M 6 HOH 36 236 175 HOH HOH L . 
M 6 HOH 37 237 96  HOH HOH L . 
M 6 HOH 38 238 176 HOH HOH L . 
M 6 HOH 39 239 4   HOH HOH L . 
M 6 HOH 40 240 142 HOH HOH L . 
M 6 HOH 41 241 18  HOH HOH L . 
M 6 HOH 42 242 138 HOH HOH L . 
M 6 HOH 43 243 110 HOH HOH L . 
M 6 HOH 44 244 83  HOH HOH L . 
M 6 HOH 45 245 160 HOH HOH L . 
M 6 HOH 46 246 92  HOH HOH L . 
M 6 HOH 47 247 114 HOH HOH L . 
M 6 HOH 48 248 53  HOH HOH L . 
M 6 HOH 49 249 169 HOH HOH L . 
M 6 HOH 50 250 54  HOH HOH L . 
M 6 HOH 51 251 128 HOH HOH L . 
M 6 HOH 52 252 104 HOH HOH L . 
N 6 HOH 1  201 101 HOH HOH M . 
N 6 HOH 2  202 59  HOH HOH M . 
N 6 HOH 3  203 156 HOH HOH M . 
N 6 HOH 4  204 15  HOH HOH M . 
N 6 HOH 5  205 166 HOH HOH M . 
N 6 HOH 6  206 155 HOH HOH M . 
N 6 HOH 7  207 90  HOH HOH M . 
N 6 HOH 8  208 134 HOH HOH M . 
N 6 HOH 9  209 63  HOH HOH M . 
N 6 HOH 10 210 80  HOH HOH M . 
N 6 HOH 11 211 50  HOH HOH M . 
N 6 HOH 12 212 70  HOH HOH M . 
N 6 HOH 13 213 150 HOH HOH M . 
N 6 HOH 14 214 26  HOH HOH M . 
N 6 HOH 15 215 88  HOH HOH M . 
N 6 HOH 16 216 3   HOH HOH M . 
N 6 HOH 17 217 64  HOH HOH M . 
N 6 HOH 18 218 105 HOH HOH M . 
N 6 HOH 19 219 146 HOH HOH M . 
N 6 HOH 20 220 24  HOH HOH M . 
N 6 HOH 21 221 19  HOH HOH M . 
N 6 HOH 22 222 27  HOH HOH M . 
N 6 HOH 23 223 112 HOH HOH M . 
N 6 HOH 24 224 17  HOH HOH M . 
N 6 HOH 25 225 33  HOH HOH M . 
N 6 HOH 26 226 5   HOH HOH M . 
N 6 HOH 27 227 111 HOH HOH M . 
N 6 HOH 28 228 38  HOH HOH M . 
N 6 HOH 29 229 184 HOH HOH M . 
N 6 HOH 30 230 179 HOH HOH M . 
N 6 HOH 31 231 76  HOH HOH M . 
N 6 HOH 32 232 12  HOH HOH M . 
N 6 HOH 33 233 183 HOH HOH M . 
N 6 HOH 34 234 190 HOH HOH M . 
N 6 HOH 35 235 8   HOH HOH M . 
N 6 HOH 36 236 113 HOH HOH M . 
N 6 HOH 37 237 196 HOH HOH M . 
N 6 HOH 38 238 173 HOH HOH M . 
N 6 HOH 39 239 62  HOH HOH M . 
N 6 HOH 40 240 35  HOH HOH M . 
N 6 HOH 41 241 36  HOH HOH M . 
N 6 HOH 42 242 191 HOH HOH M . 
N 6 HOH 43 243 153 HOH HOH M . 
N 6 HOH 44 244 95  HOH HOH M . 
N 6 HOH 45 245 181 HOH HOH M . 
N 6 HOH 46 246 148 HOH HOH M . 
N 6 HOH 47 247 124 HOH HOH M . 
N 6 HOH 48 248 167 HOH HOH M . 
N 6 HOH 49 249 119 HOH HOH M . 
O 6 HOH 1  201 126 HOH HOH N . 
O 6 HOH 2  202 136 HOH HOH N . 
O 6 HOH 3  203 87  HOH HOH N . 
O 6 HOH 4  204 78  HOH HOH N . 
O 6 HOH 5  205 30  HOH HOH N . 
O 6 HOH 6  206 178 HOH HOH N . 
O 6 HOH 7  207 89  HOH HOH N . 
O 6 HOH 8  208 99  HOH HOH N . 
O 6 HOH 9  209 163 HOH HOH N . 
O 6 HOH 10 210 137 HOH HOH N . 
O 6 HOH 11 211 45  HOH HOH N . 
O 6 HOH 12 212 40  HOH HOH N . 
O 6 HOH 13 213 135 HOH HOH N . 
O 6 HOH 14 214 94  HOH HOH N . 
O 6 HOH 15 215 61  HOH HOH N . 
O 6 HOH 16 216 132 HOH HOH N . 
O 6 HOH 17 217 65  HOH HOH N . 
O 6 HOH 18 218 85  HOH HOH N . 
O 6 HOH 19 219 102 HOH HOH N . 
O 6 HOH 20 220 86  HOH HOH N . 
O 6 HOH 21 221 127 HOH HOH N . 
O 6 HOH 22 222 151 HOH HOH N . 
O 6 HOH 23 223 58  HOH HOH N . 
O 6 HOH 24 224 23  HOH HOH N . 
O 6 HOH 25 225 25  HOH HOH N . 
O 6 HOH 26 226 52  HOH HOH N . 
O 6 HOH 27 227 1   HOH HOH N . 
O 6 HOH 28 228 32  HOH HOH N . 
O 6 HOH 29 229 57  HOH HOH N . 
O 6 HOH 30 230 7   HOH HOH N . 
O 6 HOH 31 231 84  HOH HOH N . 
O 6 HOH 32 232 107 HOH HOH N . 
O 6 HOH 33 233 11  HOH HOH N . 
O 6 HOH 34 234 144 HOH HOH N . 
O 6 HOH 35 235 188 HOH HOH N . 
O 6 HOH 36 236 133 HOH HOH N . 
O 6 HOH 37 237 108 HOH HOH N . 
O 6 HOH 38 238 81  HOH HOH N . 
O 6 HOH 39 239 131 HOH HOH N . 
O 6 HOH 40 240 115 HOH HOH N . 
O 6 HOH 41 241 180 HOH HOH N . 
O 6 HOH 42 242 116 HOH HOH N . 
O 6 HOH 43 243 177 HOH HOH N . 
O 6 HOH 44 244 34  HOH HOH N . 
O 6 HOH 45 245 152 HOH HOH N . 
O 6 HOH 46 246 109 HOH HOH N . 
# 
loop_
_software.citation_id 
_software.classification 
_software.compiler_name 
_software.compiler_version 
_software.contact_author 
_software.contact_author_email 
_software.date 
_software.description 
_software.dependencies 
_software.hardware 
_software.language 
_software.location 
_software.mods 
_software.name 
_software.os 
_software.os_version 
_software.type 
_software.version 
_software.pdbx_ordinal 
? refinement       ? ? ? ? ? ? ? ? ? ? ? REFMAC ? ? ? 5.8.0258 1 
? 'data reduction' ? ? ? ? ? ? ? ? ? ? ? XDS    ? ? ? .        2 
? 'data scaling'   ? ? ? ? ? ? ? ? ? ? ? XDS    ? ? ? .        3 
? phasing          ? ? ? ? ? ? ? ? ? ? ? PHASER ? ? ? .        4 
# 
_cell.angle_alpha                  106.107 
_cell.angle_alpha_esd              ? 
_cell.angle_beta                   96.001 
_cell.angle_beta_esd               ? 
_cell.angle_gamma                  92.722 
_cell.angle_gamma_esd              ? 
_cell.entry_id                     6ZPF 
_cell.details                      ? 
_cell.formula_units_Z              ? 
_cell.length_a                     20.850 
_cell.length_a_esd                 ? 
_cell.length_b                     26.500 
_cell.length_b_esd                 ? 
_cell.length_c                     38.570 
_cell.length_c_esd                 ? 
_cell.volume                       ? 
_cell.volume_esd                   ? 
_cell.Z_PDB                        1 
_cell.reciprocal_angle_alpha       ? 
_cell.reciprocal_angle_beta        ? 
_cell.reciprocal_angle_gamma       ? 
_cell.reciprocal_angle_alpha_esd   ? 
_cell.reciprocal_angle_beta_esd    ? 
_cell.reciprocal_angle_gamma_esd   ? 
_cell.reciprocal_length_a          ? 
_cell.reciprocal_length_b          ? 
_cell.reciprocal_length_c          ? 
_cell.reciprocal_length_a_esd      ? 
_cell.reciprocal_length_b_esd      ? 
_cell.reciprocal_length_c_esd      ? 
_cell.pdbx_unique_axis             ? 
# 
_symmetry.entry_id                         6ZPF 
_symmetry.cell_setting                     ? 
_symmetry.Int_Tables_number                1 
_symmetry.space_group_name_Hall            ? 
_symmetry.space_group_name_H-M             'P 1' 
_symmetry.pdbx_full_space_group_name_H-M   ? 
# 
_exptl.absorpt_coefficient_mu     ? 
_exptl.absorpt_correction_T_max   ? 
_exptl.absorpt_correction_T_min   ? 
_exptl.absorpt_correction_type    ? 
_exptl.absorpt_process_details    ? 
_exptl.entry_id                   6ZPF 
_exptl.crystals_number            1 
_exptl.details                    ? 
_exptl.method                     'X-RAY DIFFRACTION' 
_exptl.method_details             ? 
# 
_exptl_crystal.colour                      ? 
_exptl_crystal.density_diffrn              ? 
_exptl_crystal.density_Matthews            1.98 
_exptl_crystal.density_method              ? 
_exptl_crystal.density_percent_sol         38.00 
_exptl_crystal.description                 needle 
_exptl_crystal.F_000                       ? 
_exptl_crystal.id                          1 
_exptl_crystal.preparation                 ? 
_exptl_crystal.size_max                    ? 
_exptl_crystal.size_mid                    ? 
_exptl_crystal.size_min                    ? 
_exptl_crystal.size_rad                    ? 
_exptl_crystal.colour_lustre               ? 
_exptl_crystal.colour_modifier             ? 
_exptl_crystal.colour_primary              ? 
_exptl_crystal.density_meas                ? 
_exptl_crystal.density_meas_esd            ? 
_exptl_crystal.density_meas_gt             ? 
_exptl_crystal.density_meas_lt             ? 
_exptl_crystal.density_meas_temp           ? 
_exptl_crystal.density_meas_temp_esd       ? 
_exptl_crystal.density_meas_temp_gt        ? 
_exptl_crystal.density_meas_temp_lt        ? 
_exptl_crystal.pdbx_crystal_image_url      ? 
_exptl_crystal.pdbx_crystal_image_format   ? 
_exptl_crystal.pdbx_mosaicity              ? 
_exptl_crystal.pdbx_mosaicity_esd          ? 
# 
_exptl_crystal_grow.apparatus       ? 
_exptl_crystal_grow.atmosphere      ? 
_exptl_crystal_grow.crystal_id      1 
_exptl_crystal_grow.details         ? 
_exptl_crystal_grow.method          'VAPOR DIFFUSION, SITTING DROP' 
_exptl_crystal_grow.method_ref      ? 
_exptl_crystal_grow.pH              6.5 
_exptl_crystal_grow.pressure        ? 
_exptl_crystal_grow.pressure_esd    ? 
_exptl_crystal_grow.seeding         ? 
_exptl_crystal_grow.seeding_ref     ? 
_exptl_crystal_grow.temp            293 
_exptl_crystal_grow.temp_details    ? 
_exptl_crystal_grow.temp_esd        ? 
_exptl_crystal_grow.time            ? 
_exptl_crystal_grow.pdbx_details    '0.2 M zinc acetate, 0.1 M cacodylate buffer, 18% w/v polyethylene glycol 8000' 
_exptl_crystal_grow.pdbx_pH_range   ? 
# 
_diffrn.ambient_environment              ? 
_diffrn.ambient_temp                     100 
_diffrn.ambient_temp_details             ? 
_diffrn.ambient_temp_esd                 ? 
_diffrn.crystal_id                       1 
_diffrn.crystal_support                  ? 
_diffrn.crystal_treatment                ? 
_diffrn.details                          ? 
_diffrn.id                               1 
_diffrn.ambient_pressure                 ? 
_diffrn.ambient_pressure_esd             ? 
_diffrn.ambient_pressure_gt              ? 
_diffrn.ambient_pressure_lt              ? 
_diffrn.ambient_temp_gt                  ? 
_diffrn.ambient_temp_lt                  ? 
_diffrn.pdbx_serial_crystal_experiment   N 
# 
_diffrn_detector.details                      ? 
_diffrn_detector.detector                     PIXEL 
_diffrn_detector.diffrn_id                    1 
_diffrn_detector.type                         'DECTRIS PILATUS 6M' 
_diffrn_detector.area_resol_mean              ? 
_diffrn_detector.dtime                        ? 
_diffrn_detector.pdbx_frames_total            ? 
_diffrn_detector.pdbx_collection_time_total   ? 
_diffrn_detector.pdbx_collection_date         2018-12-01 
_diffrn_detector.pdbx_frequency               ? 
# 
_diffrn_radiation.collimation                      ? 
_diffrn_radiation.diffrn_id                        1 
_diffrn_radiation.filter_edge                      ? 
_diffrn_radiation.inhomogeneity                    ? 
_diffrn_radiation.monochromator                    'Si(111)' 
_diffrn_radiation.polarisn_norm                    ? 
_diffrn_radiation.polarisn_ratio                   ? 
_diffrn_radiation.probe                            ? 
_diffrn_radiation.type                             ? 
_diffrn_radiation.xray_symbol                      ? 
_diffrn_radiation.wavelength_id                    1 
_diffrn_radiation.pdbx_monochromatic_or_laue_m_l   M 
_diffrn_radiation.pdbx_wavelength_list             ? 
_diffrn_radiation.pdbx_wavelength                  ? 
_diffrn_radiation.pdbx_diffrn_protocol             'SINGLE WAVELENGTH' 
_diffrn_radiation.pdbx_analyzer                    ? 
_diffrn_radiation.pdbx_scattering_type             x-ray 
# 
_diffrn_radiation_wavelength.id           1 
_diffrn_radiation_wavelength.wavelength   1.283 
_diffrn_radiation_wavelength.wt           1.0 
# 
_diffrn_source.current                     ? 
_diffrn_source.details                     ? 
_diffrn_source.diffrn_id                   1 
_diffrn_source.power                       ? 
_diffrn_source.size                        ? 
_diffrn_source.source                      SYNCHROTRON 
_diffrn_source.target                      ? 
_diffrn_source.type                        'PETRA III, EMBL c/o DESY BEAMLINE P13 (MX1)' 
_diffrn_source.voltage                     ? 
_diffrn_source.take-off_angle              ? 
_diffrn_source.pdbx_wavelength_list        1.283 
_diffrn_source.pdbx_wavelength             ? 
_diffrn_source.pdbx_synchrotron_beamline   'P13 (MX1)' 
_diffrn_source.pdbx_synchrotron_site       'PETRA III, EMBL c/o DESY' 
# 
_reflns.B_iso_Wilson_estimate            ? 
_reflns.entry_id                         6ZPF 
_reflns.data_reduction_details           ? 
_reflns.data_reduction_method            ? 
_reflns.d_resolution_high                1.44 
_reflns.d_resolution_low                 40 
_reflns.details                          ? 
_reflns.limit_h_max                      ? 
_reflns.limit_h_min                      ? 
_reflns.limit_k_max                      ? 
_reflns.limit_k_min                      ? 
_reflns.limit_l_max                      ? 
_reflns.limit_l_min                      ? 
_reflns.number_all                       ? 
_reflns.number_obs                       12417 
_reflns.observed_criterion               ? 
_reflns.observed_criterion_F_max         ? 
_reflns.observed_criterion_F_min         ? 
_reflns.observed_criterion_I_max         ? 
_reflns.observed_criterion_I_min         ? 
_reflns.observed_criterion_sigma_F       ? 
_reflns.observed_criterion_sigma_I       ? 
_reflns.percent_possible_obs             87.3 
_reflns.R_free_details                   ? 
_reflns.Rmerge_F_all                     ? 
_reflns.Rmerge_F_obs                     ? 
_reflns.Friedel_coverage                 ? 
_reflns.number_gt                        ? 
_reflns.threshold_expression             ? 
_reflns.pdbx_redundancy                  3.5 
_reflns.pdbx_Rmerge_I_obs                0.052 
_reflns.pdbx_Rmerge_I_all                ? 
_reflns.pdbx_Rsym_value                  ? 
_reflns.pdbx_netI_over_av_sigmaI         ? 
_reflns.pdbx_netI_over_sigmaI            11.04 
_reflns.pdbx_res_netI_over_av_sigmaI_2   ? 
_reflns.pdbx_res_netI_over_sigmaI_2      ? 
_reflns.pdbx_chi_squared                 ? 
_reflns.pdbx_scaling_rejects             ? 
_reflns.pdbx_d_res_high_opt              ? 
_reflns.pdbx_d_res_low_opt               ? 
_reflns.pdbx_d_res_opt_method            ? 
_reflns.phase_calculation_details        ? 
_reflns.pdbx_Rrim_I_all                  0.061 
_reflns.pdbx_Rpim_I_all                  ? 
_reflns.pdbx_d_opt                       ? 
_reflns.pdbx_number_measured_all         ? 
_reflns.pdbx_diffrn_id                   1 
_reflns.pdbx_ordinal                     1 
_reflns.pdbx_CC_half                     0.999 
_reflns.pdbx_CC_star                     ? 
_reflns.pdbx_R_split                     ? 
# 
_reflns_shell.d_res_high                  1.44 
_reflns_shell.d_res_low                   1.53 
_reflns_shell.meanI_over_sigI_all         ? 
_reflns_shell.meanI_over_sigI_obs         2.49 
_reflns_shell.number_measured_all         ? 
_reflns_shell.number_measured_obs         ? 
_reflns_shell.number_possible             ? 
_reflns_shell.number_unique_all           ? 
_reflns_shell.number_unique_obs           5931 
_reflns_shell.percent_possible_all        74.2 
_reflns_shell.percent_possible_obs        ? 
_reflns_shell.Rmerge_F_all                ? 
_reflns_shell.Rmerge_F_obs                ? 
_reflns_shell.Rmerge_I_all                ? 
_reflns_shell.Rmerge_I_obs                0.293 
_reflns_shell.meanI_over_sigI_gt          ? 
_reflns_shell.meanI_over_uI_all           ? 
_reflns_shell.meanI_over_uI_gt            ? 
_reflns_shell.number_measured_gt          ? 
_reflns_shell.number_unique_gt            ? 
_reflns_shell.percent_possible_gt         ? 
_reflns_shell.Rmerge_F_gt                 ? 
_reflns_shell.Rmerge_I_gt                 ? 
_reflns_shell.pdbx_redundancy             3.5 
_reflns_shell.pdbx_Rsym_value             ? 
_reflns_shell.pdbx_chi_squared            ? 
_reflns_shell.pdbx_netI_over_sigmaI_all   ? 
_reflns_shell.pdbx_netI_over_sigmaI_obs   ? 
_reflns_shell.pdbx_Rrim_I_all             0.343 
_reflns_shell.pdbx_Rpim_I_all             ? 
_reflns_shell.pdbx_rejects                ? 
_reflns_shell.pdbx_ordinal                1 
_reflns_shell.pdbx_diffrn_id              1 
_reflns_shell.pdbx_CC_half                0.963 
_reflns_shell.pdbx_CC_star                ? 
_reflns_shell.pdbx_R_split                ? 
# 
_refine.aniso_B[1][1]                            -0.832 
_refine.aniso_B[1][2]                            0.206 
_refine.aniso_B[1][3]                            -0.676 
_refine.aniso_B[2][2]                            1.894 
_refine.aniso_B[2][3]                            0.141 
_refine.aniso_B[3][3]                            -0.838 
_refine.B_iso_max                                ? 
_refine.B_iso_mean                               17.245 
_refine.B_iso_min                                ? 
_refine.correlation_coeff_Fo_to_Fc               0.972 
_refine.correlation_coeff_Fo_to_Fc_free          0.958 
_refine.details                                  'Hydrogens have been added in their riding positions' 
_refine.diff_density_max                         ? 
_refine.diff_density_max_esd                     ? 
_refine.diff_density_min                         ? 
_refine.diff_density_min_esd                     ? 
_refine.diff_density_rms                         ? 
_refine.diff_density_rms_esd                     ? 
_refine.entry_id                                 6ZPF 
_refine.pdbx_refine_id                           'X-RAY DIFFRACTION' 
_refine.ls_abs_structure_details                 ? 
_refine.ls_abs_structure_Flack                   ? 
_refine.ls_abs_structure_Flack_esd               ? 
_refine.ls_abs_structure_Rogers                  ? 
_refine.ls_abs_structure_Rogers_esd              ? 
_refine.ls_d_res_high                            1.442 
_refine.ls_d_res_low                             36.776 
_refine.ls_extinction_coef                       ? 
_refine.ls_extinction_coef_esd                   ? 
_refine.ls_extinction_expression                 ? 
_refine.ls_extinction_method                     ? 
_refine.ls_goodness_of_fit_all                   ? 
_refine.ls_goodness_of_fit_all_esd               ? 
_refine.ls_goodness_of_fit_obs                   ? 
_refine.ls_goodness_of_fit_obs_esd               ? 
_refine.ls_hydrogen_treatment                    ? 
_refine.ls_matrix_type                           ? 
_refine.ls_number_constraints                    ? 
_refine.ls_number_parameters                     ? 
_refine.ls_number_reflns_all                     ? 
_refine.ls_number_reflns_obs                     12410 
_refine.ls_number_reflns_R_free                  653 
_refine.ls_number_reflns_R_work                  11757 
_refine.ls_number_restraints                     ? 
_refine.ls_percent_reflns_obs                    87.505 
_refine.ls_percent_reflns_R_free                 5.262 
_refine.ls_R_factor_all                          0.204 
_refine.ls_R_factor_obs                          ? 
_refine.ls_R_factor_R_free                       0.2497 
_refine.ls_R_factor_R_free_error                 ? 
_refine.ls_R_factor_R_free_error_details         ? 
_refine.ls_R_factor_R_work                       0.2011 
_refine.ls_R_Fsqd_factor_obs                     ? 
_refine.ls_R_I_factor_obs                        ? 
_refine.ls_redundancy_reflns_all                 ? 
_refine.ls_redundancy_reflns_obs                 ? 
_refine.ls_restrained_S_all                      ? 
_refine.ls_restrained_S_obs                      ? 
_refine.ls_shift_over_esd_max                    ? 
_refine.ls_shift_over_esd_mean                   ? 
_refine.ls_structure_factor_coef                 ? 
_refine.ls_weighting_details                     ? 
_refine.ls_weighting_scheme                      ? 
_refine.ls_wR_factor_all                         ? 
_refine.ls_wR_factor_obs                         ? 
_refine.ls_wR_factor_R_free                      ? 
_refine.ls_wR_factor_R_work                      ? 
_refine.occupancy_max                            ? 
_refine.occupancy_min                            ? 
_refine.solvent_model_details                    'MASK BULK SOLVENT' 
_refine.solvent_model_param_bsol                 ? 
_refine.solvent_model_param_ksol                 ? 
_refine.pdbx_R_complete                          ? 
_refine.ls_R_factor_gt                           ? 
_refine.ls_goodness_of_fit_gt                    ? 
_refine.ls_goodness_of_fit_ref                   ? 
_refine.ls_shift_over_su_max                     ? 
_refine.ls_shift_over_su_max_lt                  ? 
_refine.ls_shift_over_su_mean                    ? 
_refine.ls_shift_over_su_mean_lt                 ? 
_refine.pdbx_ls_sigma_I                          ? 
_refine.pdbx_ls_sigma_F                          ? 
_refine.pdbx_ls_sigma_Fsqd                       ? 
_refine.pdbx_data_cutoff_high_absF               ? 
_refine.pdbx_data_cutoff_high_rms_absF           ? 
_refine.pdbx_data_cutoff_low_absF                ? 
_refine.pdbx_isotropic_thermal_model             ? 
_refine.pdbx_ls_cross_valid_method               'FREE R-VALUE' 
_refine.pdbx_method_to_determine_struct          'MOLECULAR REPLACEMENT' 
_refine.pdbx_starting_model                      6ZQ9 
_refine.pdbx_stereochemistry_target_values       ? 
_refine.pdbx_R_Free_selection_details            ? 
_refine.pdbx_stereochem_target_val_spec_case     ? 
_refine.pdbx_overall_ESU_R                       0.101 
_refine.pdbx_overall_ESU_R_Free                  0.105 
_refine.pdbx_solvent_vdw_probe_radii             1.200 
_refine.pdbx_solvent_ion_probe_radii             0.800 
_refine.pdbx_solvent_shrinkage_radii             0.800 
_refine.pdbx_real_space_R                        ? 
_refine.pdbx_density_correlation                 ? 
_refine.pdbx_pd_number_of_powder_patterns        ? 
_refine.pdbx_pd_number_of_points                 ? 
_refine.pdbx_pd_meas_number_of_points            ? 
_refine.pdbx_pd_proc_ls_prof_R_factor            ? 
_refine.pdbx_pd_proc_ls_prof_wR_factor           ? 
_refine.pdbx_pd_Marquardt_correlation_coeff      ? 
_refine.pdbx_pd_Fsqrd_R_factor                   ? 
_refine.pdbx_pd_ls_matrix_band_width             ? 
_refine.pdbx_overall_phase_error                 ? 
_refine.pdbx_overall_SU_R_free_Cruickshank_DPI   ? 
_refine.pdbx_overall_SU_R_free_Blow_DPI          ? 
_refine.pdbx_overall_SU_R_Blow_DPI               ? 
_refine.pdbx_TLS_residual_ADP_flag               ? 
_refine.pdbx_diffrn_id                           1 
_refine.overall_SU_B                             1.940 
_refine.overall_SU_ML                            0.073 
_refine.overall_SU_R_Cruickshank_DPI             ? 
_refine.overall_SU_R_free                        ? 
_refine.overall_FOM_free_R_set                   ? 
_refine.overall_FOM_work_R_set                   ? 
_refine.pdbx_average_fsc_overall                 ? 
_refine.pdbx_average_fsc_work                    ? 
_refine.pdbx_average_fsc_free                    ? 
# 
_refine_hist.pdbx_refine_id                   'X-RAY DIFFRACTION' 
_refine_hist.cycle_id                         LAST 
_refine_hist.pdbx_number_atoms_protein        0 
_refine_hist.pdbx_number_atoms_nucleic_acid   676 
_refine_hist.pdbx_number_atoms_ligand         7 
_refine_hist.number_atoms_solvent             197 
_refine_hist.number_atoms_total               880 
_refine_hist.d_res_high                       1.442 
_refine_hist.d_res_low                        36.776 
# 
loop_
_refine_ls_restr.pdbx_refine_id 
_refine_ls_restr.criterion 
_refine_ls_restr.dev_ideal 
_refine_ls_restr.dev_ideal_target 
_refine_ls_restr.number 
_refine_ls_restr.rejects 
_refine_ls_restr.type 
_refine_ls_restr.weight 
_refine_ls_restr.pdbx_restraint_function 
'X-RAY DIFFRACTION' ? 0.010 0.011  752  ? r_bond_refined_d               ? ? 
'X-RAY DIFFRACTION' ? 0.003 0.019  292  ? r_bond_other_d                 ? ? 
'X-RAY DIFFRACTION' ? 1.673 1.452  1168 ? r_angle_refined_deg            ? ? 
'X-RAY DIFFRACTION' ? 1.206 2.383  726  ? r_angle_other_deg              ? ? 
'X-RAY DIFFRACTION' ? 0.061 0.200  128  ? r_chiral_restr                 ? ? 
'X-RAY DIFFRACTION' ? 0.023 0.020  412  ? r_gen_planes_refined           ? ? 
'X-RAY DIFFRACTION' ? 0.003 0.020  124  ? r_gen_planes_other             ? ? 
'X-RAY DIFFRACTION' ? 0.216 0.200  101  ? r_nbd_refined                  ? ? 
'X-RAY DIFFRACTION' ? 0.267 0.200  394  ? r_symmetry_nbd_other           ? ? 
'X-RAY DIFFRACTION' ? 0.247 0.200  272  ? r_nbtor_refined                ? ? 
'X-RAY DIFFRACTION' ? 0.059 0.200  152  ? r_symmetry_nbtor_other         ? ? 
'X-RAY DIFFRACTION' ? 0.262 0.200  172  ? r_xyhbond_nbd_refined          ? ? 
'X-RAY DIFFRACTION' ? 0.250 0.200  2    ? r_symmetry_xyhbond_nbd_other   ? ? 
'X-RAY DIFFRACTION' ? 0.234 0.200  13   ? r_metal_ion_refined            ? ? 
'X-RAY DIFFRACTION' ? 0.146 0.200  12   ? r_symmetry_nbd_refined         ? ? 
'X-RAY DIFFRACTION' ? 0.170 0.200  46   ? r_nbd_other                    ? ? 
'X-RAY DIFFRACTION' ? 0.196 0.200  28   ? r_symmetry_xyhbond_nbd_refined ? ? 
'X-RAY DIFFRACTION' ? 1.325 1.644  752  ? r_scbond_it                    ? ? 
'X-RAY DIFFRACTION' ? 1.325 1.644  750  ? r_scbond_other                 ? ? 
'X-RAY DIFFRACTION' ? 1.693 2.476  1168 ? r_scangle_it                   ? ? 
'X-RAY DIFFRACTION' ? 1.693 2.476  1169 ? r_scangle_other                ? ? 
'X-RAY DIFFRACTION' ? 4.961 18.570 1151 ? r_lrange_it                    ? ? 
'X-RAY DIFFRACTION' ? 4.160 17.182 1065 ? r_lrange_other                 ? ? 
# 
loop_
_refine_ls_shell.pdbx_refine_id 
_refine_ls_shell.d_res_high 
_refine_ls_shell.d_res_low 
_refine_ls_shell.number_reflns_all 
_refine_ls_shell.number_reflns_obs 
_refine_ls_shell.number_reflns_R_free 
_refine_ls_shell.number_reflns_R_work 
_refine_ls_shell.percent_reflns_obs 
_refine_ls_shell.percent_reflns_R_free 
_refine_ls_shell.R_factor_all 
_refine_ls_shell.R_factor_obs 
_refine_ls_shell.R_factor_R_free 
_refine_ls_shell.R_factor_R_free_error 
_refine_ls_shell.R_factor_R_work 
_refine_ls_shell.redundancy_reflns_all 
_refine_ls_shell.redundancy_reflns_obs 
_refine_ls_shell.wR_factor_all 
_refine_ls_shell.wR_factor_obs 
_refine_ls_shell.wR_factor_R_free 
_refine_ls_shell.wR_factor_R_work 
_refine_ls_shell.pdbx_R_complete 
_refine_ls_shell.pdbx_total_number_of_bins_used 
_refine_ls_shell.pdbx_phase_error 
_refine_ls_shell.pdbx_fsc_work 
_refine_ls_shell.pdbx_fsc_free 
'X-RAY DIFFRACTION' 1.442 1.479  1062 . 43 594 59.9812 . 0.297 . 0.269 . 0.299 . . . . . 0.268 . 20 . 0.784 0.802 
'X-RAY DIFFRACTION' 1.479 1.520  993  . 60 819 88.5196 . 0.275 . 0.374 . 0.268 . . . . . 0.240 . 20 . 0.835 0.768 
'X-RAY DIFFRACTION' 1.520 1.564  1017 . 51 831 86.7257 . 0.252 . 0.314 . 0.248 . . . . . 0.226 . 20 . 0.857 0.848 
'X-RAY DIFFRACTION' 1.564 1.612  964  . 42 800 87.3444 . 0.260 . 0.278 . 0.260 . . . . . 0.238 . 20 . 0.875 0.859 
'X-RAY DIFFRACTION' 1.612 1.665  917  . 39 757 86.8048 . 0.234 . 0.257 . 0.232 . . . . . 0.210 . 20 . 0.894 0.904 
'X-RAY DIFFRACTION' 1.665 1.723  920  . 38 799 90.9783 . 0.214 . 0.257 . 0.212 . . . . . 0.194 . 20 . 0.922 0.926 
'X-RAY DIFFRACTION' 1.723 1.788  855  . 40 709 87.6023 . 0.205 . 0.241 . 0.203 . . . . . 0.187 . 20 . 0.924 0.903 
'X-RAY DIFFRACTION' 1.788 1.861  852  . 25 739 89.6714 . 0.223 . 0.274 . 0.221 . . . . . 0.203 . 20 . 0.908 0.900 
'X-RAY DIFFRACTION' 1.861 1.943  809  . 39 685 89.4932 . 0.232 . 0.262 . 0.230 . . . . . 0.219 . 20 . 0.901 0.904 
'X-RAY DIFFRACTION' 1.943 2.038  776  . 38 664 90.4639 . 0.228 . 0.311 . 0.223 . . . . . 0.219 . 20 . 0.909 0.860 
'X-RAY DIFFRACTION' 2.038 2.147  727  . 25 642 91.7469 . 0.213 . 0.310 . 0.209 . . . . . 0.217 . 20 . 0.935 0.893 
'X-RAY DIFFRACTION' 2.147 2.277  679  . 28 579 89.3962 . 0.212 . 0.299 . 0.208 . . . . . 0.218 . 20 . 0.933 0.915 
'X-RAY DIFFRACTION' 2.277 2.434  655  . 31 556 89.6183 . 0.205 . 0.224 . 0.204 . . . . . 0.221 . 20 . 0.934 0.931 
'X-RAY DIFFRACTION' 2.434 2.628  622  . 24 559 93.7299 . 0.205 . 0.351 . 0.199 . . . . . 0.226 . 20 . 0.937 0.924 
'X-RAY DIFFRACTION' 2.628 2.877  555  . 36 472 91.5315 . 0.214 . 0.248 . 0.211 . . . . . 0.247 . 20 . 0.939 0.925 
'X-RAY DIFFRACTION' 2.877 3.214  495  . 29 414 89.4949 . 0.201 . 0.303 . 0.194 . . . . . 0.242 . 20 . 0.952 0.893 
'X-RAY DIFFRACTION' 3.214 3.707  446  . 16 403 93.9462 . 0.167 . 0.144 . 0.168 . . . . . 0.232 . 20 . 0.969 0.979 
'X-RAY DIFFRACTION' 3.707 4.529  374  . 21 331 94.1176 . 0.145 . 0.170 . 0.143 . . . . . 0.226 . 20 . 0.966 0.970 
'X-RAY DIFFRACTION' 4.529 6.356  297  . 18 249 89.8990 . 0.152 . 0.220 . 0.146 . . . . . 0.229 . 20 . 0.963 0.945 
'X-RAY DIFFRACTION' 6.356 36.776 166  . 10 154 98.7952 . 0.194 . 0.187 . 0.195 . . . . . 0.292 . 20 . 0.949 0.964 
# 
_struct.entry_id                     6ZPF 
_struct.title                        'Racemic compound of RNA duplexes.' 
_struct.pdbx_model_details           ? 
_struct.pdbx_formula_weight          ? 
_struct.pdbx_formula_weight_method   ? 
_struct.pdbx_model_type_details      ? 
_struct.pdbx_CASP_flag               N 
# 
_struct_keywords.entry_id        6ZPF 
_struct_keywords.text            'racemic compound, RNA' 
_struct_keywords.pdbx_keywords   RNA 
# 
loop_
_struct_asym.id 
_struct_asym.pdbx_blank_PDB_chainid_flag 
_struct_asym.pdbx_modified 
_struct_asym.entity_id 
_struct_asym.details 
A N N 1 ? 
B N N 2 ? 
C N N 3 ? 
D N N 4 ? 
E N N 5 ? 
F N N 5 ? 
G N N 5 ? 
H N N 5 ? 
I N N 5 ? 
J N N 5 ? 
K N N 5 ? 
L N N 6 ? 
M N N 6 ? 
N N N 6 ? 
O N N 6 ? 
# 
loop_
_struct_ref.id 
_struct_ref.db_name 
_struct_ref.db_code 
_struct_ref.pdbx_db_accession 
_struct_ref.pdbx_db_isoform 
_struct_ref.entity_id 
_struct_ref.pdbx_seq_one_letter_code 
_struct_ref.pdbx_align_begin 
1 PDB 6ZPF 6ZPF ? 1 ? 1 
2 PDB 6ZPF 6ZPF ? 2 ? 1 
3 PDB 6ZPF 6ZPF ? 3 ? 1 
4 PDB 6ZPF 6ZPF ? 4 ? 1 
# 
loop_
_struct_ref_seq.align_id 
_struct_ref_seq.ref_id 
_struct_ref_seq.pdbx_PDB_id_code 
_struct_ref_seq.pdbx_strand_id 
_struct_ref_seq.seq_align_beg 
_struct_ref_seq.pdbx_seq_align_beg_ins_code 
_struct_ref_seq.seq_align_end 
_struct_ref_seq.pdbx_seq_align_end_ins_code 
_struct_ref_seq.pdbx_db_accession 
_struct_ref_seq.db_align_beg 
_struct_ref_seq.pdbx_db_align_beg_ins_code 
_struct_ref_seq.db_align_end 
_struct_ref_seq.pdbx_db_align_end_ins_code 
_struct_ref_seq.pdbx_auth_seq_align_beg 
_struct_ref_seq.pdbx_auth_seq_align_end 
1 1 6ZPF K 1 ? 8 ? 6ZPF 79 ? 86 ? 79 86 
2 2 6ZPF L 1 ? 8 ? 6ZPF 90 ? 97 ? 90 97 
3 3 6ZPF M 1 ? 8 ? 6ZPF 79 ? 86 ? 79 86 
4 4 6ZPF N 1 ? 8 ? 6ZPF 90 ? 97 ? 90 97 
# 
loop_
_pdbx_struct_assembly.id 
_pdbx_struct_assembly.details 
_pdbx_struct_assembly.method_details 
_pdbx_struct_assembly.oligomeric_details 
_pdbx_struct_assembly.oligomeric_count 
1 author_defined_assembly ? dimeric 2 
2 author_defined_assembly ? dimeric 2 
# 
loop_
_pdbx_struct_assembly_gen.assembly_id 
_pdbx_struct_assembly_gen.oper_expression 
_pdbx_struct_assembly_gen.asym_id_list 
1 1 A,B,E,F,G,H,L,M 
2 1 C,D,I,J,K,N,O   
# 
_pdbx_struct_oper_list.id                   1 
_pdbx_struct_oper_list.type                 'identity operation' 
_pdbx_struct_oper_list.name                 1_555 
_pdbx_struct_oper_list.symmetry_operation   x,y,z 
_pdbx_struct_oper_list.matrix[1][1]         1.0000000000 
_pdbx_struct_oper_list.matrix[1][2]         0.0000000000 
_pdbx_struct_oper_list.matrix[1][3]         0.0000000000 
_pdbx_struct_oper_list.vector[1]            0.0000000000 
_pdbx_struct_oper_list.matrix[2][1]         0.0000000000 
_pdbx_struct_oper_list.matrix[2][2]         1.0000000000 
_pdbx_struct_oper_list.matrix[2][3]         0.0000000000 
_pdbx_struct_oper_list.vector[2]            0.0000000000 
_pdbx_struct_oper_list.matrix[3][1]         0.0000000000 
_pdbx_struct_oper_list.matrix[3][2]         0.0000000000 
_pdbx_struct_oper_list.matrix[3][3]         1.0000000000 
_pdbx_struct_oper_list.vector[3]            0.0000000000 
# 
loop_
_struct_conn.id 
_struct_conn.conn_type_id 
_struct_conn.pdbx_leaving_atom_flag 
_struct_conn.pdbx_PDB_id 
_struct_conn.ptnr1_label_asym_id 
_struct_conn.ptnr1_label_comp_id 
_struct_conn.ptnr1_label_seq_id 
_struct_conn.ptnr1_label_atom_id 
_struct_conn.pdbx_ptnr1_label_alt_id 
_struct_conn.pdbx_ptnr1_PDB_ins_code 
_struct_conn.pdbx_ptnr1_standard_comp_id 
_struct_conn.ptnr1_symmetry 
_struct_conn.ptnr2_label_asym_id 
_struct_conn.ptnr2_label_comp_id 
_struct_conn.ptnr2_label_seq_id 
_struct_conn.ptnr2_label_atom_id 
_struct_conn.pdbx_ptnr2_label_alt_id 
_struct_conn.pdbx_ptnr2_PDB_ins_code 
_struct_conn.ptnr1_auth_asym_id 
_struct_conn.ptnr1_auth_comp_id 
_struct_conn.ptnr1_auth_seq_id 
_struct_conn.ptnr2_auth_asym_id 
_struct_conn.ptnr2_auth_comp_id 
_struct_conn.ptnr2_auth_seq_id 
_struct_conn.ptnr2_symmetry 
_struct_conn.pdbx_ptnr3_label_atom_id 
_struct_conn.pdbx_ptnr3_label_seq_id 
_struct_conn.pdbx_ptnr3_label_comp_id 
_struct_conn.pdbx_ptnr3_label_asym_id 
_struct_conn.pdbx_ptnr3_label_alt_id 
_struct_conn.pdbx_ptnr3_PDB_ins_code 
_struct_conn.details 
_struct_conn.pdbx_dist_value 
_struct_conn.pdbx_value_order 
_struct_conn.pdbx_role 
covale1  covale both ? C 0C  1 "O3'" ? ? ? 1_555 C 0U  2 P  ? ? M 0C  79  M 0U  80  1_555 ? ? ? ? ? ? ?            1.610 ? ? 
covale2  covale both ? C 0U  2 "O3'" ? ? ? 1_555 C 0G  3 P  ? ? M 0U  80  M 0G  81  1_555 ? ? ? ? ? ? ?            1.597 ? ? 
covale3  covale both ? C 0G  3 "O3'" ? ? ? 1_555 C 0G  4 P  ? ? M 0G  81  M 0G  82  1_555 ? ? ? ? ? ? ?            1.566 ? ? 
covale4  covale both ? C 0G  4 "O3'" ? ? ? 1_555 C 0G  5 P  ? ? M 0G  82  M 0G  83  1_555 ? ? ? ? ? ? ?            1.569 ? ? 
covale5  covale both ? C 0G  5 "O3'" ? ? ? 1_555 C 0C  6 P  ? ? M 0G  83  M 0C  84  1_555 ? ? ? ? ? ? ?            1.553 ? ? 
covale6  covale both ? C 0C  6 "O3'" ? ? ? 1_555 C 0G  7 P  ? ? M 0C  84  M 0G  85  1_555 ? ? ? ? ? ? ?            1.578 ? ? 
covale7  covale both ? C 0G  7 "O3'" ? ? ? 1_555 C 0G  8 P  ? ? M 0G  85  M 0G  86  1_555 ? ? ? ? ? ? ?            1.572 ? ? 
covale8  covale both ? D 0C  1 "O3'" ? ? ? 1_555 D 0C  2 P  ? ? N 0C  90  N 0C  91  1_555 ? ? ? ? ? ? ?            1.626 ? ? 
covale9  covale both ? D 0C  2 "O3'" ? ? ? 1_555 D 0G  3 P  ? ? N 0C  91  N 0G  92  1_555 ? ? ? ? ? ? ?            1.600 ? ? 
covale10 covale both ? D 0G  3 "O3'" ? ? ? 1_555 D 0C  4 P  ? ? N 0G  92  N 0C  93  1_555 ? ? ? ? ? ? ?            1.578 ? ? 
covale11 covale both ? D 0C  4 "O3'" ? ? ? 1_555 D 0C  5 P  ? ? N 0C  93  N 0C  94  1_555 ? ? ? ? ? ? ?            1.589 ? ? 
covale12 covale both ? D 0C  5 "O3'" ? ? ? 1_555 D 0U  6 P  ? ? N 0C  94  N 0U  95  1_555 ? ? ? ? ? ? ?            1.579 ? ? 
covale13 covale both ? D 0U  6 "O3'" ? ? ? 1_555 D 0G  7 P  ? ? N 0U  95  N 0G  96  1_555 ? ? ? ? ? ? ?            1.584 ? ? 
covale14 covale both ? D 0G  7 "O3'" ? ? ? 1_555 D 0G  8 P  ? ? N 0G  96  N 0G  97  1_555 ? ? ? ? ? ? ?            1.581 ? ? 
metalc1  metalc ?    ? A G   4 N7    ? ? ? 1_555 E ZN  . ZN ? ? K G   82  K ZN  101 1_555 ? ? ? ? ? ? ?            2.153 ? ? 
metalc2  metalc ?    ? E ZN  . ZN    ? ? ? 1_555 L HOH . O  ? ? K ZN  101 K HOH 202 1_555 ? ? ? ? ? ? ?            2.233 ? ? 
metalc3  metalc ?    ? E ZN  . ZN    ? ? ? 1_555 L HOH . O  ? ? K ZN  101 K HOH 205 1_555 ? ? ? ? ? ? ?            2.209 ? ? 
metalc4  metalc ?    ? E ZN  . ZN    ? ? ? 1_555 L HOH . O  ? ? K ZN  101 K HOH 223 1_555 ? ? ? ? ? ? ?            2.089 ? ? 
metalc5  metalc ?    ? E ZN  . ZN    ? ? ? 1_555 L HOH . O  ? ? K ZN  101 K HOH 224 1_555 ? ? ? ? ? ? ?            2.061 ? ? 
metalc6  metalc ?    ? E ZN  . ZN    ? ? ? 1_555 L HOH . O  ? ? K ZN  101 K HOH 246 1_555 ? ? ? ? ? ? ?            2.058 ? ? 
metalc7  metalc ?    ? F ZN  . ZN    ? ? ? 1_555 L HOH . O  ? ? K ZN  102 K HOH 201 1_555 ? ? ? ? ? ? ?            1.924 ? ? 
metalc8  metalc ?    ? F ZN  . ZN    ? ? ? 1_555 L HOH . O  ? ? K ZN  102 K HOH 221 1_555 ? ? ? ? ? ? ?            2.013 ? ? 
metalc9  metalc ?    ? F ZN  . ZN    ? ? ? 1_555 L HOH . O  ? ? K ZN  102 K HOH 228 1_555 ? ? ? ? ? ? ?            2.036 ? ? 
metalc10 metalc ?    ? F ZN  . ZN    ? ? ? 1_555 L HOH . O  ? ? K ZN  102 K HOH 250 1_555 ? ? ? ? ? ? ?            2.029 ? ? 
metalc11 metalc ?    ? F ZN  . ZN    ? ? ? 1_555 N HOH . O  ? ? K ZN  102 M HOH 245 1_555 ? ? ? ? ? ? ?            2.028 ? ? 
metalc12 metalc ?    ? L HOH . O     ? ? ? 1_654 J ZN  . ZN ? ? K HOH 206 M ZN  102 1_555 ? ? ? ? ? ? ?            2.321 ? ? 
metalc13 metalc ?    ? L HOH . O     ? ? ? 1_654 J ZN  . ZN ? ? K HOH 247 M ZN  102 1_555 ? ? ? ? ? ? ?            1.791 ? ? 
metalc14 metalc ?    ? G ZN  . ZN    ? ? ? 1_555 M HOH . O  ? ? L ZN  101 L HOH 214 1_555 ? ? ? ? ? ? ?            1.971 ? ? 
metalc15 metalc ?    ? G ZN  . ZN    ? ? ? 1_555 M HOH . O  ? ? L ZN  101 L HOH 215 1_555 ? ? ? ? ? ? ?            1.705 ? ? 
metalc16 metalc ?    ? G ZN  . ZN    ? ? ? 1_555 M HOH . O  ? ? L ZN  101 L HOH 216 1_555 ? ? ? ? ? ? ?            2.260 ? ? 
metalc17 metalc ?    ? G ZN  . ZN    ? ? ? 1_555 M HOH . O  ? ? L ZN  101 L HOH 251 1_555 ? ? ? ? ? ? ?            1.991 ? ? 
metalc18 metalc ?    ? G ZN  . ZN    ? ? ? 1_555 O HOH . O  ? ? L ZN  101 N HOH 239 1_456 ? ? ? ? ? ? ?            2.095 ? ? 
metalc19 metalc ?    ? H ZN  . ZN    ? ? ? 1_555 M HOH . O  ? ? L ZN  102 L HOH 225 1_555 ? ? ? ? ? ? ?            2.125 ? ? 
metalc20 metalc ?    ? H ZN  . ZN    ? ? ? 1_555 M HOH . O  ? ? L ZN  102 L HOH 244 1_555 ? ? ? ? ? ? ?            2.133 ? ? 
metalc21 metalc ?    ? H ZN  . ZN    ? ? ? 1_555 N HOH . O  ? ? L ZN  102 M HOH 238 1_566 ? ? ? ? ? ? ?            2.653 ? ? 
metalc22 metalc ?    ? H ZN  . ZN    ? ? ? 1_555 O HOH . O  ? ? L ZN  102 N HOH 241 1_566 ? ? ? ? ? ? ?            2.263 ? ? 
metalc23 metalc ?    ? M HOH . O     ? ? ? 1_555 K ZN  . ZN ? ? L HOH 245 N ZN  101 1_555 ? ? ? ? ? ? ?            1.993 ? ? 
metalc24 metalc ?    ? M HOH . O     ? ? ? 1_555 K ZN  . ZN ? ? L HOH 247 N ZN  101 1_555 ? ? ? ? ? ? ?            2.027 ? ? 
metalc25 metalc ?    ? C 0G  4 N7    ? ? ? 1_555 I ZN  . ZN ? ? M 0G  82  M ZN  101 1_555 ? ? ? ? ? ? ?            2.129 ? ? 
metalc26 metalc ?    ? I ZN  . ZN    ? ? ? 1_555 N HOH . O  ? ? M ZN  101 M HOH 217 1_555 ? ? ? ? ? ? ?            2.030 ? ? 
metalc27 metalc ?    ? I ZN  . ZN    ? ? ? 1_555 N HOH . O  ? ? M ZN  101 M HOH 222 1_555 ? ? ? ? ? ? ?            2.115 ? ? 
metalc28 metalc ?    ? I ZN  . ZN    ? ? ? 1_555 N HOH . O  ? ? M ZN  101 M HOH 223 1_555 ? ? ? ? ? ? ?            2.068 ? ? 
metalc29 metalc ?    ? I ZN  . ZN    ? ? ? 1_555 N HOH . O  ? ? M ZN  101 M HOH 226 1_555 ? ? ? ? ? ? ?            2.042 ? ? 
metalc30 metalc ?    ? I ZN  . ZN    ? ? ? 1_555 N HOH . O  ? ? M ZN  101 M HOH 246 1_555 ? ? ? ? ? ? ?            2.064 ? ? 
metalc31 metalc ?    ? J ZN  . ZN    ? ? ? 1_555 N HOH . O  ? ? M ZN  102 M HOH 203 1_555 ? ? ? ? ? ? ?            2.337 ? ? 
metalc32 metalc ?    ? J ZN  . ZN    ? ? ? 1_555 N HOH . O  ? ? M ZN  102 M HOH 213 1_555 ? ? ? ? ? ? ?            1.960 ? ? 
metalc33 metalc ?    ? J ZN  . ZN    ? ? ? 1_555 N HOH . O  ? ? M ZN  102 M HOH 233 1_555 ? ? ? ? ? ? ?            1.985 ? ? 
metalc34 metalc ?    ? K ZN  . ZN    ? ? ? 1_555 O HOH . O  ? ? N ZN  101 N HOH 216 1_555 ? ? ? ? ? ? ?            2.126 ? ? 
metalc35 metalc ?    ? K ZN  . ZN    ? ? ? 1_555 O HOH . O  ? ? N ZN  101 N HOH 235 1_555 ? ? ? ? ? ? ?            1.997 ? ? 
metalc36 metalc ?    ? K ZN  . ZN    ? ? ? 1_555 O HOH . O  ? ? N ZN  101 N HOH 236 1_555 ? ? ? ? ? ? ?            2.273 ? ? 
metalc37 metalc ?    ? K ZN  . ZN    ? ? ? 1_555 O HOH . O  ? ? N ZN  101 N HOH 242 1_555 ? ? ? ? ? ? ?            2.008 ? ? 
hydrog1  hydrog ?    ? A C   1 N3    ? ? ? 1_555 B G   8 N1 ? ? K C   79  L G   97  1_555 ? ? ? ? ? ? WATSON-CRICK ?     ? ? 
hydrog2  hydrog ?    ? A C   1 N4    ? ? ? 1_555 B G   8 O6 ? ? K C   79  L G   97  1_555 ? ? ? ? ? ? WATSON-CRICK ?     ? ? 
hydrog3  hydrog ?    ? A C   1 O2    ? ? ? 1_555 B G   8 N2 ? ? K C   79  L G   97  1_555 ? ? ? ? ? ? WATSON-CRICK ?     ? ? 
hydrog4  hydrog ?    ? A U   2 N3    ? ? ? 1_555 B G   7 O6 ? ? K U   80  L G   96  1_555 ? ? ? ? ? ? TYPE_28_PAIR ?     ? ? 
hydrog5  hydrog ?    ? A U   2 O2    ? ? ? 1_555 B G   7 N1 ? ? K U   80  L G   96  1_555 ? ? ? ? ? ? TYPE_28_PAIR ?     ? ? 
hydrog6  hydrog ?    ? A G   3 N1    ? ? ? 1_555 B U   6 O2 ? ? K G   81  L U   95  1_555 ? ? ? ? ? ? TYPE_28_PAIR ?     ? ? 
hydrog7  hydrog ?    ? A G   3 O6    ? ? ? 1_555 B U   6 N3 ? ? K G   81  L U   95  1_555 ? ? ? ? ? ? TYPE_28_PAIR ?     ? ? 
hydrog8  hydrog ?    ? A G   4 N1    ? ? ? 1_555 B C   5 N3 ? ? K G   82  L C   94  1_555 ? ? ? ? ? ? WATSON-CRICK ?     ? ? 
hydrog9  hydrog ?    ? A G   4 N2    ? ? ? 1_555 B C   5 O2 ? ? K G   82  L C   94  1_555 ? ? ? ? ? ? WATSON-CRICK ?     ? ? 
hydrog10 hydrog ?    ? A G   4 O6    ? ? ? 1_555 B C   5 N4 ? ? K G   82  L C   94  1_555 ? ? ? ? ? ? WATSON-CRICK ?     ? ? 
hydrog11 hydrog ?    ? A G   5 N1    ? ? ? 1_555 B C   4 N3 ? ? K G   83  L C   93  1_555 ? ? ? ? ? ? WATSON-CRICK ?     ? ? 
hydrog12 hydrog ?    ? A G   5 N2    ? ? ? 1_555 B C   4 O2 ? ? K G   83  L C   93  1_555 ? ? ? ? ? ? WATSON-CRICK ?     ? ? 
hydrog13 hydrog ?    ? A G   5 O6    ? ? ? 1_555 B C   4 N4 ? ? K G   83  L C   93  1_555 ? ? ? ? ? ? WATSON-CRICK ?     ? ? 
hydrog14 hydrog ?    ? A C   6 N3    ? ? ? 1_555 B G   3 N1 ? ? K C   84  L G   92  1_555 ? ? ? ? ? ? WATSON-CRICK ?     ? ? 
hydrog15 hydrog ?    ? A C   6 N4    ? ? ? 1_555 B G   3 O6 ? ? K C   84  L G   92  1_555 ? ? ? ? ? ? WATSON-CRICK ?     ? ? 
hydrog16 hydrog ?    ? A C   6 O2    ? ? ? 1_555 B G   3 N2 ? ? K C   84  L G   92  1_555 ? ? ? ? ? ? WATSON-CRICK ?     ? ? 
hydrog17 hydrog ?    ? A G   7 N1    ? ? ? 1_555 B C   2 N3 ? ? K G   85  L C   91  1_555 ? ? ? ? ? ? WATSON-CRICK ?     ? ? 
hydrog18 hydrog ?    ? A G   7 N2    ? ? ? 1_555 B C   2 O2 ? ? K G   85  L C   91  1_555 ? ? ? ? ? ? WATSON-CRICK ?     ? ? 
hydrog19 hydrog ?    ? A G   7 O6    ? ? ? 1_555 B C   2 N4 ? ? K G   85  L C   91  1_555 ? ? ? ? ? ? WATSON-CRICK ?     ? ? 
hydrog20 hydrog ?    ? A G   8 N1    ? ? ? 1_555 B C   1 N3 ? ? K G   86  L C   90  1_555 ? ? ? ? ? ? WATSON-CRICK ?     ? ? 
hydrog21 hydrog ?    ? A G   8 N2    ? ? ? 1_555 B C   1 O2 ? ? K G   86  L C   90  1_555 ? ? ? ? ? ? WATSON-CRICK ?     ? ? 
hydrog22 hydrog ?    ? A G   8 O6    ? ? ? 1_555 B C   1 N4 ? ? K G   86  L C   90  1_555 ? ? ? ? ? ? WATSON-CRICK ?     ? ? 
hydrog23 hydrog ?    ? C 0C  1 N3    ? ? ? 1_555 D 0G  8 N1 ? ? M 0C  79  N 0G  97  1_555 ? ? ? ? ? ? WATSON-CRICK ?     ? ? 
hydrog24 hydrog ?    ? C 0C  1 N4    ? ? ? 1_555 D 0G  8 O6 ? ? M 0C  79  N 0G  97  1_555 ? ? ? ? ? ? WATSON-CRICK ?     ? ? 
hydrog25 hydrog ?    ? C 0C  1 O2    ? ? ? 1_555 D 0G  8 N2 ? ? M 0C  79  N 0G  97  1_555 ? ? ? ? ? ? WATSON-CRICK ?     ? ? 
hydrog26 hydrog ?    ? C 0U  2 N3    ? ? ? 1_555 D 0G  7 O6 ? ? M 0U  80  N 0G  96  1_555 ? ? ? ? ? ? TYPE_28_PAIR ?     ? ? 
hydrog27 hydrog ?    ? C 0U  2 O2    ? ? ? 1_555 D 0G  7 N1 ? ? M 0U  80  N 0G  96  1_555 ? ? ? ? ? ? TYPE_28_PAIR ?     ? ? 
hydrog28 hydrog ?    ? C 0G  3 N1    ? ? ? 1_555 D 0U  6 O2 ? ? M 0G  81  N 0U  95  1_555 ? ? ? ? ? ? TYPE_28_PAIR ?     ? ? 
hydrog29 hydrog ?    ? C 0G  3 O6    ? ? ? 1_555 D 0U  6 N3 ? ? M 0G  81  N 0U  95  1_555 ? ? ? ? ? ? TYPE_28_PAIR ?     ? ? 
hydrog30 hydrog ?    ? C 0G  4 N1    ? ? ? 1_555 D 0C  5 N3 ? ? M 0G  82  N 0C  94  1_555 ? ? ? ? ? ? WATSON-CRICK ?     ? ? 
hydrog31 hydrog ?    ? C 0G  4 N2    ? ? ? 1_555 D 0C  5 O2 ? ? M 0G  82  N 0C  94  1_555 ? ? ? ? ? ? WATSON-CRICK ?     ? ? 
hydrog32 hydrog ?    ? C 0G  4 O6    ? ? ? 1_555 D 0C  5 N4 ? ? M 0G  82  N 0C  94  1_555 ? ? ? ? ? ? WATSON-CRICK ?     ? ? 
hydrog33 hydrog ?    ? C 0G  5 N1    ? ? ? 1_555 D 0C  4 N3 ? ? M 0G  83  N 0C  93  1_555 ? ? ? ? ? ? WATSON-CRICK ?     ? ? 
hydrog34 hydrog ?    ? C 0G  5 N2    ? ? ? 1_555 D 0C  4 O2 ? ? M 0G  83  N 0C  93  1_555 ? ? ? ? ? ? WATSON-CRICK ?     ? ? 
hydrog35 hydrog ?    ? C 0G  5 O6    ? ? ? 1_555 D 0C  4 N4 ? ? M 0G  83  N 0C  93  1_555 ? ? ? ? ? ? WATSON-CRICK ?     ? ? 
hydrog36 hydrog ?    ? C 0C  6 N3    ? ? ? 1_555 D 0G  3 N1 ? ? M 0C  84  N 0G  92  1_555 ? ? ? ? ? ? WATSON-CRICK ?     ? ? 
hydrog37 hydrog ?    ? C 0C  6 N4    ? ? ? 1_555 D 0G  3 O6 ? ? M 0C  84  N 0G  92  1_555 ? ? ? ? ? ? WATSON-CRICK ?     ? ? 
hydrog38 hydrog ?    ? C 0C  6 O2    ? ? ? 1_555 D 0G  3 N2 ? ? M 0C  84  N 0G  92  1_555 ? ? ? ? ? ? WATSON-CRICK ?     ? ? 
hydrog39 hydrog ?    ? C 0G  7 N1    ? ? ? 1_555 D 0C  2 N3 ? ? M 0G  85  N 0C  91  1_555 ? ? ? ? ? ? WATSON-CRICK ?     ? ? 
hydrog40 hydrog ?    ? C 0G  7 N2    ? ? ? 1_555 D 0C  2 O2 ? ? M 0G  85  N 0C  91  1_555 ? ? ? ? ? ? WATSON-CRICK ?     ? ? 
hydrog41 hydrog ?    ? C 0G  7 O6    ? ? ? 1_555 D 0C  2 N4 ? ? M 0G  85  N 0C  91  1_555 ? ? ? ? ? ? WATSON-CRICK ?     ? ? 
hydrog42 hydrog ?    ? C 0G  8 N1    ? ? ? 1_555 D 0C  1 N3 ? ? M 0G  86  N 0C  90  1_555 ? ? ? ? ? ? WATSON-CRICK ?     ? ? 
hydrog43 hydrog ?    ? C 0G  8 N2    ? ? ? 1_555 D 0C  1 O2 ? ? M 0G  86  N 0C  90  1_555 ? ? ? ? ? ? WATSON-CRICK ?     ? ? 
hydrog44 hydrog ?    ? C 0G  8 O6    ? ? ? 1_555 D 0C  1 N4 ? ? M 0G  86  N 0C  90  1_555 ? ? ? ? ? ? WATSON-CRICK ?     ? ? 
# 
loop_
_struct_conn_type.id 
_struct_conn_type.criteria 
_struct_conn_type.reference 
covale ? ? 
metalc ? ? 
hydrog ? ? 
# 
loop_
_pdbx_struct_conn_angle.id 
_pdbx_struct_conn_angle.ptnr1_label_atom_id 
_pdbx_struct_conn_angle.ptnr1_label_alt_id 
_pdbx_struct_conn_angle.ptnr1_label_asym_id 
_pdbx_struct_conn_angle.ptnr1_label_comp_id 
_pdbx_struct_conn_angle.ptnr1_label_seq_id 
_pdbx_struct_conn_angle.ptnr1_auth_atom_id 
_pdbx_struct_conn_angle.ptnr1_auth_asym_id 
_pdbx_struct_conn_angle.ptnr1_auth_comp_id 
_pdbx_struct_conn_angle.ptnr1_auth_seq_id 
_pdbx_struct_conn_angle.ptnr1_PDB_ins_code 
_pdbx_struct_conn_angle.ptnr1_symmetry 
_pdbx_struct_conn_angle.ptnr2_label_atom_id 
_pdbx_struct_conn_angle.ptnr2_label_alt_id 
_pdbx_struct_conn_angle.ptnr2_label_asym_id 
_pdbx_struct_conn_angle.ptnr2_label_comp_id 
_pdbx_struct_conn_angle.ptnr2_label_seq_id 
_pdbx_struct_conn_angle.ptnr2_auth_atom_id 
_pdbx_struct_conn_angle.ptnr2_auth_asym_id 
_pdbx_struct_conn_angle.ptnr2_auth_comp_id 
_pdbx_struct_conn_angle.ptnr2_auth_seq_id 
_pdbx_struct_conn_angle.ptnr2_PDB_ins_code 
_pdbx_struct_conn_angle.ptnr2_symmetry 
_pdbx_struct_conn_angle.ptnr3_label_atom_id 
_pdbx_struct_conn_angle.ptnr3_label_alt_id 
_pdbx_struct_conn_angle.ptnr3_label_asym_id 
_pdbx_struct_conn_angle.ptnr3_label_comp_id 
_pdbx_struct_conn_angle.ptnr3_label_seq_id 
_pdbx_struct_conn_angle.ptnr3_auth_atom_id 
_pdbx_struct_conn_angle.ptnr3_auth_asym_id 
_pdbx_struct_conn_angle.ptnr3_auth_comp_id 
_pdbx_struct_conn_angle.ptnr3_auth_seq_id 
_pdbx_struct_conn_angle.ptnr3_PDB_ins_code 
_pdbx_struct_conn_angle.ptnr3_symmetry 
_pdbx_struct_conn_angle.value 
_pdbx_struct_conn_angle.value_esd 
1  N7 ? A G   4 ? K G   82  ? 1_555 ZN ? E ZN . ? K ZN 101 ? 1_555 O ? L HOH . ? K HOH 202 ? 1_555 85.9  ? 
2  N7 ? A G   4 ? K G   82  ? 1_555 ZN ? E ZN . ? K ZN 101 ? 1_555 O ? L HOH . ? K HOH 205 ? 1_555 93.0  ? 
3  O  ? L HOH . ? K HOH 202 ? 1_555 ZN ? E ZN . ? K ZN 101 ? 1_555 O ? L HOH . ? K HOH 205 ? 1_555 90.2  ? 
4  N7 ? A G   4 ? K G   82  ? 1_555 ZN ? E ZN . ? K ZN 101 ? 1_555 O ? L HOH . ? K HOH 223 ? 1_555 89.8  ? 
5  O  ? L HOH . ? K HOH 202 ? 1_555 ZN ? E ZN . ? K ZN 101 ? 1_555 O ? L HOH . ? K HOH 223 ? 1_555 96.6  ? 
6  O  ? L HOH . ? K HOH 205 ? 1_555 ZN ? E ZN . ? K ZN 101 ? 1_555 O ? L HOH . ? K HOH 223 ? 1_555 172.8 ? 
7  N7 ? A G   4 ? K G   82  ? 1_555 ZN ? E ZN . ? K ZN 101 ? 1_555 O ? L HOH . ? K HOH 224 ? 1_555 93.1  ? 
8  O  ? L HOH . ? K HOH 202 ? 1_555 ZN ? E ZN . ? K ZN 101 ? 1_555 O ? L HOH . ? K HOH 224 ? 1_555 177.3 ? 
9  O  ? L HOH . ? K HOH 205 ? 1_555 ZN ? E ZN . ? K ZN 101 ? 1_555 O ? L HOH . ? K HOH 224 ? 1_555 87.4  ? 
10 O  ? L HOH . ? K HOH 223 ? 1_555 ZN ? E ZN . ? K ZN 101 ? 1_555 O ? L HOH . ? K HOH 224 ? 1_555 85.9  ? 
11 N7 ? A G   4 ? K G   82  ? 1_555 ZN ? E ZN . ? K ZN 101 ? 1_555 O ? L HOH . ? K HOH 246 ? 1_555 173.3 ? 
12 O  ? L HOH . ? K HOH 202 ? 1_555 ZN ? E ZN . ? K ZN 101 ? 1_555 O ? L HOH . ? K HOH 246 ? 1_555 87.4  ? 
13 O  ? L HOH . ? K HOH 205 ? 1_555 ZN ? E ZN . ? K ZN 101 ? 1_555 O ? L HOH . ? K HOH 246 ? 1_555 86.5  ? 
14 O  ? L HOH . ? K HOH 223 ? 1_555 ZN ? E ZN . ? K ZN 101 ? 1_555 O ? L HOH . ? K HOH 246 ? 1_555 91.5  ? 
15 O  ? L HOH . ? K HOH 224 ? 1_555 ZN ? E ZN . ? K ZN 101 ? 1_555 O ? L HOH . ? K HOH 246 ? 1_555 93.6  ? 
16 O  ? L HOH . ? K HOH 201 ? 1_555 ZN ? F ZN . ? K ZN 102 ? 1_555 O ? L HOH . ? K HOH 221 ? 1_555 103.9 ? 
17 O  ? L HOH . ? K HOH 201 ? 1_555 ZN ? F ZN . ? K ZN 102 ? 1_555 O ? L HOH . ? K HOH 228 ? 1_555 95.4  ? 
18 O  ? L HOH . ? K HOH 221 ? 1_555 ZN ? F ZN . ? K ZN 102 ? 1_555 O ? L HOH . ? K HOH 228 ? 1_555 91.8  ? 
19 O  ? L HOH . ? K HOH 201 ? 1_555 ZN ? F ZN . ? K ZN 102 ? 1_555 O ? L HOH . ? K HOH 250 ? 1_555 88.9  ? 
20 O  ? L HOH . ? K HOH 221 ? 1_555 ZN ? F ZN . ? K ZN 102 ? 1_555 O ? L HOH . ? K HOH 250 ? 1_555 90.7  ? 
21 O  ? L HOH . ? K HOH 228 ? 1_555 ZN ? F ZN . ? K ZN 102 ? 1_555 O ? L HOH . ? K HOH 250 ? 1_555 174.4 ? 
22 O  ? L HOH . ? K HOH 201 ? 1_555 ZN ? F ZN . ? K ZN 102 ? 1_555 O ? N HOH . ? M HOH 245 ? 1_555 162.8 ? 
23 O  ? L HOH . ? K HOH 221 ? 1_555 ZN ? F ZN . ? K ZN 102 ? 1_555 O ? N HOH . ? M HOH 245 ? 1_555 92.9  ? 
24 O  ? L HOH . ? K HOH 228 ? 1_555 ZN ? F ZN . ? K ZN 102 ? 1_555 O ? N HOH . ? M HOH 245 ? 1_555 87.3  ? 
25 O  ? L HOH . ? K HOH 250 ? 1_555 ZN ? F ZN . ? K ZN 102 ? 1_555 O ? N HOH . ? M HOH 245 ? 1_555 87.5  ? 
26 O  ? L HOH . ? K HOH 206 ? 1_654 ZN ? J ZN . ? M ZN 102 ? 1_555 O ? L HOH . ? K HOH 247 ? 1_654 91.6  ? 
27 O  ? L HOH . ? K HOH 206 ? 1_654 ZN ? J ZN . ? M ZN 102 ? 1_555 O ? N HOH . ? M HOH 203 ? 1_555 75.1  ? 
28 O  ? L HOH . ? K HOH 247 ? 1_654 ZN ? J ZN . ? M ZN 102 ? 1_555 O ? N HOH . ? M HOH 203 ? 1_555 155.6 ? 
29 O  ? L HOH . ? K HOH 206 ? 1_654 ZN ? J ZN . ? M ZN 102 ? 1_555 O ? N HOH . ? M HOH 213 ? 1_555 83.0  ? 
30 O  ? L HOH . ? K HOH 247 ? 1_654 ZN ? J ZN . ? M ZN 102 ? 1_555 O ? N HOH . ? M HOH 213 ? 1_555 107.0 ? 
31 O  ? N HOH . ? M HOH 203 ? 1_555 ZN ? J ZN . ? M ZN 102 ? 1_555 O ? N HOH . ? M HOH 213 ? 1_555 91.9  ? 
32 O  ? L HOH . ? K HOH 206 ? 1_654 ZN ? J ZN . ? M ZN 102 ? 1_555 O ? N HOH . ? M HOH 233 ? 1_555 170.4 ? 
33 O  ? L HOH . ? K HOH 247 ? 1_654 ZN ? J ZN . ? M ZN 102 ? 1_555 O ? N HOH . ? M HOH 233 ? 1_555 90.1  ? 
34 O  ? N HOH . ? M HOH 203 ? 1_555 ZN ? J ZN . ? M ZN 102 ? 1_555 O ? N HOH . ? M HOH 233 ? 1_555 99.8  ? 
35 O  ? N HOH . ? M HOH 213 ? 1_555 ZN ? J ZN . ? M ZN 102 ? 1_555 O ? N HOH . ? M HOH 233 ? 1_555 105.5 ? 
36 O  ? M HOH . ? L HOH 214 ? 1_555 ZN ? G ZN . ? L ZN 101 ? 1_555 O ? M HOH . ? L HOH 215 ? 1_555 102.1 ? 
37 O  ? M HOH . ? L HOH 214 ? 1_555 ZN ? G ZN . ? L ZN 101 ? 1_555 O ? M HOH . ? L HOH 216 ? 1_555 94.1  ? 
38 O  ? M HOH . ? L HOH 215 ? 1_555 ZN ? G ZN . ? L ZN 101 ? 1_555 O ? M HOH . ? L HOH 216 ? 1_555 82.4  ? 
39 O  ? M HOH . ? L HOH 214 ? 1_555 ZN ? G ZN . ? L ZN 101 ? 1_555 O ? M HOH . ? L HOH 251 ? 1_555 85.8  ? 
40 O  ? M HOH . ? L HOH 215 ? 1_555 ZN ? G ZN . ? L ZN 101 ? 1_555 O ? M HOH . ? L HOH 251 ? 1_555 103.0 ? 
41 O  ? M HOH . ? L HOH 216 ? 1_555 ZN ? G ZN . ? L ZN 101 ? 1_555 O ? M HOH . ? L HOH 251 ? 1_555 174.6 ? 
42 O  ? M HOH . ? L HOH 214 ? 1_555 ZN ? G ZN . ? L ZN 101 ? 1_555 O ? O HOH . ? N HOH 239 ? 1_456 151.0 ? 
43 O  ? M HOH . ? L HOH 215 ? 1_555 ZN ? G ZN . ? L ZN 101 ? 1_555 O ? O HOH . ? N HOH 239 ? 1_456 106.8 ? 
44 O  ? M HOH . ? L HOH 216 ? 1_555 ZN ? G ZN . ? L ZN 101 ? 1_555 O ? O HOH . ? N HOH 239 ? 1_456 87.1  ? 
45 O  ? M HOH . ? L HOH 251 ? 1_555 ZN ? G ZN . ? L ZN 101 ? 1_555 O ? O HOH . ? N HOH 239 ? 1_456 90.4  ? 
46 O  ? M HOH . ? L HOH 225 ? 1_555 ZN ? H ZN . ? L ZN 102 ? 1_555 O ? M HOH . ? L HOH 244 ? 1_555 100.7 ? 
47 O  ? M HOH . ? L HOH 225 ? 1_555 ZN ? H ZN . ? L ZN 102 ? 1_555 O ? N HOH . ? M HOH 238 ? 1_566 64.7  ? 
48 O  ? M HOH . ? L HOH 244 ? 1_555 ZN ? H ZN . ? L ZN 102 ? 1_555 O ? N HOH . ? M HOH 238 ? 1_566 160.6 ? 
49 O  ? M HOH . ? L HOH 225 ? 1_555 ZN ? H ZN . ? L ZN 102 ? 1_555 O ? O HOH . ? N HOH 241 ? 1_566 109.0 ? 
50 O  ? M HOH . ? L HOH 244 ? 1_555 ZN ? H ZN . ? L ZN 102 ? 1_555 O ? O HOH . ? N HOH 241 ? 1_566 125.5 ? 
51 O  ? N HOH . ? M HOH 238 ? 1_566 ZN ? H ZN . ? L ZN 102 ? 1_555 O ? O HOH . ? N HOH 241 ? 1_566 54.6  ? 
52 O  ? M HOH . ? L HOH 245 ? 1_555 ZN ? K ZN . ? N ZN 101 ? 1_555 O ? M HOH . ? L HOH 247 ? 1_555 89.2  ? 
53 O  ? M HOH . ? L HOH 245 ? 1_555 ZN ? K ZN . ? N ZN 101 ? 1_555 O ? O HOH . ? N HOH 216 ? 1_555 85.4  ? 
54 O  ? M HOH . ? L HOH 247 ? 1_555 ZN ? K ZN . ? N ZN 101 ? 1_555 O ? O HOH . ? N HOH 216 ? 1_555 88.2  ? 
55 O  ? M HOH . ? L HOH 245 ? 1_555 ZN ? K ZN . ? N ZN 101 ? 1_555 O ? O HOH . ? N HOH 235 ? 1_555 87.6  ? 
56 O  ? M HOH . ? L HOH 247 ? 1_555 ZN ? K ZN . ? N ZN 101 ? 1_555 O ? O HOH . ? N HOH 235 ? 1_555 176.2 ? 
57 O  ? O HOH . ? N HOH 216 ? 1_555 ZN ? K ZN . ? N ZN 101 ? 1_555 O ? O HOH . ? N HOH 235 ? 1_555 93.5  ? 
58 O  ? M HOH . ? L HOH 245 ? 1_555 ZN ? K ZN . ? N ZN 101 ? 1_555 O ? O HOH . ? N HOH 236 ? 1_555 173.3 ? 
59 O  ? M HOH . ? L HOH 247 ? 1_555 ZN ? K ZN . ? N ZN 101 ? 1_555 O ? O HOH . ? N HOH 236 ? 1_555 85.8  ? 
60 O  ? O HOH . ? N HOH 216 ? 1_555 ZN ? K ZN . ? N ZN 101 ? 1_555 O ? O HOH . ? N HOH 236 ? 1_555 90.1  ? 
61 O  ? O HOH . ? N HOH 235 ? 1_555 ZN ? K ZN . ? N ZN 101 ? 1_555 O ? O HOH . ? N HOH 236 ? 1_555 97.6  ? 
62 O  ? M HOH . ? L HOH 245 ? 1_555 ZN ? K ZN . ? N ZN 101 ? 1_555 O ? O HOH . ? N HOH 242 ? 1_555 92.6  ? 
63 O  ? M HOH . ? L HOH 247 ? 1_555 ZN ? K ZN . ? N ZN 101 ? 1_555 O ? O HOH . ? N HOH 242 ? 1_555 92.7  ? 
64 O  ? O HOH . ? N HOH 216 ? 1_555 ZN ? K ZN . ? N ZN 101 ? 1_555 O ? O HOH . ? N HOH 242 ? 1_555 177.7 ? 
65 O  ? O HOH . ? N HOH 235 ? 1_555 ZN ? K ZN . ? N ZN 101 ? 1_555 O ? O HOH . ? N HOH 242 ? 1_555 85.4  ? 
66 O  ? O HOH . ? N HOH 236 ? 1_555 ZN ? K ZN . ? N ZN 101 ? 1_555 O ? O HOH . ? N HOH 242 ? 1_555 92.1  ? 
67 N7 ? C 0G  4 ? M 0G  82  ? 1_555 ZN ? I ZN . ? M ZN 101 ? 1_555 O ? N HOH . ? M HOH 217 ? 1_555 95.6  ? 
68 N7 ? C 0G  4 ? M 0G  82  ? 1_555 ZN ? I ZN . ? M ZN 101 ? 1_555 O ? N HOH . ? M HOH 222 ? 1_555 95.8  ? 
69 O  ? N HOH . ? M HOH 217 ? 1_555 ZN ? I ZN . ? M ZN 101 ? 1_555 O ? N HOH . ? M HOH 222 ? 1_555 88.2  ? 
70 N7 ? C 0G  4 ? M 0G  82  ? 1_555 ZN ? I ZN . ? M ZN 101 ? 1_555 O ? N HOH . ? M HOH 223 ? 1_555 95.9  ? 
71 O  ? N HOH . ? M HOH 217 ? 1_555 ZN ? I ZN . ? M ZN 101 ? 1_555 O ? N HOH . ? M HOH 223 ? 1_555 168.4 ? 
72 O  ? N HOH . ? M HOH 222 ? 1_555 ZN ? I ZN . ? M ZN 101 ? 1_555 O ? N HOH . ? M HOH 223 ? 1_555 91.8  ? 
73 N7 ? C 0G  4 ? M 0G  82  ? 1_555 ZN ? I ZN . ? M ZN 101 ? 1_555 O ? N HOH . ? M HOH 226 ? 1_555 90.7  ? 
74 O  ? N HOH . ? M HOH 217 ? 1_555 ZN ? I ZN . ? M ZN 101 ? 1_555 O ? N HOH . ? M HOH 226 ? 1_555 82.6  ? 
75 O  ? N HOH . ? M HOH 222 ? 1_555 ZN ? I ZN . ? M ZN 101 ? 1_555 O ? N HOH . ? M HOH 226 ? 1_555 169.2 ? 
76 O  ? N HOH . ? M HOH 223 ? 1_555 ZN ? I ZN . ? M ZN 101 ? 1_555 O ? N HOH . ? M HOH 226 ? 1_555 96.1  ? 
77 N7 ? C 0G  4 ? M 0G  82  ? 1_555 ZN ? I ZN . ? M ZN 101 ? 1_555 O ? N HOH . ? M HOH 246 ? 1_555 175.2 ? 
78 O  ? N HOH . ? M HOH 217 ? 1_555 ZN ? I ZN . ? M ZN 101 ? 1_555 O ? N HOH . ? M HOH 246 ? 1_555 87.8  ? 
79 O  ? N HOH . ? M HOH 222 ? 1_555 ZN ? I ZN . ? M ZN 101 ? 1_555 O ? N HOH . ? M HOH 246 ? 1_555 80.9  ? 
80 O  ? N HOH . ? M HOH 223 ? 1_555 ZN ? I ZN . ? M ZN 101 ? 1_555 O ? N HOH . ? M HOH 246 ? 1_555 80.8  ? 
81 O  ? N HOH . ? M HOH 226 ? 1_555 ZN ? I ZN . ? M ZN 101 ? 1_555 O ? N HOH . ? M HOH 246 ? 1_555 93.1  ? 
# 
loop_
_pdbx_validate_close_contact.id 
_pdbx_validate_close_contact.PDB_model_num 
_pdbx_validate_close_contact.auth_atom_id_1 
_pdbx_validate_close_contact.auth_asym_id_1 
_pdbx_validate_close_contact.auth_comp_id_1 
_pdbx_validate_close_contact.auth_seq_id_1 
_pdbx_validate_close_contact.PDB_ins_code_1 
_pdbx_validate_close_contact.label_alt_id_1 
_pdbx_validate_close_contact.auth_atom_id_2 
_pdbx_validate_close_contact.auth_asym_id_2 
_pdbx_validate_close_contact.auth_comp_id_2 
_pdbx_validate_close_contact.auth_seq_id_2 
_pdbx_validate_close_contact.PDB_ins_code_2 
_pdbx_validate_close_contact.label_alt_id_2 
_pdbx_validate_close_contact.dist 
1 1 ZN M ZN  102 ? ? O M HOH 247 ? ? 1.45 
2 1 ZN L ZN  101 ? ? O L HOH 242 ? ? 1.55 
3 1 O  L HOH 214 ? ? O L HOH 242 ? ? 1.84 
4 1 O  N HOH 202 ? ? O N HOH 217 ? ? 1.97 
5 1 O  L HOH 216 ? ? O L HOH 242 ? ? 1.98 
6 1 N4 N 0C  93  ? ? O N HOH 201 ? ? 2.04 
7 1 O  M HOH 231 ? ? O M HOH 238 ? ? 2.09 
8 1 O  L HOH 213 ? ? O L HOH 240 ? ? 2.19 
# 
loop_
_pdbx_validate_rmsd_angle.id 
_pdbx_validate_rmsd_angle.PDB_model_num 
_pdbx_validate_rmsd_angle.auth_atom_id_1 
_pdbx_validate_rmsd_angle.auth_asym_id_1 
_pdbx_validate_rmsd_angle.auth_comp_id_1 
_pdbx_validate_rmsd_angle.auth_seq_id_1 
_pdbx_validate_rmsd_angle.PDB_ins_code_1 
_pdbx_validate_rmsd_angle.label_alt_id_1 
_pdbx_validate_rmsd_angle.auth_atom_id_2 
_pdbx_validate_rmsd_angle.auth_asym_id_2 
_pdbx_validate_rmsd_angle.auth_comp_id_2 
_pdbx_validate_rmsd_angle.auth_seq_id_2 
_pdbx_validate_rmsd_angle.PDB_ins_code_2 
_pdbx_validate_rmsd_angle.label_alt_id_2 
_pdbx_validate_rmsd_angle.auth_atom_id_3 
_pdbx_validate_rmsd_angle.auth_asym_id_3 
_pdbx_validate_rmsd_angle.auth_comp_id_3 
_pdbx_validate_rmsd_angle.auth_seq_id_3 
_pdbx_validate_rmsd_angle.PDB_ins_code_3 
_pdbx_validate_rmsd_angle.label_alt_id_3 
_pdbx_validate_rmsd_angle.angle_value 
_pdbx_validate_rmsd_angle.angle_target_value 
_pdbx_validate_rmsd_angle.angle_deviation 
_pdbx_validate_rmsd_angle.angle_standard_deviation 
_pdbx_validate_rmsd_angle.linker_flag 
1 1 "O5'" K G 81 ? ? P K G 81 ? ? OP2 K G 81 ? ? 98.20 105.70 -7.50 0.90 N 
2 1 "O5'" K G 85 ? ? P K G 85 ? ? OP2 K G 85 ? ? 99.71 105.70 -5.99 0.90 N 
# 
_pdbx_entry_details.entry_id                 6ZPF 
_pdbx_entry_details.has_ligand_of_interest   N 
_pdbx_entry_details.compound_details         ? 
_pdbx_entry_details.source_details           ? 
_pdbx_entry_details.nonpolymer_details       ? 
_pdbx_entry_details.sequence_details         ? 
# 
loop_
_chem_comp_atom.comp_id 
_chem_comp_atom.atom_id 
_chem_comp_atom.type_symbol 
_chem_comp_atom.pdbx_aromatic_flag 
_chem_comp_atom.pdbx_stereo_config 
_chem_comp_atom.pdbx_ordinal 
0C  OP3    O  N N 1   
0C  P      P  N N 2   
0C  OP1    O  N N 3   
0C  OP2    O  N N 4   
0C  "O5'"  O  N N 5   
0C  "C5'"  C  N N 6   
0C  "C4'"  C  N S 7   
0C  "O4'"  O  N N 8   
0C  "C3'"  C  N R 9   
0C  "O3'"  O  N N 10  
0C  "C2'"  C  N S 11  
0C  "O2'"  O  N N 12  
0C  "C1'"  C  N S 13  
0C  N1     N  N N 14  
0C  C2     C  N N 15  
0C  O2     O  N N 16  
0C  N3     N  N N 17  
0C  C4     C  N N 18  
0C  N4     N  N N 19  
0C  C5     C  N N 20  
0C  C6     C  N N 21  
0C  HOP3   H  N N 22  
0C  HOP2   H  N N 23  
0C  "H5'"  H  N N 24  
0C  "H5''" H  N N 25  
0C  "H4'"  H  N N 26  
0C  "H3'"  H  N N 27  
0C  "HO3'" H  N N 28  
0C  "H2'"  H  N N 29  
0C  "HO2'" H  N N 30  
0C  "H1'"  H  N N 31  
0C  H41    H  N N 32  
0C  H42    H  N N 33  
0C  H5     H  N N 34  
0C  H6     H  N N 35  
0G  OP3    O  N N 36  
0G  P      P  N N 37  
0G  OP1    O  N N 38  
0G  OP2    O  N N 39  
0G  "O5'"  O  N N 40  
0G  "C5'"  C  N N 41  
0G  "C4'"  C  N S 42  
0G  "O4'"  O  N N 43  
0G  "C3'"  C  N R 44  
0G  "O3'"  O  N N 45  
0G  "C2'"  C  N S 46  
0G  "O2'"  O  N N 47  
0G  "C1'"  C  N S 48  
0G  N9     N  Y N 49  
0G  C8     C  Y N 50  
0G  N7     N  Y N 51  
0G  C6     C  N N 52  
0G  O6     O  N N 53  
0G  C5     C  Y N 54  
0G  N1     N  N N 55  
0G  C2     C  N N 56  
0G  N2     N  N N 57  
0G  N3     N  N N 58  
0G  C4     C  Y N 59  
0G  HOP3   H  N N 60  
0G  HOP2   H  N N 61  
0G  "H5'"  H  N N 62  
0G  "H5''" H  N N 63  
0G  "H4'"  H  N N 64  
0G  "H3'"  H  N N 65  
0G  "HO3'" H  N N 66  
0G  "H2'"  H  N N 67  
0G  "HO2'" H  N N 68  
0G  "H1'"  H  N N 69  
0G  H8     H  N N 70  
0G  H1     H  N N 71  
0G  H21    H  N N 72  
0G  H22    H  N N 73  
0U  OP3    O  N N 74  
0U  P      P  N N 75  
0U  OP1    O  N N 76  
0U  OP2    O  N N 77  
0U  "O5'"  O  N N 78  
0U  "C5'"  C  N N 79  
0U  "C4'"  C  N S 80  
0U  "O4'"  O  N N 81  
0U  "C3'"  C  N R 82  
0U  "O3'"  O  N N 83  
0U  "C2'"  C  N S 84  
0U  "O2'"  O  N N 85  
0U  "C1'"  C  N S 86  
0U  N1     N  N N 87  
0U  C2     C  N N 88  
0U  O2     O  N N 89  
0U  N3     N  N N 90  
0U  C4     C  N N 91  
0U  O4     O  N N 92  
0U  C5     C  N N 93  
0U  C6     C  N N 94  
0U  HOP3   H  N N 95  
0U  HOP2   H  N N 96  
0U  "H5'"  H  N N 97  
0U  "H5''" H  N N 98  
0U  "H4'"  H  N N 99  
0U  "H3'"  H  N N 100 
0U  "HO3'" H  N N 101 
0U  "H2'"  H  N N 102 
0U  "HO2'" H  N N 103 
0U  "H1'"  H  N N 104 
0U  H3     H  N N 105 
0U  H5     H  N N 106 
0U  H6     H  N N 107 
C   OP3    O  N N 108 
C   P      P  N N 109 
C   OP1    O  N N 110 
C   OP2    O  N N 111 
C   "O5'"  O  N N 112 
C   "C5'"  C  N N 113 
C   "C4'"  C  N R 114 
C   "O4'"  O  N N 115 
C   "C3'"  C  N S 116 
C   "O3'"  O  N N 117 
C   "C2'"  C  N R 118 
C   "O2'"  O  N N 119 
C   "C1'"  C  N R 120 
C   N1     N  N N 121 
C   C2     C  N N 122 
C   O2     O  N N 123 
C   N3     N  N N 124 
C   C4     C  N N 125 
C   N4     N  N N 126 
C   C5     C  N N 127 
C   C6     C  N N 128 
C   HOP3   H  N N 129 
C   HOP2   H  N N 130 
C   "H5'"  H  N N 131 
C   "H5''" H  N N 132 
C   "H4'"  H  N N 133 
C   "H3'"  H  N N 134 
C   "HO3'" H  N N 135 
C   "H2'"  H  N N 136 
C   "HO2'" H  N N 137 
C   "H1'"  H  N N 138 
C   H41    H  N N 139 
C   H42    H  N N 140 
C   H5     H  N N 141 
C   H6     H  N N 142 
G   OP3    O  N N 143 
G   P      P  N N 144 
G   OP1    O  N N 145 
G   OP2    O  N N 146 
G   "O5'"  O  N N 147 
G   "C5'"  C  N N 148 
G   "C4'"  C  N R 149 
G   "O4'"  O  N N 150 
G   "C3'"  C  N S 151 
G   "O3'"  O  N N 152 
G   "C2'"  C  N R 153 
G   "O2'"  O  N N 154 
G   "C1'"  C  N R 155 
G   N9     N  Y N 156 
G   C8     C  Y N 157 
G   N7     N  Y N 158 
G   C5     C  Y N 159 
G   C6     C  N N 160 
G   O6     O  N N 161 
G   N1     N  N N 162 
G   C2     C  N N 163 
G   N2     N  N N 164 
G   N3     N  N N 165 
G   C4     C  Y N 166 
G   HOP3   H  N N 167 
G   HOP2   H  N N 168 
G   "H5'"  H  N N 169 
G   "H5''" H  N N 170 
G   "H4'"  H  N N 171 
G   "H3'"  H  N N 172 
G   "HO3'" H  N N 173 
G   "H2'"  H  N N 174 
G   "HO2'" H  N N 175 
G   "H1'"  H  N N 176 
G   H8     H  N N 177 
G   H1     H  N N 178 
G   H21    H  N N 179 
G   H22    H  N N 180 
HOH O      O  N N 181 
HOH H1     H  N N 182 
HOH H2     H  N N 183 
U   OP3    O  N N 184 
U   P      P  N N 185 
U   OP1    O  N N 186 
U   OP2    O  N N 187 
U   "O5'"  O  N N 188 
U   "C5'"  C  N N 189 
U   "C4'"  C  N R 190 
U   "O4'"  O  N N 191 
U   "C3'"  C  N S 192 
U   "O3'"  O  N N 193 
U   "C2'"  C  N R 194 
U   "O2'"  O  N N 195 
U   "C1'"  C  N R 196 
U   N1     N  N N 197 
U   C2     C  N N 198 
U   O2     O  N N 199 
U   N3     N  N N 200 
U   C4     C  N N 201 
U   O4     O  N N 202 
U   C5     C  N N 203 
U   C6     C  N N 204 
U   HOP3   H  N N 205 
U   HOP2   H  N N 206 
U   "H5'"  H  N N 207 
U   "H5''" H  N N 208 
U   "H4'"  H  N N 209 
U   "H3'"  H  N N 210 
U   "HO3'" H  N N 211 
U   "H2'"  H  N N 212 
U   "HO2'" H  N N 213 
U   "H1'"  H  N N 214 
U   H3     H  N N 215 
U   H5     H  N N 216 
U   H6     H  N N 217 
ZN  ZN     ZN N N 218 
# 
loop_
_chem_comp_bond.comp_id 
_chem_comp_bond.atom_id_1 
_chem_comp_bond.atom_id_2 
_chem_comp_bond.value_order 
_chem_comp_bond.pdbx_aromatic_flag 
_chem_comp_bond.pdbx_stereo_config 
_chem_comp_bond.pdbx_ordinal 
0C  OP3   P      sing N N 1   
0C  OP3   HOP3   sing N N 2   
0C  P     OP1    doub N N 3   
0C  P     OP2    sing N N 4   
0C  P     "O5'"  sing N N 5   
0C  OP2   HOP2   sing N N 6   
0C  "O5'" "C5'"  sing N N 7   
0C  "C5'" "C4'"  sing N N 8   
0C  "C5'" "H5'"  sing N N 9   
0C  "C5'" "H5''" sing N N 10  
0C  "C4'" "O4'"  sing N N 11  
0C  "C4'" "C3'"  sing N N 12  
0C  "C4'" "H4'"  sing N N 13  
0C  "O4'" "C1'"  sing N N 14  
0C  "C3'" "O3'"  sing N N 15  
0C  "C3'" "C2'"  sing N N 16  
0C  "C3'" "H3'"  sing N N 17  
0C  "O3'" "HO3'" sing N N 18  
0C  "C2'" "O2'"  sing N N 19  
0C  "C2'" "C1'"  sing N N 20  
0C  "C2'" "H2'"  sing N N 21  
0C  "O2'" "HO2'" sing N N 22  
0C  "C1'" N1     sing N N 23  
0C  "C1'" "H1'"  sing N N 24  
0C  N1    C2     sing N N 25  
0C  N1    C6     sing N N 26  
0C  C2    O2     doub N N 27  
0C  C2    N3     sing N N 28  
0C  N3    C4     doub N N 29  
0C  C4    N4     sing N N 30  
0C  C4    C5     sing N N 31  
0C  N4    H41    sing N N 32  
0C  N4    H42    sing N N 33  
0C  C5    C6     doub N N 34  
0C  C5    H5     sing N N 35  
0C  C6    H6     sing N N 36  
0G  OP3   P      sing N N 37  
0G  OP3   HOP3   sing N N 38  
0G  P     OP1    doub N N 39  
0G  P     OP2    sing N N 40  
0G  P     "O5'"  sing N N 41  
0G  OP2   HOP2   sing N N 42  
0G  "O5'" "C5'"  sing N N 43  
0G  "C5'" "C4'"  sing N N 44  
0G  "C5'" "H5'"  sing N N 45  
0G  "C5'" "H5''" sing N N 46  
0G  "C4'" "O4'"  sing N N 47  
0G  "C4'" "C3'"  sing N N 48  
0G  "C4'" "H4'"  sing N N 49  
0G  "O4'" "C1'"  sing N N 50  
0G  "C3'" "O3'"  sing N N 51  
0G  "C3'" "C2'"  sing N N 52  
0G  "C3'" "H3'"  sing N N 53  
0G  "O3'" "HO3'" sing N N 54  
0G  "C2'" "O2'"  sing N N 55  
0G  "C2'" "C1'"  sing N N 56  
0G  "C2'" "H2'"  sing N N 57  
0G  "O2'" "HO2'" sing N N 58  
0G  "C1'" N9     sing N N 59  
0G  "C1'" "H1'"  sing N N 60  
0G  N9    C8     sing Y N 61  
0G  N9    C4     sing Y N 62  
0G  C8    N7     doub Y N 63  
0G  C8    H8     sing N N 64  
0G  N7    C5     sing Y N 65  
0G  C6    O6     doub N N 66  
0G  C6    C5     sing N N 67  
0G  C6    N1     sing N N 68  
0G  C5    C4     doub Y N 69  
0G  N1    C2     sing N N 70  
0G  N1    H1     sing N N 71  
0G  C2    N2     sing N N 72  
0G  C2    N3     doub N N 73  
0G  N2    H21    sing N N 74  
0G  N2    H22    sing N N 75  
0G  N3    C4     sing N N 76  
0U  OP3   P      sing N N 77  
0U  OP3   HOP3   sing N N 78  
0U  P     OP1    doub N N 79  
0U  P     OP2    sing N N 80  
0U  P     "O5'"  sing N N 81  
0U  OP2   HOP2   sing N N 82  
0U  "O5'" "C5'"  sing N N 83  
0U  "C5'" "C4'"  sing N N 84  
0U  "C5'" "H5'"  sing N N 85  
0U  "C5'" "H5''" sing N N 86  
0U  "C4'" "O4'"  sing N N 87  
0U  "C4'" "C3'"  sing N N 88  
0U  "C4'" "H4'"  sing N N 89  
0U  "O4'" "C1'"  sing N N 90  
0U  "C3'" "O3'"  sing N N 91  
0U  "C3'" "C2'"  sing N N 92  
0U  "C3'" "H3'"  sing N N 93  
0U  "O3'" "HO3'" sing N N 94  
0U  "C2'" "O2'"  sing N N 95  
0U  "C2'" "C1'"  sing N N 96  
0U  "C2'" "H2'"  sing N N 97  
0U  "O2'" "HO2'" sing N N 98  
0U  "C1'" N1     sing N N 99  
0U  "C1'" "H1'"  sing N N 100 
0U  N1    C2     sing N N 101 
0U  N1    C6     sing N N 102 
0U  C2    O2     doub N N 103 
0U  C2    N3     sing N N 104 
0U  N3    C4     sing N N 105 
0U  N3    H3     sing N N 106 
0U  C4    O4     doub N N 107 
0U  C4    C5     sing N N 108 
0U  C5    C6     doub N N 109 
0U  C5    H5     sing N N 110 
0U  C6    H6     sing N N 111 
C   OP3   P      sing N N 112 
C   OP3   HOP3   sing N N 113 
C   P     OP1    doub N N 114 
C   P     OP2    sing N N 115 
C   P     "O5'"  sing N N 116 
C   OP2   HOP2   sing N N 117 
C   "O5'" "C5'"  sing N N 118 
C   "C5'" "C4'"  sing N N 119 
C   "C5'" "H5'"  sing N N 120 
C   "C5'" "H5''" sing N N 121 
C   "C4'" "O4'"  sing N N 122 
C   "C4'" "C3'"  sing N N 123 
C   "C4'" "H4'"  sing N N 124 
C   "O4'" "C1'"  sing N N 125 
C   "C3'" "O3'"  sing N N 126 
C   "C3'" "C2'"  sing N N 127 
C   "C3'" "H3'"  sing N N 128 
C   "O3'" "HO3'" sing N N 129 
C   "C2'" "O2'"  sing N N 130 
C   "C2'" "C1'"  sing N N 131 
C   "C2'" "H2'"  sing N N 132 
C   "O2'" "HO2'" sing N N 133 
C   "C1'" N1     sing N N 134 
C   "C1'" "H1'"  sing N N 135 
C   N1    C2     sing N N 136 
C   N1    C6     sing N N 137 
C   C2    O2     doub N N 138 
C   C2    N3     sing N N 139 
C   N3    C4     doub N N 140 
C   C4    N4     sing N N 141 
C   C4    C5     sing N N 142 
C   N4    H41    sing N N 143 
C   N4    H42    sing N N 144 
C   C5    C6     doub N N 145 
C   C5    H5     sing N N 146 
C   C6    H6     sing N N 147 
G   OP3   P      sing N N 148 
G   OP3   HOP3   sing N N 149 
G   P     OP1    doub N N 150 
G   P     OP2    sing N N 151 
G   P     "O5'"  sing N N 152 
G   OP2   HOP2   sing N N 153 
G   "O5'" "C5'"  sing N N 154 
G   "C5'" "C4'"  sing N N 155 
G   "C5'" "H5'"  sing N N 156 
G   "C5'" "H5''" sing N N 157 
G   "C4'" "O4'"  sing N N 158 
G   "C4'" "C3'"  sing N N 159 
G   "C4'" "H4'"  sing N N 160 
G   "O4'" "C1'"  sing N N 161 
G   "C3'" "O3'"  sing N N 162 
G   "C3'" "C2'"  sing N N 163 
G   "C3'" "H3'"  sing N N 164 
G   "O3'" "HO3'" sing N N 165 
G   "C2'" "O2'"  sing N N 166 
G   "C2'" "C1'"  sing N N 167 
G   "C2'" "H2'"  sing N N 168 
G   "O2'" "HO2'" sing N N 169 
G   "C1'" N9     sing N N 170 
G   "C1'" "H1'"  sing N N 171 
G   N9    C8     sing Y N 172 
G   N9    C4     sing Y N 173 
G   C8    N7     doub Y N 174 
G   C8    H8     sing N N 175 
G   N7    C5     sing Y N 176 
G   C5    C6     sing N N 177 
G   C5    C4     doub Y N 178 
G   C6    O6     doub N N 179 
G   C6    N1     sing N N 180 
G   N1    C2     sing N N 181 
G   N1    H1     sing N N 182 
G   C2    N2     sing N N 183 
G   C2    N3     doub N N 184 
G   N2    H21    sing N N 185 
G   N2    H22    sing N N 186 
G   N3    C4     sing N N 187 
HOH O     H1     sing N N 188 
HOH O     H2     sing N N 189 
U   OP3   P      sing N N 190 
U   OP3   HOP3   sing N N 191 
U   P     OP1    doub N N 192 
U   P     OP2    sing N N 193 
U   P     "O5'"  sing N N 194 
U   OP2   HOP2   sing N N 195 
U   "O5'" "C5'"  sing N N 196 
U   "C5'" "C4'"  sing N N 197 
U   "C5'" "H5'"  sing N N 198 
U   "C5'" "H5''" sing N N 199 
U   "C4'" "O4'"  sing N N 200 
U   "C4'" "C3'"  sing N N 201 
U   "C4'" "H4'"  sing N N 202 
U   "O4'" "C1'"  sing N N 203 
U   "C3'" "O3'"  sing N N 204 
U   "C3'" "C2'"  sing N N 205 
U   "C3'" "H3'"  sing N N 206 
U   "O3'" "HO3'" sing N N 207 
U   "C2'" "O2'"  sing N N 208 
U   "C2'" "C1'"  sing N N 209 
U   "C2'" "H2'"  sing N N 210 
U   "O2'" "HO2'" sing N N 211 
U   "C1'" N1     sing N N 212 
U   "C1'" "H1'"  sing N N 213 
U   N1    C2     sing N N 214 
U   N1    C6     sing N N 215 
U   C2    O2     doub N N 216 
U   C2    N3     sing N N 217 
U   N3    C4     sing N N 218 
U   N3    H3     sing N N 219 
U   C4    O4     doub N N 220 
U   C4    C5     sing N N 221 
U   C5    C6     doub N N 222 
U   C5    H5     sing N N 223 
U   C6    H6     sing N N 224 
# 
loop_
_ndb_struct_conf_na.entry_id 
_ndb_struct_conf_na.feature 
6ZPF 'double helix'        
6ZPF 'a-form double helix' 
# 
loop_
_ndb_struct_na_base_pair.model_number 
_ndb_struct_na_base_pair.i_label_asym_id 
_ndb_struct_na_base_pair.i_label_comp_id 
_ndb_struct_na_base_pair.i_label_seq_id 
_ndb_struct_na_base_pair.i_symmetry 
_ndb_struct_na_base_pair.j_label_asym_id 
_ndb_struct_na_base_pair.j_label_comp_id 
_ndb_struct_na_base_pair.j_label_seq_id 
_ndb_struct_na_base_pair.j_symmetry 
_ndb_struct_na_base_pair.shear 
_ndb_struct_na_base_pair.stretch 
_ndb_struct_na_base_pair.stagger 
_ndb_struct_na_base_pair.buckle 
_ndb_struct_na_base_pair.propeller 
_ndb_struct_na_base_pair.opening 
_ndb_struct_na_base_pair.pair_number 
_ndb_struct_na_base_pair.pair_name 
_ndb_struct_na_base_pair.i_auth_asym_id 
_ndb_struct_na_base_pair.i_auth_seq_id 
_ndb_struct_na_base_pair.i_PDB_ins_code 
_ndb_struct_na_base_pair.j_auth_asym_id 
_ndb_struct_na_base_pair.j_auth_seq_id 
_ndb_struct_na_base_pair.j_PDB_ins_code 
_ndb_struct_na_base_pair.hbond_type_28 
_ndb_struct_na_base_pair.hbond_type_12 
1 A C  1 1_555 B G  8 1_555 -0.021 -0.087 0.177  4.878   -6.958  -2.013 1  K_C79:G97_L   K 79 ? L 97 ? 19 1 
1 A U  2 1_555 B G  7 1_555 2.359  -0.590 -0.046 9.577   -19.688 -0.937 2  K_U80:G96_L   K 80 ? L 96 ? 28 1 
1 A G  3 1_555 B U  6 1_555 -2.340 -0.654 0.188  -1.002  -9.337  -3.141 3  K_G81:U95_L   K 81 ? L 95 ? 28 1 
1 A G  4 1_555 B C  5 1_555 -0.253 -0.170 0.392  4.683   -15.316 0.400  4  K_G82:C94_L   K 82 ? L 94 ? 19 1 
1 A G  5 1_555 B C  4 1_555 -0.099 -0.261 0.076  -2.716  -14.804 -3.939 5  K_G83:C93_L   K 83 ? L 93 ? 19 1 
1 A C  6 1_555 B G  3 1_555 0.192  -0.218 0.130  -1.129  -15.767 1.006  6  K_C84:G92_L   K 84 ? L 92 ? 19 1 
1 A G  7 1_555 B C  2 1_555 -0.316 -0.270 -0.067 -10.386 -16.831 -2.983 7  K_G85:C91_L   K 85 ? L 91 ? 19 1 
1 A G  8 1_555 B C  1 1_555 -0.214 -0.144 0.087  -7.802  -8.006  -3.345 8  K_G86:C90_L   K 86 ? L 90 ? 19 1 
1 C 0C 1 1_555 D 0G 8 1_555 -0.028 -0.112 -0.191 -5.021  7.983   -2.596 9  M_0C79:0G97_N M 79 ? N 97 ? 19 1 
1 C 0U 2 1_555 D 0G 7 1_555 2.523  -0.556 -0.017 -8.697  18.023  2.143  10 M_0U80:0G96_N M 80 ? N 96 ? 28 1 
1 C 0G 3 1_555 D 0U 6 1_555 -2.058 -0.591 -0.134 2.483   12.639  -2.169 11 M_0G81:0U95_N M 81 ? N 95 ? 28 1 
1 C 0G 4 1_555 D 0C 5 1_555 -0.131 -0.116 -0.303 -2.520  17.404  -0.460 12 M_0G82:0C94_N M 82 ? N 94 ? 19 1 
1 C 0G 5 1_555 D 0C 4 1_555 -0.309 -0.184 -0.006 5.632   16.081  -1.747 13 M_0G83:0C93_N M 83 ? N 93 ? 19 1 
1 C 0C 6 1_555 D 0G 3 1_555 0.540  -0.182 -0.132 0.010   13.162  1.547  14 M_0C84:0G92_N M 84 ? N 92 ? 19 1 
1 C 0G 7 1_555 D 0C 2 1_555 -0.322 -0.296 0.062  9.436   19.803  -3.314 15 M_0G85:0C91_N M 85 ? N 91 ? 19 1 
1 C 0G 8 1_555 D 0C 1 1_555 -0.181 -0.166 -0.141 6.925   9.376   -3.099 16 M_0G86:0C90_N M 86 ? N 90 ? 19 1 
# 
loop_
_ndb_struct_na_base_pair_step.model_number 
_ndb_struct_na_base_pair_step.i_label_asym_id_1 
_ndb_struct_na_base_pair_step.i_label_comp_id_1 
_ndb_struct_na_base_pair_step.i_label_seq_id_1 
_ndb_struct_na_base_pair_step.i_symmetry_1 
_ndb_struct_na_base_pair_step.j_label_asym_id_1 
_ndb_struct_na_base_pair_step.j_label_comp_id_1 
_ndb_struct_na_base_pair_step.j_label_seq_id_1 
_ndb_struct_na_base_pair_step.j_symmetry_1 
_ndb_struct_na_base_pair_step.i_label_asym_id_2 
_ndb_struct_na_base_pair_step.i_label_comp_id_2 
_ndb_struct_na_base_pair_step.i_label_seq_id_2 
_ndb_struct_na_base_pair_step.i_symmetry_2 
_ndb_struct_na_base_pair_step.j_label_asym_id_2 
_ndb_struct_na_base_pair_step.j_label_comp_id_2 
_ndb_struct_na_base_pair_step.j_label_seq_id_2 
_ndb_struct_na_base_pair_step.j_symmetry_2 
_ndb_struct_na_base_pair_step.shift 
_ndb_struct_na_base_pair_step.slide 
_ndb_struct_na_base_pair_step.rise 
_ndb_struct_na_base_pair_step.tilt 
_ndb_struct_na_base_pair_step.roll 
_ndb_struct_na_base_pair_step.twist 
_ndb_struct_na_base_pair_step.x_displacement 
_ndb_struct_na_base_pair_step.y_displacement 
_ndb_struct_na_base_pair_step.helical_rise 
_ndb_struct_na_base_pair_step.inclination 
_ndb_struct_na_base_pair_step.tip 
_ndb_struct_na_base_pair_step.helical_twist 
_ndb_struct_na_base_pair_step.step_number 
_ndb_struct_na_base_pair_step.step_name 
_ndb_struct_na_base_pair_step.i_auth_asym_id_1 
_ndb_struct_na_base_pair_step.i_auth_seq_id_1 
_ndb_struct_na_base_pair_step.i_PDB_ins_code_1 
_ndb_struct_na_base_pair_step.j_auth_asym_id_1 
_ndb_struct_na_base_pair_step.j_auth_seq_id_1 
_ndb_struct_na_base_pair_step.j_PDB_ins_code_1 
_ndb_struct_na_base_pair_step.i_auth_asym_id_2 
_ndb_struct_na_base_pair_step.i_auth_seq_id_2 
_ndb_struct_na_base_pair_step.i_PDB_ins_code_2 
_ndb_struct_na_base_pair_step.j_auth_asym_id_2 
_ndb_struct_na_base_pair_step.j_auth_seq_id_2 
_ndb_struct_na_base_pair_step.j_PDB_ins_code_2 
1 A C  1 1_555 B G  8 1_555 A U  2 1_555 B G  7 1_555 -0.009 -1.125 3.209  0.920  7.239    39.758 -2.405 0.112  2.966  10.537  
-1.339 40.395  1  KK_C79U80:G96G97_LL     K 79 ? L 97 ? K 80 ? L 96 ? 
1 A U  2 1_555 B G  7 1_555 A G  3 1_555 B U  6 1_555 -0.859 -2.256 3.110  -4.985 15.127   18.014 -9.042 0.873  1.108  39.684  
13.077 24.002  2  KK_U80G81:U95G96_LL     K 80 ? L 96 ? K 81 ? L 95 ? 
1 A G  3 1_555 B U  6 1_555 A G  4 1_555 B C  5 1_555 0.132  -0.996 3.209  0.157  2.249    37.400 -1.837 -0.185 3.147  3.503   
-0.245 37.466  3  KK_G81G82:C94U95_LL     K 81 ? L 95 ? K 82 ? L 94 ? 
1 A G  4 1_555 B C  5 1_555 A G  5 1_555 B C  4 1_555 -0.320 -1.233 3.284  0.060  7.325    38.250 -2.713 0.488  3.006  11.054  
-0.091 38.919  4  KK_G82G83:C93C94_LL     K 82 ? L 94 ? K 83 ? L 93 ? 
1 A G  5 1_555 B C  4 1_555 A C  6 1_555 B G  3 1_555 0.375  -1.287 3.209  0.071  1.976    33.258 -2.564 -0.643 3.131  3.448   
-0.124 33.315  5  KK_G83C84:G92C93_LL     K 83 ? L 93 ? K 84 ? L 92 ? 
1 A C  6 1_555 B G  3 1_555 A G  7 1_555 B C  2 1_555 0.114  -1.707 3.340  3.548  14.779   32.263 -4.768 0.288  2.358  24.942  
-5.987 35.577  6  KK_C84G85:C91G92_LL     K 84 ? L 92 ? K 85 ? L 91 ? 
1 A G  7 1_555 B C  2 1_555 A G  8 1_555 B C  1 1_555 0.304  -1.466 3.204  2.025  7.724    31.377 -3.900 -0.212 2.787  13.999  
-3.670 32.352  7  KK_G85G86:C90C91_LL     K 85 ? L 91 ? K 86 ? L 90 ? 
1 A G  8 1_555 B C  1 1_555 C 0C 1 1_555 D 0G 8 1_555 3.049  -0.456 0.666  -3.737 -178.383 90.716 0.062  -1.531 0.750  -89.419 
1.873  178.891 8  KM_G860C79:0G97C90_NL   K 86 ? L 90 ? M 79 ? N 97 ? 
1 C 0C 1 1_555 D 0G 8 1_555 C 0U 2 1_555 D 0G 7 1_555 0.012  -1.191 -3.208 -0.570 -7.932   38.266 -2.685 0.047  -2.913 -11.943 
0.858  39.053  9  MM_0C790U80:0G960G97_NN M 79 ? N 97 ? M 80 ? N 96 ? 
1 C 0U 2 1_555 D 0G 7 1_555 C 0G 3 1_555 D 0U 6 1_555 -0.607 -2.197 -3.079 2.691  -15.728  19.582 -8.363 0.822  -1.106 -38.928 
-6.660 25.211  10 MM_0U800G81:0U950G96_NN M 80 ? N 96 ? M 81 ? N 95 ? 
1 C 0G 3 1_555 D 0U 6 1_555 C 0G 4 1_555 D 0C 5 1_555 -0.095 -1.071 -3.219 -0.098 -2.463   37.172 -1.995 0.161  -3.144 -3.858  
0.153  37.251  11 MM_0G810G82:0C940U95_NN M 81 ? N 95 ? M 82 ? N 94 ? 
1 C 0G 4 1_555 D 0C 5 1_555 C 0G 5 1_555 D 0C 4 1_555 -0.206 -1.205 -3.341 -0.694 -8.048   35.264 -3.056 0.429  -2.998 -13.074 
1.128  36.149  12 MM_0G820G83:0C930C94_NN M 82 ? N 94 ? M 83 ? N 93 ? 
1 C 0G 5 1_555 D 0C 4 1_555 C 0C 6 1_555 D 0G 3 1_555 0.591  -0.951 -3.134 0.074  -4.256   34.507 -2.203 -0.999 -2.998 -7.141  
-0.124 34.761  13 MM_0G830C84:0G920C93_NN M 83 ? N 93 ? M 84 ? N 92 ? 
1 C 0C 6 1_555 D 0G 3 1_555 C 0G 7 1_555 D 0C 2 1_555 0.044  -1.518 -3.387 -3.662 -13.004  32.396 -4.385 0.451  -2.595 -22.144 
6.235  35.030  14 MM_0C840G85:0C910G92_NN M 84 ? N 92 ? M 85 ? N 91 ? 
1 C 0G 7 1_555 D 0C 2 1_555 C 0G 8 1_555 D 0C 1 1_555 0.270  -1.237 -3.188 -1.080 -7.659   31.969 -3.409 -0.304 -2.831 -13.658 
1.926  32.868  15 MM_0G850G86:0C900C91_NN M 85 ? N 91 ? M 86 ? N 90 ? 
# 
_pdbx_initial_refinement_model.id               1 
_pdbx_initial_refinement_model.entity_id_list   ? 
_pdbx_initial_refinement_model.type             'experimental model' 
_pdbx_initial_refinement_model.source_name      PDB 
_pdbx_initial_refinement_model.accession_code   6ZQ9 
_pdbx_initial_refinement_model.details          ? 
# 
_atom_sites.entry_id                    6ZPF 
_atom_sites.Cartn_transf_matrix[1][1]   ? 
_atom_sites.Cartn_transf_matrix[1][2]   ? 
_atom_sites.Cartn_transf_matrix[1][3]   ? 
_atom_sites.Cartn_transf_matrix[2][1]   ? 
_atom_sites.Cartn_transf_matrix[2][2]   ? 
_atom_sites.Cartn_transf_matrix[2][3]   ? 
_atom_sites.Cartn_transf_matrix[3][1]   ? 
_atom_sites.Cartn_transf_matrix[3][2]   ? 
_atom_sites.Cartn_transf_matrix[3][3]   ? 
_atom_sites.Cartn_transf_vector[1]      ? 
_atom_sites.Cartn_transf_vector[2]      ? 
_atom_sites.Cartn_transf_vector[3]      ? 
_atom_sites.fract_transf_matrix[1][1]   -0.01929963 
_atom_sites.fract_transf_matrix[1][2]   0.04227816 
_atom_sites.fract_transf_matrix[1][3]   -0.01344833 
_atom_sites.fract_transf_matrix[2][1]   -0.03693431 
_atom_sites.fract_transf_matrix[2][2]   -0.01039825 
_atom_sites.fract_transf_matrix[2][3]   0.00896633 
_atom_sites.fract_transf_matrix[3][1]   -0.00486728 
_atom_sites.fract_transf_matrix[3][2]   0.00954512 
_atom_sites.fract_transf_matrix[3][3]   0.02499210 
_atom_sites.fract_transf_vector[1]      -0.037248 
_atom_sites.fract_transf_vector[2]      0.012353 
_atom_sites.fract_transf_vector[3]      0.503975 
_atom_sites.solution_primary            ? 
_atom_sites.solution_secondary          ? 
_atom_sites.solution_hydrogens          ? 
_atom_sites.special_details             ? 
# 
loop_
_atom_type.symbol 
_atom_type.pdbx_scat_Z 
_atom_type.pdbx_N_electrons 
_atom_type.scat_Cromer_Mann_a1 
_atom_type.scat_Cromer_Mann_b1 
_atom_type.scat_Cromer_Mann_a2 
_atom_type.scat_Cromer_Mann_b2 
_atom_type.scat_Cromer_Mann_a3 
_atom_type.scat_Cromer_Mann_b3 
_atom_type.scat_Cromer_Mann_a4 
_atom_type.scat_Cromer_Mann_b4 
_atom_type.scat_Cromer_Mann_c 
C    6  6  2.310  20.844 1.020 10.208 1.589 0.569  0.865 51.651 0.216   
H    1  1  0.493  10.511 0.323 26.126 0.140 3.142  0.041 57.800 0.003   
N    7  7  12.222 0.006  3.135 9.893  2.014 28.997 1.167 0.583  -11.538 
O    8  8  3.049  13.277 2.287 5.701  1.546 0.324  0.867 32.909 0.251   
P    15 15 6.435  1.907  4.179 27.157 1.780 0.526  1.491 68.164 1.115   
ZN   ?  ?  ?      ?      ?     ?      ?     ?      ?     ?      ?       
ZN+2 30 28 11.972 2.995  7.386 0.203  6.467 7.083  1.394 18.099 0.781   
# 
loop_
_atom_site.group_PDB 
_atom_site.id 
_atom_site.type_symbol 
_atom_site.label_atom_id 
_atom_site.label_alt_id 
_atom_site.label_comp_id 
_atom_site.label_asym_id 
_atom_site.label_entity_id 
_atom_site.label_seq_id 
_atom_site.pdbx_PDB_ins_code 
_atom_site.Cartn_x 
_atom_site.Cartn_y 
_atom_site.Cartn_z 
_atom_site.occupancy 
_atom_site.B_iso_or_equiv 
_atom_site.pdbx_formal_charge 
_atom_site.auth_seq_id 
_atom_site.auth_comp_id 
_atom_site.auth_asym_id 
_atom_site.auth_atom_id 
_atom_site.pdbx_PDB_model_num 
ATOM   1   O  "O5'" . C   A 1 1 ? 9.868   2.017   15.840  1.000 20.778 ? 79  C   K "O5'" 1 
ATOM   2   C  "C5'" . C   A 1 1 ? 11.207  1.485   15.758  1.000 20.722 ? 79  C   K "C5'" 1 
ATOM   3   C  "C4'" . C   A 1 1 ? 11.248  0.094   16.335  1.000 19.228 ? 79  C   K "C4'" 1 
ATOM   4   O  "O4'" . C   A 1 1 ? 10.762  0.086   17.706  1.000 20.676 ? 79  C   K "O4'" 1 
ATOM   5   C  "C3'" . C   A 1 1 ? 10.339  -0.908  15.645  1.000 19.147 ? 79  C   K "C3'" 1 
ATOM   6   O  "O3'" . C   A 1 1 ? 10.879  -1.355  14.432  1.000 19.495 ? 79  C   K "O3'" 1 
ATOM   7   C  "C2'" . C   A 1 1 ? 10.265  -1.996  16.696  1.000 16.956 ? 79  C   K "C2'" 1 
ATOM   8   O  "O2'" . C   A 1 1 ? 11.449  -2.761  16.783  1.000 19.105 ? 79  C   K "O2'" 1 
ATOM   9   C  "C1'" . C   A 1 1 ? 10.103  -1.158  17.955  1.000 17.651 ? 79  C   K "C1'" 1 
ATOM   10  N  N1    . C   A 1 1 ? 8.722   -0.894  18.355  1.000 16.021 ? 79  C   K N1    1 
ATOM   11  C  C2    . C   A 1 1 ? 8.029   -1.897  19.048  1.000 15.685 ? 79  C   K C2    1 
ATOM   12  O  O2    . C   A 1 1 ? 8.571   -2.994  19.195  1.000 14.515 ? 79  C   K O2    1 
ATOM   13  N  N3    . C   A 1 1 ? 6.765   -1.656  19.469  1.000 14.166 ? 79  C   K N3    1 
ATOM   14  C  C4    . C   A 1 1 ? 6.227   -0.450  19.302  1.000 16.049 ? 79  C   K C4    1 
ATOM   15  N  N4    . C   A 1 1 ? 4.987   -0.250  19.751  1.000 14.920 ? 79  C   K N4    1 
ATOM   16  C  C5    . C   A 1 1 ? 6.880   0.560   18.539  1.000 15.511 ? 79  C   K C5    1 
ATOM   17  C  C6    . C   A 1 1 ? 8.125   0.308   18.114  1.000 15.547 ? 79  C   K C6    1 
ATOM   18  P  P     . U   A 1 2 ? 9.912   -1.690  13.167  1.000 21.103 ? 80  U   K P     1 
ATOM   19  O  OP1   . U   A 1 2 ? 10.806  -1.965  12.030  1.000 26.301 ? 80  U   K OP1   1 
ATOM   20  O  OP2   . U   A 1 2 ? 8.791   -0.745  13.092  1.000 22.862 ? 80  U   K OP2   1 
ATOM   21  O  "O5'" . U   A 1 2 ? 9.220   -3.072  13.582  1.000 20.219 ? 80  U   K "O5'" 1 
ATOM   22  C  "C5'" . U   A 1 2 ? 9.995   -4.238  13.884  1.000 20.229 ? 80  U   K "C5'" 1 
ATOM   23  C  "C4'" . U   A 1 2 ? 9.162   -5.230  14.658  1.000 19.252 ? 80  U   K "C4'" 1 
ATOM   24  O  "O4'" . U   A 1 2 ? 8.802   -4.692  15.968  1.000 19.643 ? 80  U   K "O4'" 1 
ATOM   25  C  "C3'" . U   A 1 2 ? 7.829   -5.620  14.037  1.000 19.815 ? 80  U   K "C3'" 1 
ATOM   26  O  "O3'" . U   A 1 2 ? 7.966   -6.631  13.041  1.000 20.155 ? 80  U   K "O3'" 1 
ATOM   27  C  "C2'" . U   A 1 2 ? 7.080   -6.157  15.250  1.000 19.125 ? 80  U   K "C2'" 1 
ATOM   28  O  "O2'" . U   A 1 2 ? 7.601   -7.428  15.584  1.000 20.687 ? 80  U   K "O2'" 1 
ATOM   29  C  "C1'" . U   A 1 2 ? 7.482   -5.137  16.319  1.000 18.577 ? 80  U   K "C1'" 1 
ATOM   30  N  N1    . U   A 1 2 ? 6.573   -3.977  16.424  1.000 18.116 ? 80  U   K N1    1 
ATOM   31  C  C2    . U   A 1 2 ? 5.437   -4.129  17.209  1.000 18.678 ? 80  U   K C2    1 
ATOM   32  O  O2    . U   A 1 2 ? 5.179   -5.164  17.801  1.000 21.686 ? 80  U   K O2    1 
ATOM   33  N  N3    . U   A 1 2 ? 4.627   -3.017  17.278  1.000 17.141 ? 80  U   K N3    1 
ATOM   34  C  C4    . U   A 1 2 ? 4.808   -1.808  16.633  1.000 19.753 ? 80  U   K C4    1 
ATOM   35  O  O4    . U   A 1 2 ? 4.001   -0.892  16.818  1.000 20.785 ? 80  U   K O4    1 
ATOM   36  C  C5    . U   A 1 2 ? 6.014   -1.724  15.862  1.000 17.980 ? 80  U   K C5    1 
ATOM   37  C  C6    . U   A 1 2 ? 6.816   -2.796  15.761  1.000 17.124 ? 80  U   K C6    1 
ATOM   38  P  P     . G   A 1 3 ? 6.758   -6.892  11.967  1.000 20.554 ? 81  G   K P     1 
ATOM   39  O  OP1   . G   A 1 3 ? 7.352   -7.474  10.763  1.000 20.674 ? 81  G   K OP1   1 
ATOM   40  O  OP2   . G   A 1 3 ? 5.882   -5.664  11.892  1.000 20.117 ? 81  G   K OP2   1 
ATOM   41  O  "O5'" . G   A 1 3 ? 5.755   -7.838  12.741  1.000 17.924 ? 81  G   K "O5'" 1 
ATOM   42  C  "C5'" . G   A 1 3 ? 6.059   -9.204  13.075  1.000 15.885 ? 81  G   K "C5'" 1 
ATOM   43  C  "C4'" . G   A 1 3 ? 4.810   -9.864  13.603  1.000 16.073 ? 81  G   K "C4'" 1 
ATOM   44  O  "O4'" . G   A 1 3 ? 4.443   -9.321  14.912  1.000 18.838 ? 81  G   K "O4'" 1 
ATOM   45  C  "C3'" . G   A 1 3 ? 3.542   -9.646  12.794  1.000 16.079 ? 81  G   K "C3'" 1 
ATOM   46  O  "O3'" . G   A 1 3 ? 3.497   -10.506 11.664  1.000 14.551 ? 81  G   K "O3'" 1 
ATOM   47  C  "C2'" . G   A 1 3 ? 2.480   -10.035 13.811  1.000 16.667 ? 81  G   K "C2'" 1 
ATOM   48  O  "O2'" . G   A 1 3 ? 2.367   -11.419 14.025  1.000 18.829 ? 81  G   K "O2'" 1 
ATOM   49  C  "C1'" . G   A 1 3 ? 3.024   -9.374  15.067  1.000 17.065 ? 81  G   K "C1'" 1 
ATOM   50  N  N9    . G   A 1 3 ? 2.536   -8.014  15.214  1.000 17.539 ? 81  G   K N9    1 
ATOM   51  C  C8    . G   A 1 3 ? 3.243   -6.869  14.953  1.000 15.537 ? 81  G   K C8    1 
ATOM   52  N  N7    . G   A 1 3 ? 2.575   -5.782  15.227  1.000 17.022 ? 81  G   K N7    1 
ATOM   53  C  C5    . G   A 1 3 ? 1.336   -6.240  15.652  1.000 15.829 ? 81  G   K C5    1 
ATOM   54  C  C6    . G   A 1 3 ? 0.225   -5.523  16.150  1.000 13.507 ? 81  G   K C6    1 
ATOM   55  O  O6    . G   A 1 3 ? 0.067   -4.312  16.196  1.000 15.816 ? 81  G   K O6    1 
ATOM   56  N  N1    . G   A 1 3 ? -0.804  -6.378  16.541  1.000 15.162 ? 81  G   K N1    1 
ATOM   57  C  C2    . G   A 1 3 ? -0.759  -7.738  16.485  1.000 17.207 ? 81  G   K C2    1 
ATOM   58  N  N2    . G   A 1 3 ? -1.853  -8.384  16.915  1.000 16.979 ? 81  G   K N2    1 
ATOM   59  N  N3    . G   A 1 3 ? 0.313   -8.423  16.111  1.000 17.132 ? 81  G   K N3    1 
ATOM   60  C  C4    . G   A 1 3 ? 1.319   -7.612  15.719  1.000 15.767 ? 81  G   K C4    1 
ATOM   61  P  P     . G   A 1 4 ? 2.758   -10.108 10.338  1.000 14.630 ? 82  G   K P     1 
ATOM   62  O  OP1   . G   A 1 4 ? 3.109   -11.178 9.345   1.000 15.893 ? 82  G   K OP1   1 
ATOM   63  O  OP2   . G   A 1 4 ? 3.025   -8.709  10.041  1.000 15.547 ? 82  G   K OP2   1 
ATOM   64  O  "O5'" . G   A 1 4 ? 1.207   -10.129 10.716  1.000 15.171 ? 82  G   K "O5'" 1 
ATOM   65  C  "C5'" . G   A 1 4 ? 0.535   -11.323 11.027  1.000 14.540 ? 82  G   K "C5'" 1 
ATOM   66  C  "C4'" . G   A 1 4 ? -0.791  -11.021 11.690  1.000 14.135 ? 82  G   K "C4'" 1 
ATOM   67  O  "O4'" . G   A 1 4 ? -0.564  -10.198 12.867  1.000 14.979 ? 82  G   K "O4'" 1 
ATOM   68  C  "C3'" . G   A 1 4 ? -1.831  -10.243 10.899  1.000 15.567 ? 82  G   K "C3'" 1 
ATOM   69  O  "O3'" . G   A 1 4 ? -2.562  -11.136 10.075  1.000 14.677 ? 82  G   K "O3'" 1 
ATOM   70  C  "C2'" . G   A 1 4 ? -2.718  -9.732  12.020  1.000 14.760 ? 82  G   K "C2'" 1 
ATOM   71  O  "O2'" . G   A 1 4 ? -3.474  -10.780 12.593  1.000 16.442 ? 82  G   K "O2'" 1 
ATOM   72  C  "C1'" . G   A 1 4 ? -1.659  -9.301  13.024  1.000 14.042 ? 82  G   K "C1'" 1 
ATOM   73  N  N9    . G   A 1 4 ? -1.185  -7.933  12.816  1.000 13.024 ? 82  G   K N9    1 
ATOM   74  C  C8    . G   A 1 4 ? -0.015  -7.508  12.229  1.000 13.887 ? 82  G   K C8    1 
ATOM   75  N  N7    . G   A 1 4 ? 0.112   -6.205  12.225  1.000 13.404 ? 82  G   K N7    1 
ATOM   76  C  C5    . G   A 1 4 ? -1.014  -5.750  12.902  1.000 13.190 ? 82  G   K C5    1 
ATOM   77  C  C6    . G   A 1 4 ? -1.418  -4.431  13.216  1.000 13.830 ? 82  G   K C6    1 
ATOM   78  O  O6    . G   A 1 4 ? -0.797  -3.378  13.039  1.000 15.024 ? 82  G   K O6    1 
ATOM   79  N  N1    . G   A 1 4 ? -2.671  -4.405  13.825  1.000 13.768 ? 82  G   K N1    1 
ATOM   80  C  C2    . G   A 1 4 ? -3.434  -5.517  14.101  1.000 13.262 ? 82  G   K C2    1 
ATOM   81  N  N2    . G   A 1 4 ? -4.616  -5.279  14.678  1.000 13.314 ? 82  G   K N2    1 
ATOM   82  N  N3    . G   A 1 4 ? -3.062  -6.767  13.815  1.000 14.569 ? 82  G   K N3    1 
ATOM   83  C  C4    . G   A 1 4 ? -1.848  -6.803  13.227  1.000 13.739 ? 82  G   K C4    1 
ATOM   84  P  P     . G   A 1 5 ? -3.250  -10.641 8.753   1.000 18.014 ? 83  G   K P     1 
ATOM   85  O  OP1   . G   A 1 5 ? -3.868  -11.860 8.124   1.000 19.504 ? 83  G   K OP1   1 
ATOM   86  O  OP2   . G   A 1 5 ? -2.262  -9.819  8.000   1.000 19.212 ? 83  G   K OP2   1 
ATOM   87  O  "O5'" . G   A 1 5 ? -4.453  -9.740  9.245   1.000 18.822 ? 83  G   K "O5'" 1 
ATOM   88  C  "C5'" . G   A 1 5 ? -5.574  -10.330 9.928   1.000 18.453 ? 83  G   K "C5'" 1 
ATOM   89  C  "C4'" . G   A 1 5 ? -6.537  -9.280  10.433  1.000 18.728 ? 83  G   K "C4'" 1 
ATOM   90  O  "O4'" . G   A 1 5 ? -5.956  -8.495  11.520  1.000 18.043 ? 83  G   K "O4'" 1 
ATOM   91  C  "C3'" . G   A 1 5 ? -7.027  -8.241  9.429   1.000 18.226 ? 83  G   K "C3'" 1 
ATOM   92  O  "O3'" . G   A 1 5 ? -8.102  -8.748  8.665   1.000 17.777 ? 83  G   K "O3'" 1 
ATOM   93  C  "C2'" . G   A 1 5 ? -7.520  -7.149  10.365  1.000 16.999 ? 83  G   K "C2'" 1 
ATOM   94  O  "O2'" . G   A 1 5 ? -8.722  -7.405  11.055  1.000 16.974 ? 83  G   K "O2'" 1 
ATOM   95  C  "C1'" . G   A 1 5 ? -6.397  -7.138  11.392  1.000 16.215 ? 83  G   K "C1'" 1 
ATOM   96  N  N9    . G   A 1 5 ? -5.252  -6.319  11.010  1.000 14.193 ? 83  G   K N9    1 
ATOM   97  C  C8    . G   A 1 5 ? -4.054  -6.750  10.501  1.000 15.526 ? 83  G   K C8    1 
ATOM   98  N  N7    . G   A 1 5 ? -3.201  -5.781  10.304  1.000 16.596 ? 83  G   K N7    1 
ATOM   99  C  C5    . G   A 1 5 ? -3.866  -4.645  10.741  1.000 12.919 ? 83  G   K C5    1 
ATOM   100 C  C6    . G   A 1 5 ? -3.441  -3.294  10.790  1.000 12.717 ? 83  G   K C6    1 
ATOM   101 O  O6    . G   A 1 5 ? -2.358  -2.817  10.449  1.000 15.286 ? 83  G   K O6    1 
ATOM   102 N  N1    . G   A 1 5 ? -4.444  -2.454  11.264  1.000 13.593 ? 83  G   K N1    1 
ATOM   103 C  C2    . G   A 1 5 ? -5.697  -2.859  11.644  1.000 13.262 ? 83  G   K C2    1 
ATOM   104 N  N2    . G   A 1 5 ? -6.524  -1.888  12.054  1.000 13.608 ? 83  G   K N2    1 
ATOM   105 N  N3    . G   A 1 5 ? -6.114  -4.122  11.588  1.000 14.296 ? 83  G   K N3    1 
ATOM   106 C  C4    . G   A 1 5 ? -5.147  -4.954  11.147  1.000 13.353 ? 83  G   K C4    1 
ATOM   107 P  P     . C   A 1 6 ? -8.332  -8.292  7.186   1.000 20.255 ? 84  C   K P     1 
ATOM   108 O  OP1   . C   A 1 6 ? -9.518  -9.056  6.688   1.000 21.500 ? 84  C   K OP1   1 
ATOM   109 O  OP2   . C   A 1 6 ? -7.067  -8.444  6.453   1.000 18.593 ? 84  C   K OP2   1 
ATOM   110 O  "O5'" . C   A 1 6 ? -8.690  -6.747  7.292   1.000 20.110 ? 84  C   K "O5'" 1 
ATOM   111 C  "C5'" . C   A 1 6 ? -9.944  -6.320  7.856   1.000 20.450 ? 84  C   K "C5'" 1 
ATOM   112 C  "C4'" . C   A 1 6 ? -9.978  -4.821  8.075   1.000 20.925 ? 84  C   K "C4'" 1 
ATOM   113 O  "O4'" . C   A 1 6 ? -8.979  -4.457  9.056   1.000 19.046 ? 84  C   K "O4'" 1 
ATOM   114 C  "C3'" . C   A 1 6 ? -9.642  -3.914  6.901   1.000 20.712 ? 84  C   K "C3'" 1 
ATOM   115 O  "O3'" . C   A 1 6 ? -10.691 -3.842  5.955   1.000 22.314 ? 84  C   K "O3'" 1 
ATOM   116 C  "C2'" . C   A 1 6 ? -9.353  -2.605  7.629   1.000 18.532 ? 84  C   K "C2'" 1 
ATOM   117 O  "O2'" . C   A 1 6 ? -10.453 -1.920  8.165   1.000 22.400 ? 84  C   K "O2'" 1 
ATOM   118 C  "C1'" . C   A 1 6 ? -8.531  -3.133  8.805   1.000 18.337 ? 84  C   K "C1'" 1 
ATOM   119 N  N1    . C   A 1 6 ? -7.127  -3.197  8.435   1.000 16.052 ? 84  C   K N1    1 
ATOM   120 C  C2    . C   A 1 6 ? -6.413  -2.007  8.450   1.000 16.546 ? 84  C   K C2    1 
ATOM   121 O  O2    . C   A 1 6 ? -6.980  -0.984  8.858   1.000 18.620 ? 84  C   K O2    1 
ATOM   122 N  N3    . C   A 1 6 ? -5.114  -2.013  8.075   1.000 13.881 ? 84  C   K N3    1 
ATOM   123 C  C4    . C   A 1 6 ? -4.554  -3.147  7.639   1.000 15.386 ? 84  C   K C4    1 
ATOM   124 N  N4    . C   A 1 6 ? -3.276  -3.126  7.290   1.000 16.274 ? 84  C   K N4    1 
ATOM   125 C  C5    . C   A 1 6 ? -5.277  -4.372  7.592   1.000 15.544 ? 84  C   K C5    1 
ATOM   126 C  C6    . C   A 1 6 ? -6.557  -4.339  7.955   1.000 15.409 ? 84  C   K C6    1 
ATOM   127 P  P     . G   A 1 7 ? -10.446 -3.430  4.442   1.000 23.536 ? 85  G   K P     1 
ATOM   128 O  OP1   . G   A 1 7 ? -11.756 -3.581  3.744   1.000 26.743 ? 85  G   K OP1   1 
ATOM   129 O  OP2   . G   A 1 7 ? -9.221  -4.026  3.899   1.000 23.000 ? 85  G   K OP2   1 
ATOM   130 O  "O5'" . G   A 1 7 ? -9.985  -1.895  4.526   1.000 22.399 ? 85  G   K "O5'" 1 
ATOM   131 C  "C5'" . G   A 1 7 ? -10.886 -0.853  4.880   1.000 20.216 ? 85  G   K "C5'" 1 
ATOM   132 C  "C4'" . G   A 1 7 ? -10.167 0.466   4.822   1.000 19.328 ? 85  G   K "C4'" 1 
ATOM   133 O  "O4'" . G   A 1 7 ? -9.100  0.458   5.802   1.000 17.748 ? 85  G   K "O4'" 1 
ATOM   134 C  "C3'" . G   A 1 7 ? -9.436  0.821   3.541   1.000 19.069 ? 85  G   K "C3'" 1 
ATOM   135 O  "O3'" . G   A 1 7 ? -10.305 1.310   2.552   1.000 16.988 ? 85  G   K "O3'" 1 
ATOM   136 C  "C2'" . G   A 1 7 ? -8.506  1.903   4.039   1.000 17.118 ? 85  G   K "C2'" 1 
ATOM   137 O  "O2'" . G   A 1 7 ? -9.237  3.095   4.297   1.000 16.623 ? 85  G   K "O2'" 1 
ATOM   138 C  "C1'" . G   A 1 7 ? -8.040  1.252   5.339   1.000 17.548 ? 85  G   K "C1'" 1 
ATOM   139 N  N9    . G   A 1 7 ? -6.886  0.396   5.133   1.000 17.539 ? 85  G   K N9    1 
ATOM   140 C  C8    . G   A 1 7 ? -6.823  -0.970  5.000   1.000 17.525 ? 85  G   K C8    1 
ATOM   141 N  N7    . G   A 1 7 ? -5.606  -1.410  4.821   1.000 19.003 ? 85  G   K N7    1 
ATOM   142 C  C5    . G   A 1 7 ? -4.824  -0.264  4.831   1.000 16.911 ? 85  G   K C5    1 
ATOM   143 C  C6    . G   A 1 7 ? -3.425  -0.107  4.708   1.000 17.986 ? 85  G   K C6    1 
ATOM   144 O  O6    . G   A 1 7 ? -2.562  -0.980  4.514   1.000 19.400 ? 85  G   K O6    1 
ATOM   145 N  N1    . G   A 1 7 ? -3.058  1.232   4.749   1.000 16.678 ? 85  G   K N1    1 
ATOM   146 C  C2    . G   A 1 7 ? -3.923  2.288   4.912   1.000 18.093 ? 85  G   K C2    1 
ATOM   147 N  N2    . G   A 1 7 ? -3.384  3.509   4.930   1.000 18.449 ? 85  G   K N2    1 
ATOM   148 N  N3    . G   A 1 7 ? -5.227  2.151   5.060   1.000 17.914 ? 85  G   K N3    1 
ATOM   149 C  C4    . G   A 1 7 ? -5.605  0.859   4.995   1.000 16.198 ? 85  G   K C4    1 
ATOM   150 P  P     . G   A 1 8 ? -10.095 0.910   1.051   1.000 17.082 ? 86  G   K P     1 
ATOM   151 O  OP1   . G   A 1 8 ? -11.284 1.436   0.312   1.000 20.100 ? 86  G   K OP1   1 
ATOM   152 O  OP2   . G   A 1 8 ? -9.739  -0.530  0.964   1.000 19.603 ? 86  G   K OP2   1 
ATOM   153 O  "O5'" . G   A 1 8 ? -8.797  1.724   0.654   1.000 16.168 ? 86  G   K "O5'" 1 
ATOM   154 C  "C5'" . G   A 1 8 ? -8.957  3.130   0.539   1.000 15.366 ? 86  G   K "C5'" 1 
ATOM   155 C  "C4'" . G   A 1 8 ? -7.638  3.817   0.361   1.000 15.751 ? 86  G   K "C4'" 1 
ATOM   156 O  "O4'" . G   A 1 8 ? -6.766  3.504   1.473   1.000 14.325 ? 86  G   K "O4'" 1 
ATOM   157 C  "C3'" . G   A 1 8 ? -6.804  3.443   -0.844  1.000 15.704 ? 86  G   K "C3'" 1 
ATOM   158 O  "O3'" . G   A 1 8 ? -7.304  4.042   -2.038  1.000 18.330 ? 86  G   K "O3'" 1 
ATOM   159 C  "C2'" . G   A 1 8 ? -5.471  4.017   -0.431  1.000 15.416 ? 86  G   K "C2'" 1 
ATOM   160 O  "O2'" . G   A 1 8 ? -5.417  5.430   -0.525  1.000 15.052 ? 86  G   K "O2'" 1 
ATOM   161 C  "C1'" . G   A 1 8 ? -5.416  3.581   1.039   1.000 14.130 ? 86  G   K "C1'" 1 
ATOM   162 N  N9    . G   A 1 8 ? -4.798  2.262   1.209   1.000 14.705 ? 86  G   K N9    1 
ATOM   163 C  C8    . G   A 1 8 ? -5.443  1.049   1.299   1.000 15.652 ? 86  G   K C8    1 
ATOM   164 N  N7    . G   A 1 8 ? -4.623  0.035   1.387   1.000 15.476 ? 86  G   K N7    1 
ATOM   165 C  C5    . G   A 1 8 ? -3.363  0.611   1.358   1.000 14.309 ? 86  G   K C5    1 
ATOM   166 C  C6    . G   A 1 8 ? -2.087  0.017   1.463   1.000 14.921 ? 86  G   K C6    1 
ATOM   167 O  O6    . G   A 1 8 ? -1.808  -1.186  1.523   1.000 16.159 ? 86  G   K O6    1 
ATOM   168 N  N1    . G   A 1 8 ? -1.070  0.964   1.354   1.000 13.764 ? 86  G   K N1    1 
ATOM   169 C  C2    . G   A 1 8 ? -1.263  2.326   1.252   1.000 15.401 ? 86  G   K C2    1 
ATOM   170 N  N2    . G   A 1 8 ? -0.161  3.084   1.198   1.000 15.462 ? 86  G   K N2    1 
ATOM   171 N  N3    . G   A 1 8 ? -2.455  2.897   1.189   1.000 14.459 ? 86  G   K N3    1 
ATOM   172 C  C4    . G   A 1 8 ? -3.454  1.990   1.255   1.000 13.860 ? 86  G   K C4    1 
ATOM   173 O  "O5'" . C   B 2 1 ? 7.216   -1.620  3.631   1.000 19.843 ? 90  C   L "O5'" 1 
ATOM   174 C  "C5'" . C   B 2 1 ? 8.033   -0.519  3.151   1.000 18.514 ? 90  C   L "C5'" 1 
ATOM   175 C  "C4'" . C   B 2 1 ? 7.176   0.662   2.738   1.000 20.161 ? 90  C   L "C4'" 1 
ATOM   176 O  "O4'" . C   B 2 1 ? 6.206   0.300   1.725   1.000 19.323 ? 90  C   L "O4'" 1 
ATOM   177 C  "C3'" . C   B 2 1 ? 6.315   1.297   3.813   1.000 19.158 ? 90  C   L "C3'" 1 
ATOM   178 O  "O3'" . C   B 2 1 ? 7.097   2.133   4.628   1.000 19.947 ? 90  C   L "O3'" 1 
ATOM   179 C  "C2'" . C   B 2 1 ? 5.335   2.104   2.980   1.000 17.818 ? 90  C   L "C2'" 1 
ATOM   180 O  "O2'" . C   B 2 1 ? 5.870   3.293   2.427   1.000 17.432 ? 90  C   L "O2'" 1 
ATOM   181 C  "C1'" . C   B 2 1 ? 5.058   1.117   1.853   1.000 17.066 ? 90  C   L "C1'" 1 
ATOM   182 N  N1    . C   B 2 1 ? 3.927   0.230   2.057   1.000 17.309 ? 90  C   L N1    1 
ATOM   183 C  C2    . C   B 2 1 ? 2.644   0.709   1.783   1.000 15.870 ? 90  C   L C2    1 
ATOM   184 O  O2    . C   B 2 1 ? 2.500   1.915   1.513   1.000 17.986 ? 90  C   L O2    1 
ATOM   185 N  N3    . C   B 2 1 ? 1.593   -0.131  1.886   1.000 15.516 ? 90  C   L N3    1 
ATOM   186 C  C4    . C   B 2 1 ? 1.791   -1.414  2.200   1.000 15.674 ? 90  C   L C4    1 
ATOM   187 N  N4    . C   B 2 1 ? 0.727   -2.210  2.286   1.000 15.689 ? 90  C   L N4    1 
ATOM   188 C  C5    . C   B 2 1 ? 3.082   -1.918  2.528   1.000 17.369 ? 90  C   L C5    1 
ATOM   189 C  C6    . C   B 2 1 ? 4.117   -1.075  2.416   1.000 16.084 ? 90  C   L C6    1 
ATOM   190 P  P     . C   B 2 2 ? 6.738   2.308   6.180   1.000 19.641 ? 91  C   L P     1 
ATOM   191 O  OP1   . C   B 2 2 ? 7.863   3.041   6.805   1.000 24.115 ? 91  C   L OP1   1 
ATOM   192 O  OP2   . C   B 2 2 ? 6.243   1.017   6.737   1.000 21.245 ? 91  C   L OP2   1 
ATOM   193 O  "O5'" . C   B 2 2 ? 5.454   3.254   6.129   1.000 18.545 ? 91  C   L "O5'" 1 
ATOM   194 C  "C5'" . C   B 2 2 ? 5.520   4.591   5.661   1.000 18.596 ? 91  C   L "C5'" 1 
ATOM   195 C  "C4'" . C   B 2 2 ? 4.109   5.126   5.479   1.000 18.585 ? 91  C   L "C4'" 1 
ATOM   196 O  "O4'" . C   B 2 2 ? 3.430   4.418   4.408   1.000 18.498 ? 91  C   L "O4'" 1 
ATOM   197 C  "C3'" . C   B 2 2 ? 3.135   4.949   6.637   1.000 18.036 ? 91  C   L "C3'" 1 
ATOM   198 O  "O3'" . C   B 2 2 ? 3.342   5.969   7.575   1.000 18.774 ? 91  C   L "O3'" 1 
ATOM   199 C  "C2'" . C   B 2 2 ? 1.824   5.234   5.925   1.000 18.436 ? 91  C   L "C2'" 1 
ATOM   200 O  "O2'" . C   B 2 2 ? 1.674   6.574   5.536   1.000 18.905 ? 91  C   L "O2'" 1 
ATOM   201 C  "C1'" . C   B 2 2 ? 2.023   4.422   4.655   1.000 17.968 ? 91  C   L "C1'" 1 
ATOM   202 N  N1    . C   B 2 2 ? 1.555   3.047   4.807   1.000 18.466 ? 91  C   L N1    1 
ATOM   203 C  C2    . C   B 2 2 ? 0.193   2.788   4.617   1.000 15.852 ? 91  C   L C2    1 
ATOM   204 O  O2    . C   B 2 2 ? -0.574  3.745   4.431   1.000 17.670 ? 91  C   L O2    1 
ATOM   205 N  N3    . C   B 2 2 ? -0.264  1.527   4.761   1.000 18.786 ? 91  C   L N3    1 
ATOM   206 C  C4    . C   B 2 2 ? 0.593   0.531   5.004   1.000 17.410 ? 91  C   L C4    1 
ATOM   207 N  N4    . C   B 2 2 ? 0.102   -0.704  5.137   1.000 18.912 ? 91  C   L N4    1 
ATOM   208 C  C5    . C   B 2 2 ? 1.982   0.768   5.213   1.000 18.962 ? 91  C   L C5    1 
ATOM   209 C  C6    . C   B 2 2 ? 2.415   2.031   5.099   1.000 16.944 ? 91  C   L C6    1 
ATOM   210 P  P     . G   B 2 3 ? 2.967   5.791   9.085   1.000 17.837 ? 92  G   L P     1 
ATOM   211 O  OP1   . G   B 2 3 ? 3.609   6.946   9.752   1.000 17.915 ? 92  G   L OP1   1 
ATOM   212 O  OP2   . G   B 2 3 ? 3.220   4.409   9.495   1.000 20.065 ? 92  G   L OP2   1 
ATOM   213 O  "O5'" . G   B 2 3 ? 1.377   5.903   9.084   1.000 15.949 ? 92  G   L "O5'" 1 
ATOM   214 C  "C5'" . G   B 2 3 ? 0.748   7.147   8.794   1.000 16.612 ? 92  G   L "C5'" 1 
ATOM   215 C  "C4'" . G   B 2 3 ? -0.732  6.980   8.888   1.000 16.181 ? 92  G   L "C4'" 1 
ATOM   216 O  "O4'" . G   B 2 3 ? -1.202  6.122   7.815   1.000 16.220 ? 92  G   L "O4'" 1 
ATOM   217 C  "C3'" . G   B 2 3 ? -1.197  6.272   10.156  1.000 15.135 ? 92  G   L "C3'" 1 
ATOM   218 O  "O3'" . G   B 2 3 ? -1.301  7.146   11.261  1.000 14.179 ? 92  G   L "O3'" 1 
ATOM   219 C  "C2'" . G   B 2 3 ? -2.556  5.755   9.723   1.000 16.017 ? 92  G   L "C2'" 1 
ATOM   220 O  "O2'" . G   B 2 3 ? -3.529  6.763   9.712   1.000 17.959 ? 92  G   L "O2'" 1 
ATOM   221 C  "C1'" . G   B 2 3 ? -2.246  5.274   8.306   1.000 16.128 ? 92  G   L "C1'" 1 
ATOM   222 N  N9    . G   B 2 3 ? -1.814  3.881   8.213   1.000 15.024 ? 92  G   L N9    1 
ATOM   223 C  C8    . G   B 2 3 ? -0.532  3.395   8.126   1.000 14.541 ? 92  G   L C8    1 
ATOM   224 N  N7    . G   B 2 3 ? -0.482  2.093   8.050   1.000 15.691 ? 92  G   L N7    1 
ATOM   225 C  C5    . G   B 2 3 ? -1.811  1.696   8.071   1.000 14.688 ? 92  G   L C5    1 
ATOM   226 C  C6    . G   B 2 3 ? -2.388  0.393   8.038   1.000 13.987 ? 92  G   L C6    1 
ATOM   227 O  O6    . G   B 2 3 ? -1.829  -0.697  7.888   1.000 15.949 ? 92  G   L O6    1 
ATOM   228 N  N1    . G   B 2 3 ? -3.767  0.445   8.138   1.000 14.327 ? 92  G   L N1    1 
ATOM   229 C  C2    . G   B 2 3 ? -4.505  1.588   8.273   1.000 14.045 ? 92  G   L C2    1 
ATOM   230 N  N2    . G   B 2 3 ? -5.824  1.421   8.344   1.000 17.701 ? 92  G   L N2    1 
ATOM   231 N  N3    . G   B 2 3 ? -3.987  2.811   8.291   1.000 15.604 ? 92  G   L N3    1 
ATOM   232 C  C4    . G   B 2 3 ? -2.642  2.784   8.219   1.000 14.051 ? 92  G   L C4    1 
ATOM   233 P  P     . C   B 2 4 ? -1.135  6.648   12.742  1.000 13.923 ? 93  C   L P     1 
ATOM   234 O  OP1   . C   B 2 4 ? -1.005  7.870   13.555  1.000 13.997 ? 93  C   L OP1   1 
ATOM   235 O  OP2   . C   B 2 4 ? -0.013  5.659   12.799  1.000 15.018 ? 93  C   L OP2   1 
ATOM   236 O  "O5'" . C   B 2 4 ? -2.485  5.839   13.010  1.000 13.471 ? 93  C   L "O5'" 1 
ATOM   237 C  "C5'" . C   B 2 4 ? -3.738  6.548   13.098  1.000 13.006 ? 93  C   L "C5'" 1 
ATOM   238 C  "C4'" . C   B 2 4 ? -4.907  5.590   13.017  1.000 13.193 ? 93  C   L "C4'" 1 
ATOM   239 O  "O4'" . C   B 2 4 ? -4.847  4.797   11.797  1.000 13.054 ? 93  C   L "O4'" 1 
ATOM   240 C  "C3'" . C   B 2 4 ? -5.031  4.556   14.126  1.000 13.559 ? 93  C   L "C3'" 1 
ATOM   241 O  "O3'" . C   B 2 4 ? -5.607  5.102   15.289  1.000 13.444 ? 93  C   L "O3'" 1 
ATOM   242 C  "C2'" . C   B 2 4 ? -5.959  3.552   13.468  1.000 12.984 ? 93  C   L "C2'" 1 
ATOM   243 O  "O2'" . C   B 2 4 ? -7.298  4.035   13.368  1.000 14.384 ? 93  C   L "O2'" 1 
ATOM   244 C  "C1'" . C   B 2 4 ? -5.359  3.492   12.067  1.000 12.671 ? 93  C   L "C1'" 1 
ATOM   245 N  N1    . C   B 2 4 ? -4.280  2.505   11.906  1.000 13.245 ? 93  C   L N1    1 
ATOM   246 C  C2    . C   B 2 4 ? -4.657  1.163   11.742  1.000 13.041 ? 93  C   L C2    1 
ATOM   247 O  O2    . C   B 2 4 ? -5.859  0.860   11.835  1.000 14.933 ? 93  C   L O2    1 
ATOM   248 N  N3    . C   B 2 4 ? -3.708  0.232   11.516  1.000 14.803 ? 93  C   L N3    1 
ATOM   249 C  C4    . C   B 2 4 ? -2.431  0.586   11.449  1.000 13.670 ? 93  C   L C4    1 
ATOM   250 N  N4    . C   B 2 4 ? -1.541  -0.373  11.198  1.000 16.778 ? 93  C   L N4    1 
ATOM   251 C  C5    . C   B 2 4 ? -2.009  1.935   11.657  1.000 13.408 ? 93  C   L C5    1 
ATOM   252 C  C6    . C   B 2 4 ? -2.956  2.853   11.894  1.000 14.085 ? 93  C   L C6    1 
ATOM   253 P  P     . C   B 2 5 ? -5.320  4.485   16.727  1.000 14.233 ? 94  C   L P     1 
ATOM   254 O  OP1   . C   B 2 5 ? -6.043  5.331   17.703  1.000 16.426 ? 94  C   L OP1   1 
ATOM   255 O  OP2   . C   B 2 5 ? -3.840  4.225   16.880  1.000 15.165 ? 94  C   L OP2   1 
ATOM   256 O  "O5'" . C   B 2 5 ? -6.000  3.056   16.704  1.000 14.216 ? 94  C   L "O5'" 1 
ATOM   257 C  "C5'" . C   B 2 5 ? -7.436  2.927   16.694  1.000 12.888 ? 94  C   L "C5'" 1 
ATOM   258 C  "C4'" . C   B 2 5 ? -7.805  1.462   16.557  1.000 13.864 ? 94  C   L "C4'" 1 
ATOM   259 O  "O4'" . C   B 2 5 ? -7.354  0.913   15.273  1.000 14.184 ? 94  C   L "O4'" 1 
ATOM   260 C  "C3'" . C   B 2 5 ? -7.219  0.495   17.574  1.000 13.399 ? 94  C   L "C3'" 1 
ATOM   261 O  "O3'" . C   B 2 5 ? -7.894  0.579   18.810  1.000 13.286 ? 94  C   L "O3'" 1 
ATOM   262 C  "C2'" . C   B 2 5 ? -7.396  -0.827  16.854  1.000 13.944 ? 94  C   L "C2'" 1 
ATOM   263 O  "O2'" . C   B 2 5 ? -8.740  -1.260  16.785  1.000 14.189 ? 94  C   L "O2'" 1 
ATOM   264 C  "C1'" . C   B 2 5 ? -6.952  -0.432  15.454  1.000 14.524 ? 94  C   L "C1'" 1 
ATOM   265 N  N1    . C   B 2 5 ? -5.483  -0.515  15.241  1.000 14.105 ? 94  C   L N1    1 
ATOM   266 C  C2    . C   B 2 5 ? -4.915  -1.749  14.934  1.000 13.852 ? 94  C   L C2    1 
ATOM   267 O  O2    . C   B 2 5 ? -5.619  -2.765  14.962  1.000 15.678 ? 94  C   L O2    1 
ATOM   268 N  N3    . C   B 2 5 ? -3.593  -1.815  14.667  1.000 13.502 ? 94  C   L N3    1 
ATOM   269 C  C4    . C   B 2 5 ? -2.859  -0.709  14.660  1.000 13.805 ? 94  C   L C4    1 
ATOM   270 N  N4    . C   B 2 5 ? -1.560  -0.834  14.387  1.000 14.971 ? 94  C   L N4    1 
ATOM   271 C  C5    . C   B 2 5 ? -3.398  0.549   15.017  1.000 13.755 ? 94  C   L C5    1 
ATOM   272 C  C6    . C   B 2 5 ? -4.709  0.608   15.267  1.000 13.693 ? 94  C   L C6    1 
ATOM   273 P  P     . U   B 2 6 ? -7.129  0.472   20.164  1.000 14.357 ? 95  U   L P     1 
ATOM   274 O  OP1   . U   B 2 6 ? -8.085  0.898   21.203  1.000 15.818 ? 95  U   L OP1   1 
ATOM   275 O  OP2   . U   B 2 6 ? -5.825  1.224   20.059  1.000 15.353 ? 95  U   L OP2   1 
ATOM   276 O  "O5'" . U   B 2 6 ? -6.706  -1.064  20.235  1.000 14.440 ? 95  U   L "O5'" 1 
ATOM   277 C  "C5'" . U   B 2 6 ? -7.676  -2.098  20.257  1.000 14.576 ? 95  U   L "C5'" 1 
ATOM   278 C  "C4'" . U   B 2 6 ? -7.060  -3.430  19.881  1.000 14.143 ? 95  U   L "C4'" 1 
ATOM   279 O  "O4'" . U   B 2 6 ? -6.579  -3.385  18.499  1.000 15.277 ? 95  U   L "O4'" 1 
ATOM   280 C  "C3'" . U   B 2 6 ? -5.832  -3.856  20.672  1.000 13.846 ? 95  U   L "C3'" 1 
ATOM   281 O  "O3'" . U   B 2 6 ? -6.207  -4.381  21.939  1.000 15.422 ? 95  U   L "O3'" 1 
ATOM   282 C  "C2'" . U   B 2 6 ? -5.222  -4.870  19.728  1.000 14.093 ? 95  U   L "C2'" 1 
ATOM   283 O  "O2'" . U   B 2 6 ? -5.975  -6.061  19.677  1.000 15.563 ? 95  U   L "O2'" 1 
ATOM   284 C  "C1'" . U   B 2 6 ? -5.363  -4.136  18.402  1.000 13.589 ? 95  U   L "C1'" 1 
ATOM   285 N  N1    . U   B 2 6 ? -4.224  -3.240  18.152  1.000 14.329 ? 95  U   L N1    1 
ATOM   286 C  C2    . U   B 2 6 ? -3.089  -3.849  17.656  1.000 14.251 ? 95  U   L C2    1 
ATOM   287 O  O2    . U   B 2 6 ? -3.030  -5.041  17.453  1.000 15.663 ? 95  U   L O2    1 
ATOM   288 N  N3    . U   B 2 6 ? -2.034  -3.004  17.423  1.000 14.723 ? 95  U   L N3    1 
ATOM   289 C  C4    . U   B 2 6 ? -1.983  -1.652  17.638  1.000 15.550 ? 95  U   L C4    1 
ATOM   290 O  O4    . U   B 2 6 ? -0.944  -1.034  17.385  1.000 17.376 ? 95  U   L O4    1 
ATOM   291 C  C5    . U   B 2 6 ? -3.189  -1.090  18.172  1.000 13.584 ? 95  U   L C5    1 
ATOM   292 C  C6    . U   B 2 6 ? -4.248  -1.887  18.400  1.000 14.867 ? 95  U   L C6    1 
ATOM   293 P  P     . G   B 2 7 ? -5.240  -4.382  23.171  1.000 16.036 ? 96  G   L P     1 
ATOM   294 O  OP1   . G   B 2 7 ? -6.024  -4.831  24.365  1.000 18.600 ? 96  G   L OP1   1 
ATOM   295 O  OP2   . G   B 2 7 ? -4.479  -3.112  23.232  1.000 18.082 ? 96  G   L OP2   1 
ATOM   296 O  "O5'" . G   B 2 7 ? -4.134  -5.469  22.783  1.000 14.254 ? 96  G   L "O5'" 1 
ATOM   297 C  "C5'" . G   B 2 7 ? -4.515  -6.855  22.726  1.000 15.010 ? 96  G   L "C5'" 1 
ATOM   298 C  "C4'" . G   B 2 7 ? -3.425  -7.702  22.114  1.000 15.198 ? 96  G   L "C4'" 1 
ATOM   299 O  "O4'" . G   B 2 7 ? -3.096  -7.250  20.770  1.000 14.492 ? 96  G   L "O4'" 1 
ATOM   300 C  "C3'" . G   B 2 7 ? -2.069  -7.665  22.803  1.000 15.919 ? 96  G   L "C3'" 1 
ATOM   301 O  "O3'" . G   B 2 7 ? -2.161  -8.371  24.029  1.000 16.332 ? 96  G   L "O3'" 1 
ATOM   302 C  "C2'" . G   B 2 7 ? -1.207  -8.313  21.734  1.000 15.741 ? 96  G   L "C2'" 1 
ATOM   303 O  "O2'" . G   B 2 7 ? -1.430  -9.702  21.554  1.000 18.826 ? 96  G   L "O2'" 1 
ATOM   304 C  "C1'" . G   B 2 7 ? -1.722  -7.561  20.506  1.000 15.254 ? 96  G   L "C1'" 1 
ATOM   305 N  N9    . G   B 2 7 ? -0.968  -6.331  20.248  1.000 15.707 ? 96  G   L N9    1 
ATOM   306 C  C8    . G   B 2 7 ? -1.338  -5.021  20.442  1.000 16.594 ? 96  G   L C8    1 
ATOM   307 N  N7    . G   B 2 7 ? -0.423  -4.166  20.054  1.000 16.444 ? 96  G   L N7    1 
ATOM   308 C  C5    . G   B 2 7 ? 0.616   -4.965  19.589  1.000 17.009 ? 96  G   L C5    1 
ATOM   309 C  C6    . G   B 2 7 ? 1.893   -4.618  19.055  1.000 16.369 ? 96  G   L C6    1 
ATOM   310 O  O6    . G   B 2 7 ? 2.366   -3.500  18.863  1.000 20.650 ? 96  G   L O6    1 
ATOM   311 N  N1    . G   B 2 7 ? 2.648   -5.747  18.754  1.000 16.785 ? 96  G   L N1    1 
ATOM   312 C  C2    . G   B 2 7 ? 2.234   -7.044  18.915  1.000 16.847 ? 96  G   L C2    1 
ATOM   313 N  N2    . G   B 2 7 ? 3.102   -8.000  18.532  1.000 17.232 ? 96  G   L N2    1 
ATOM   314 N  N3    . G   B 2 7 ? 1.046   -7.382  19.395  1.000 16.751 ? 96  G   L N3    1 
ATOM   315 C  C4    . G   B 2 7 ? 0.308   -6.304  19.737  1.000 14.406 ? 96  G   L C4    1 
ATOM   316 P  P     . G   B 2 8 ? -1.455  -7.856  25.355  1.000 16.959 ? 97  G   L P     1 
ATOM   317 O  OP1   . G   B 2 8 ? -1.827  -8.827  26.399  1.000 18.707 ? 97  G   L OP1   1 
ATOM   318 O  OP2   . G   B 2 8 ? -1.650  -6.424  25.545  1.000 17.227 ? 97  G   L OP2   1 
ATOM   319 O  "O5'" . G   B 2 8 ? 0.100   -7.975  24.990  1.000 15.335 ? 97  G   L "O5'" 1 
ATOM   320 C  "C5'" . G   B 2 8 ? 0.643   -9.276  24.856  1.000 15.501 ? 97  G   L "C5'" 1 
ATOM   321 C  "C4'" . G   B 2 8 ? 2.069   -9.198  24.381  1.000 14.830 ? 97  G   L "C4'" 1 
ATOM   322 O  "O4'" . G   B 2 8 ? 2.108   -8.628  23.036  1.000 14.145 ? 97  G   L "O4'" 1 
ATOM   323 C  "C3'" . G   B 2 8 ? 3.036   -8.325  25.157  1.000 13.847 ? 97  G   L "C3'" 1 
ATOM   324 O  "O3'" . G   B 2 8 ? 3.503   -8.894  26.384  1.000 14.935 ? 97  G   L "O3'" 1 
ATOM   325 C  "C2'" . G   B 2 8 ? 4.162   -8.197  24.133  1.000 13.161 ? 97  G   L "C2'" 1 
ATOM   326 O  "O2'" . G   B 2 8 ? 4.892   -9.413  24.110  1.000 13.448 ? 97  G   L "O2'" 1 
ATOM   327 C  "C1'" . G   B 2 8 ? 3.354   -7.959  22.861  1.000 13.451 ? 97  G   L "C1'" 1 
ATOM   328 N  N9    . G   B 2 8 ? 3.099   -6.533  22.654  1.000 12.954 ? 97  G   L N9    1 
ATOM   329 C  C8    . G   B 2 8 ? 1.999   -5.794  23.017  1.000 14.715 ? 97  G   L C8    1 
ATOM   330 N  N7    . G   B 2 8 ? 2.081   -4.540  22.648  1.000 14.453 ? 97  G   L N7    1 
ATOM   331 C  C5    . G   B 2 8 ? 3.339   -4.431  22.071  1.000 14.120 ? 97  G   L C5    1 
ATOM   332 C  C6    . G   B 2 8 ? 4.010   -3.302  21.513  1.000 13.785 ? 97  G   L C6    1 
ATOM   333 O  O6    . G   B 2 8 ? 3.632   -2.116  21.464  1.000 15.478 ? 97  G   L O6    1 
ATOM   334 N  N1    . G   B 2 8 ? 5.265   -3.645  21.023  1.000 14.054 ? 97  G   L N1    1 
ATOM   335 C  C2    . G   B 2 8 ? 5.801   -4.910  21.037  1.000 13.469 ? 97  G   L C2    1 
ATOM   336 N  N2    . G   B 2 8 ? 7.033   -5.033  20.519  1.000 13.486 ? 97  G   L N2    1 
ATOM   337 N  N3    . G   B 2 8 ? 5.198   -5.963  21.583  1.000 13.309 ? 97  G   L N3    1 
ATOM   338 C  C4    . G   B 2 8 ? 3.974   -5.657  22.052  1.000 13.453 ? 97  G   L C4    1 
HETATM 339 O  "O5'" . 0C  C 3 1 ? -7.672  0.767   -3.050  1.000 22.314 ? 79  0C  M "O5'" 1 
HETATM 340 C  "C5'" . 0C  C 3 1 ? -8.513  -0.335  -2.646  1.000 23.176 ? 79  0C  M "C5'" 1 
HETATM 341 C  "C4'" . 0C  C 3 1 ? -7.649  -1.525  -2.311  1.000 21.915 ? 79  0C  M "C4'" 1 
HETATM 342 O  "O4'" . 0C  C 3 1 ? -6.680  -1.177  -1.285  1.000 21.373 ? 79  0C  M "O4'" 1 
HETATM 343 C  "C3'" . 0C  C 3 1 ? -6.774  -2.053  -3.457  1.000 22.535 ? 79  0C  M "C3'" 1 
HETATM 344 O  "O3'" . 0C  C 3 1 ? -7.531  -2.878  -4.325  1.000 23.849 ? 79  0C  M "O3'" 1 
HETATM 345 C  "C2'" . 0C  C 3 1 ? -5.721  -2.836  -2.679  1.000 18.661 ? 79  0C  M "C2'" 1 
HETATM 346 O  "O2'" . 0C  C 3 1 ? -6.194  -4.042  -2.111  1.000 21.429 ? 79  0C  M "O2'" 1 
HETATM 347 C  "C1'" . 0C  C 3 1 ? -5.455  -1.846  -1.545  1.000 18.739 ? 79  0C  M "C1'" 1 
HETATM 348 N  N1    . 0C  C 3 1 ? -4.370  -0.862  -1.810  1.000 17.306 ? 79  0C  M N1    1 
HETATM 349 C  C2    . 0C  C 3 1 ? -3.052  -1.278  -1.599  1.000 17.489 ? 79  0C  M C2    1 
HETATM 350 O  O2    . 0C  C 3 1 ? -2.865  -2.456  -1.288  1.000 18.486 ? 79  0C  M O2    1 
HETATM 351 N  N3    . 0C  C 3 1 ? -2.038  -0.398  -1.772  1.000 14.921 ? 79  0C  M N3    1 
HETATM 352 C  C4    . 0C  C 3 1 ? -2.297  0.877   -2.082  1.000 16.519 ? 79  0C  M C4    1 
HETATM 353 N  N4    . 0C  C 3 1 ? -1.285  1.711   -2.207  1.000 14.865 ? 79  0C  M N4    1 
HETATM 354 C  C5    . 0C  C 3 1 ? -3.618  1.307   -2.356  1.000 16.351 ? 79  0C  M C5    1 
HETATM 355 C  C6    . 0C  C 3 1 ? -4.617  0.437   -2.160  1.000 17.167 ? 79  0C  M C6    1 
HETATM 356 P  P     . 0U  C 3 2 ? -7.181  -2.939  -5.895  1.000 25.960 ? 80  0U  M P     1 
HETATM 357 O  OP1   . 0U  C 3 2 ? -7.018  -1.559  -6.424  1.000 25.658 ? 80  0U  M OP1   1 
HETATM 358 O  OP2   . 0U  C 3 2 ? -8.207  -3.822  -6.545  1.000 26.455 ? 80  0U  M OP2   1 
HETATM 359 O  "O5'" . 0U  C 3 2 ? -5.704  -3.627  -5.948  1.000 24.131 ? 80  0U  M "O5'" 1 
HETATM 360 C  "C5'" . 0U  C 3 2 ? -5.553  -5.020  -5.620  1.000 21.566 ? 80  0U  M "C5'" 1 
HETATM 361 C  "C4'" . 0U  C 3 2 ? -4.088  -5.316  -5.407  1.000 20.759 ? 80  0U  M "C4'" 1 
HETATM 362 O  "O4'" . 0U  C 3 2 ? -3.553  -4.474  -4.348  1.000 19.963 ? 80  0U  M "O4'" 1 
HETATM 363 C  "C3'" . 0U  C 3 2 ? -3.164  -5.036  -6.598  1.000 19.463 ? 80  0U  M "C3'" 1 
HETATM 364 O  "O3'" . 0U  C 3 2 ? -3.313  -6.059  -7.590  1.000 18.994 ? 80  0U  M "O3'" 1 
HETATM 365 C  "C2'" . 0U  C 3 2 ? -1.826  -4.969  -5.849  1.000 19.793 ? 80  0U  M "C2'" 1 
HETATM 366 O  "O2'" . 0U  C 3 2 ? -1.396  -6.248  -5.433  1.000 21.300 ? 80  0U  M "O2'" 1 
HETATM 367 C  "C1'" . 0U  C 3 2 ? -2.202  -4.143  -4.612  1.000 20.054 ? 80  0U  M "C1'" 1 
HETATM 368 N  N1    . 0U  C 3 2 ? -2.063  -2.676  -4.792  1.000 18.689 ? 80  0U  M N1    1 
HETATM 369 C  C2    . 0U  C 3 2 ? -0.794  -2.130  -4.642  1.000 20.861 ? 80  0U  M C2    1 
HETATM 370 O  O2    . 0U  C 3 2 ? 0.192   -2.804  -4.387  1.000 19.070 ? 80  0U  M O2    1 
HETATM 371 N  N3    . 0U  C 3 2 ? -0.709  -0.775  -4.830  1.000 18.311 ? 80  0U  M N3    1 
HETATM 372 C  C4    . 0U  C 3 2 ? -1.740  0.089   -5.160  1.000 20.566 ? 80  0U  M C4    1 
HETATM 373 O  O4    . 0U  C 3 2 ? -1.519  1.303   -5.251  1.000 19.943 ? 80  0U  M O4    1 
HETATM 374 C  C5    . 0U  C 3 2 ? -3.024  -0.540  -5.256  1.000 20.726 ? 80  0U  M C5    1 
HETATM 375 C  C6    . 0U  C 3 2 ? -3.131  -1.873  -5.109  1.000 19.625 ? 80  0U  M C6    1 
HETATM 376 P  P     . 0G  C 3 3 ? -2.786  -5.780  -9.071  1.000 18.840 ? 81  0G  M P     1 
HETATM 377 O  OP1   . 0G  C 3 3 ? -2.923  -4.285  -9.390  1.000 21.063 ? 81  0G  M OP1   1 
HETATM 378 O  OP2   . 0G  C 3 3 ? -3.410  -6.741  -10.030 1.000 22.500 ? 81  0G  M OP2   1 
HETATM 379 O  "O5'" . 0G  C 3 3 ? -1.207  -5.941  -8.922  1.000 15.890 ? 81  0G  M "O5'" 1 
HETATM 380 C  "C5'" . 0G  C 3 3 ? -0.643  -7.258  -8.772  1.000 15.044 ? 81  0G  M "C5'" 1 
HETATM 381 C  "C4'" . 0G  C 3 3 ? 0.862   -7.150  -8.836  1.000 15.186 ? 81  0G  M "C4'" 1 
HETATM 382 O  "O4'" . 0G  C 3 3 ? 1.370   -6.351  -7.736  1.000 16.663 ? 81  0G  M "O4'" 1 
HETATM 383 C  "C3'" . 0G  C 3 3 ? 1.413   -6.424  -10.070 1.000 14.790 ? 81  0G  M "C3'" 1 
HETATM 384 O  "O3'" . 0G  C 3 3 ? 1.378   -7.272  -11.209 1.000 13.000 ? 81  0G  M "O3'" 1 
HETATM 385 C  "C2'" . 0G  C 3 3 ? 2.824   -6.098  -9.574  1.000 15.926 ? 81  0G  M "C2'" 1 
HETATM 386 O  "O2'" . 0G  C 3 3 ? 3.676   -7.218  -9.610  1.000 18.782 ? 81  0G  M "O2'" 1 
HETATM 387 C  "C1'" . 0G  C 3 3 ? 2.508   -5.609  -8.161  1.000 17.588 ? 81  0G  M "C1'" 1 
HETATM 388 N  N9    . 0G  C 3 3 ? 2.216   -4.184  -8.099  1.000 17.657 ? 81  0G  M N9    1 
HETATM 389 C  C8    . 0G  C 3 3 ? 0.996   -3.584  -7.937  1.000 16.876 ? 81  0G  M C8    1 
HETATM 390 N  N7    . 0G  C 3 3 ? 1.046   -2.271  -7.872  1.000 18.461 ? 81  0G  M N7    1 
HETATM 391 C  C6    . 0G  C 3 3 ? 3.067   -0.760  -8.009  1.000 16.241 ? 81  0G  M C6    1 
HETATM 392 O  O6    . 0G  C 3 3 ? 2.556   0.346   -7.879  1.000 18.394 ? 81  0G  M O6    1 
HETATM 393 C  C5    . 0G  C 3 3 ? 2.401   -2.004  -8.005  1.000 16.742 ? 81  0G  M C5    1 
HETATM 394 N  N1    . 0G  C 3 3 ? 4.439   -0.924  -8.171  1.000 17.065 ? 81  0G  M N1    1 
HETATM 395 C  C2    . 0G  C 3 3 ? 5.089   -2.115  -8.300  1.000 17.664 ? 81  0G  M C2    1 
HETATM 396 N  N2    . 0G  C 3 3 ? 6.415   -2.056  -8.449  1.000 17.715 ? 81  0G  M N2    1 
HETATM 397 N  N3    . 0G  C 3 3 ? 4.468   -3.301  -8.298  1.000 15.411 ? 81  0G  M N3    1 
HETATM 398 C  C4    . 0G  C 3 3 ? 3.131   -3.157  -8.145  1.000 16.803 ? 81  0G  M C4    1 
HETATM 399 P  P     . 0G  C 3 4 ? 1.202   -6.710  -12.659 1.000 14.102 ? 82  0G  M P     1 
HETATM 400 O  OP1   . 0G  C 3 4 ? 0.101   -5.689  -12.697 1.000 13.687 ? 82  0G  M OP1   1 
HETATM 401 O  OP2   . 0G  C 3 4 ? 1.039   -7.914  -13.552 1.000 14.551 ? 82  0G  M OP2   1 
HETATM 402 O  "O5'" . 0G  C 3 4 ? 2.569   -5.901  -12.978 1.000 12.964 ? 82  0G  M "O5'" 1 
HETATM 403 C  "C5'" . 0G  C 3 4 ? 3.787   -6.622  -13.013 1.000 13.458 ? 82  0G  M "C5'" 1 
HETATM 404 C  "C4'" . 0G  C 3 4 ? 4.930   -5.643  -12.969 1.000 13.148 ? 82  0G  M "C4'" 1 
HETATM 405 O  "O4'" . 0G  C 3 4 ? 4.869   -4.878  -11.747 1.000 12.878 ? 82  0G  M "O4'" 1 
HETATM 406 C  "C3'" . 0G  C 3 4 ? 5.014   -4.591  -14.076 1.000 13.333 ? 82  0G  M "C3'" 1 
HETATM 407 O  "O3'" . 0G  C 3 4 ? 5.628   -5.175  -15.216 1.000 14.755 ? 82  0G  M "O3'" 1 
HETATM 408 C  "C2'" . 0G  C 3 4 ? 5.917   -3.572  -13.390 1.000 12.291 ? 82  0G  M "C2'" 1 
HETATM 409 O  "O2'" . 0G  C 3 4 ? 7.244   -4.072  -13.375 1.000 13.442 ? 82  0G  M "O2'" 1 
HETATM 410 C  "C1'" . 0G  C 3 4 ? 5.303   -3.542  -11.991 1.000 12.761 ? 82  0G  M "C1'" 1 
HETATM 411 N  N9    . 0G  C 3 4 ? 4.182   -2.617  -11.846 1.000 12.457 ? 82  0G  M N9    1 
HETATM 412 C  C8    . 0G  C 3 4 ? 2.833   -2.883  -11.874 1.000 12.332 ? 82  0G  M C8    1 
HETATM 413 N  N7    . 0G  C 3 4 ? 2.078   -1.832  -11.632 1.000 12.140 ? 82  0G  M N7    1 
HETATM 414 C  C6    . 0G  C 3 4 ? 2.793   0.574   -11.229 1.000 15.241 ? 82  0G  M C6    1 
HETATM 415 O  O6    . 0G  C 3 4 ? 1.716   1.126   -10.956 1.000 17.132 ? 82  0G  M O6    1 
HETATM 416 C  C5    . 0G  C 3 4 ? 3.010   -0.793  -11.484 1.000 13.449 ? 82  0G  M C5    1 
HETATM 417 N  N1    . 0G  C 3 4 ? 4.004   1.286   -11.195 1.000 14.425 ? 82  0G  M N1    1 
HETATM 418 C  C2    . 0G  C 3 4 ? 5.253   0.732   -11.404 1.000 14.713 ? 82  0G  M C2    1 
HETATM 419 N  N2    . 0G  C 3 4 ? 6.284   1.597   -11.399 1.000 15.522 ? 82  0G  M N2    1 
HETATM 420 N  N3    . 0G  C 3 4 ? 5.462   -0.587  -11.602 1.000 14.597 ? 82  0G  M N3    1 
HETATM 421 C  C4    . 0G  C 3 4 ? 4.300   -1.259  -11.656 1.000 13.918 ? 82  0G  M C4    1 
HETATM 422 P  P     . 0G  C 3 5 ? 5.486   -4.515  -16.632 1.000 15.131 ? 83  0G  M P     1 
HETATM 423 O  OP1   . 0G  C 3 5 ? 4.015   -4.283  -16.883 1.000 15.045 ? 83  0G  M OP1   1 
HETATM 424 O  OP2   . 0G  C 3 5 ? 6.235   -5.379  -17.592 1.000 16.994 ? 83  0G  M OP2   1 
HETATM 425 O  "O5'" . 0G  C 3 5 ? 6.119   -3.064  -16.499 1.000 15.390 ? 83  0G  M "O5'" 1 
HETATM 426 C  "C5'" . 0G  C 3 5 ? 7.538   -2.947  -16.549 1.000 14.604 ? 83  0G  M "C5'" 1 
HETATM 427 C  "C4'" . 0G  C 3 5 ? 7.901   -1.494  -16.438 1.000 14.577 ? 83  0G  M "C4'" 1 
HETATM 428 O  "O4'" . 0G  C 3 5 ? 7.471   -0.966  -15.160 1.000 14.473 ? 83  0G  M "O4'" 1 
HETATM 429 C  "C3'" . 0G  C 3 5 ? 7.278   -0.533  -17.461 1.000 13.865 ? 83  0G  M "C3'" 1 
HETATM 430 O  "O3'" . 0G  C 3 5 ? 7.893   -0.684  -18.730 1.000 13.443 ? 83  0G  M "O3'" 1 
HETATM 431 C  "C2'" . 0G  C 3 5 ? 7.514   0.796   -16.753 1.000 14.126 ? 83  0G  M "C2'" 1 
HETATM 432 O  "O2'" . 0G  C 3 5 ? 8.846   1.256   -16.778 1.000 12.862 ? 83  0G  M "O2'" 1 
HETATM 433 C  "C1'" . 0G  C 3 5 ? 7.108   0.391   -15.341 1.000 14.057 ? 83  0G  M "C1'" 1 
HETATM 434 N  N9    . 0G  C 3 5 ? 5.672   0.518   -15.110 1.000 12.241 ? 83  0G  M N9    1 
HETATM 435 C  C8    . 0G  C 3 5 ? 4.742   -0.479  -15.065 1.000 12.309 ? 83  0G  M C8    1 
HETATM 436 N  N7    . 0G  C 3 5 ? 3.530   -0.042  -14.797 1.000 12.505 ? 83  0G  M N7    1 
HETATM 437 C  C6    . 0G  C 3 5 ? 2.767   2.289   -14.175 1.000 14.690 ? 83  0G  M C6    1 
HETATM 438 O  O6    . 0G  C 3 5 ? 1.567   2.096   -13.927 1.000 14.752 ? 83  0G  M O6    1 
HETATM 439 C  C5    . 0G  C 3 5 ? 3.708   1.324   -14.586 1.000 12.901 ? 83  0G  M C5    1 
HETATM 440 N  N1    . 0G  C 3 5 ? 3.335   3.567   -14.077 1.000 14.736 ? 83  0G  M N1    1 
HETATM 441 C  C2    . 0G  C 3 5 ? 4.665   3.855   -14.323 1.000 14.928 ? 83  0G  M C2    1 
HETATM 442 N  N2    . 0G  C 3 5 ? 4.986   5.161   -14.195 1.000 16.160 ? 83  0G  M N2    1 
HETATM 443 N  N3    . 0G  C 3 5 ? 5.582   2.926   -14.696 1.000 14.126 ? 83  0G  M N3    1 
HETATM 444 C  C4    . 0G  C 3 5 ? 5.025   1.689   -14.793 1.000 13.636 ? 83  0G  M C4    1 
HETATM 445 P  P     . 0C  C 3 6 ? 7.111   -0.513  -20.061 1.000 14.311 ? 84  0C  M P     1 
HETATM 446 O  OP1   . 0C  C 3 6 ? 5.785   -1.232  -20.021 1.000 15.650 ? 84  0C  M OP1   1 
HETATM 447 O  OP2   . 0C  C 3 6 ? 8.073   -0.850  -21.171 1.000 14.863 ? 84  0C  M OP2   1 
HETATM 448 O  "O5'" . 0C  C 3 6 ? 6.758   1.032   -20.143 1.000 14.009 ? 84  0C  M "O5'" 1 
HETATM 449 C  "C5'" . 0C  C 3 6 ? 7.788   2.053   -20.183 1.000 14.880 ? 84  0C  M "C5'" 1 
HETATM 450 C  "C4'" . 0C  C 3 6 ? 7.190   3.391   -19.831 1.000 14.527 ? 84  0C  M "C4'" 1 
HETATM 451 O  "O4'" . 0C  C 3 6 ? 6.631   3.300   -18.507 1.000 14.464 ? 84  0C  M "O4'" 1 
HETATM 452 C  "C3'" . 0C  C 3 6 ? 6.011   3.876   -20.673 1.000 14.643 ? 84  0C  M "C3'" 1 
HETATM 453 O  "O3'" . 0C  C 3 6 ? 6.375   4.393   -21.947 1.000 13.694 ? 84  0C  M "O3'" 1 
HETATM 454 C  "C2'" . 0C  C 3 6 ? 5.423   4.923   -19.728 1.000 14.625 ? 84  0C  M "C2'" 1 
HETATM 455 O  "O2'" . 0C  C 3 6 ? 6.196   6.101   -19.705 1.000 14.692 ? 84  0C  M "O2'" 1 
HETATM 456 C  "C1'" . 0C  C 3 6 ? 5.537   4.183   -18.388 1.000 14.816 ? 84  0C  M "C1'" 1 
HETATM 457 N  N1    . 0C  C 3 6 ? 4.338   3.365   -18.064 1.000 14.282 ? 84  0C  M N1    1 
HETATM 458 C  C2    . 0C  C 3 6 ? 3.249   4.063   -17.511 1.000 14.322 ? 84  0C  M C2    1 
HETATM 459 O  O2    . 0C  C 3 6 ? 3.371   5.277   -17.319 1.000 16.303 ? 84  0C  M O2    1 
HETATM 460 N  N3    . 0C  C 3 6 ? 2.123   3.377   -17.242 1.000 14.463 ? 84  0C  M N3    1 
HETATM 461 C  C4    . 0C  C 3 6 ? 2.056   2.054   -17.464 1.000 13.450 ? 84  0C  M C4    1 
HETATM 462 N  N4    . 0C  C 3 6 ? 0.947   1.406   -17.139 1.000 15.935 ? 84  0C  M N4    1 
HETATM 463 C  C5    . 0C  C 3 6 ? 3.148   1.333   -18.026 1.000 15.009 ? 84  0C  M C5    1 
HETATM 464 C  C6    . 0C  C 3 6 ? 4.259   2.031   -18.305 1.000 13.205 ? 84  0C  M C6    1 
HETATM 465 P  P     . 0G  C 3 7 ? 5.329   4.370   -23.128 1.000 16.611 ? 85  0G  M P     1 
HETATM 466 O  OP1   . 0G  C 3 7 ? 4.608   3.056   -23.187 1.000 17.883 ? 85  0G  M OP1   1 
HETATM 467 O  OP2   . 0G  C 3 7 ? 6.072   4.800   -24.398 1.000 19.114 ? 85  0G  M OP2   1 
HETATM 468 O  "O5'" . 0G  C 3 7 ? 4.236   5.479   -22.670 1.000 15.400 ? 85  0G  M "O5'" 1 
HETATM 469 C  "C5'" . 0G  C 3 7 ? 4.653   6.858   -22.616 1.000 15.129 ? 85  0G  M "C5'" 1 
HETATM 470 C  "C4'" . 0G  C 3 7 ? 3.524   7.684   -22.073 1.000 15.102 ? 85  0G  M "C4'" 1 
HETATM 471 O  "O4'" . 0G  C 3 7 ? 3.164   7.246   -20.741 1.000 14.081 ? 85  0G  M "O4'" 1 
HETATM 472 C  "C3'" . 0G  C 3 7 ? 2.203   7.585   -22.833 1.000 16.114 ? 85  0G  M "C3'" 1 
HETATM 473 O  "O3'" . 0G  C 3 7 ? 2.238   8.363   -24.020 1.000 15.024 ? 85  0G  M "O3'" 1 
HETATM 474 C  "C2'" . 0G  C 3 7 ? 1.267   8.183   -21.791 1.000 15.304 ? 85  0G  M "C2'" 1 
HETATM 475 O  "O2'" . 0G  C 3 7 ? 1.437   9.571   -21.599 1.000 16.145 ? 85  0G  M "O2'" 1 
HETATM 476 C  "C1'" . 0G  C 3 7 ? 1.782   7.450   -20.556 1.000 14.521 ? 85  0G  M "C1'" 1 
HETATM 477 N  N9    . 0G  C 3 7 ? 1.160   6.159   -20.370 1.000 14.910 ? 85  0G  M N9    1 
HETATM 478 C  C8    . 0G  C 3 7 ? 1.649   4.934   -20.718 1.000 13.073 ? 85  0G  M C8    1 
HETATM 479 N  N7    . 0G  C 3 7 ? 0.857   3.941   -20.383 1.000 15.701 ? 85  0G  M N7    1 
HETATM 480 C  C6    . 0G  C 3 7 ? -1.417  4.035   -19.275 1.000 15.561 ? 85  0G  M C6    1 
HETATM 481 O  O6    . 0G  C 3 7 ? -1.690  2.832   -19.180 1.000 16.848 ? 85  0G  M O6    1 
HETATM 482 C  C5    . 0G  C 3 7 ? -0.234  4.589   -19.808 1.000 13.843 ? 85  0G  M C5    1 
HETATM 483 N  N1    . 0G  C 3 7 ? -2.278  5.029   -18.833 1.000 16.462 ? 85  0G  M N1    1 
HETATM 484 C  C2    . 0G  C 3 7 ? -2.052  6.385   -18.900 1.000 17.498 ? 85  0G  M C2    1 
HETATM 485 N  N2    . 0G  C 3 7 ? -3.020  7.176   -18.433 1.000 19.299 ? 85  0G  M N2    1 
HETATM 486 N  N3    . 0G  C 3 7 ? -0.921  6.920   -19.383 1.000 15.564 ? 85  0G  M N3    1 
HETATM 487 C  C4    . 0G  C 3 7 ? -0.076  5.955   -19.819 1.000 14.507 ? 85  0G  M C4    1 
HETATM 488 P  P     . 0G  C 3 8 ? 1.539   7.829   -25.324 1.000 16.998 ? 86  0G  M P     1 
HETATM 489 O  OP1   . 0G  C 3 8 ? 1.761   6.360   -25.528 1.000 18.566 ? 86  0G  M OP1   1 
HETATM 490 O  OP2   . 0G  C 3 8 ? 1.908   8.750   -26.470 1.000 19.231 ? 86  0G  M OP2   1 
HETATM 491 O  "O5'" . 0G  C 3 8 ? -0.049  7.967   -25.024 1.000 15.033 ? 86  0G  M "O5'" 1 
HETATM 492 C  "C5'" . 0G  C 3 8 ? -0.562  9.292   -24.929 1.000 16.397 ? 86  0G  M "C5'" 1 
HETATM 493 C  "C4'" . 0G  C 3 8 ? -1.980  9.234   -24.415 1.000 15.302 ? 86  0G  M "C4'" 1 
HETATM 494 O  "O4'" . 0G  C 3 8 ? -1.997  8.679   -23.077 1.000 14.378 ? 86  0G  M "O4'" 1 
HETATM 495 C  "C3'" . 0G  C 3 8 ? -2.986  8.371   -25.166 1.000 14.826 ? 86  0G  M "C3'" 1 
HETATM 496 O  "O3'" . 0G  C 3 8 ? -3.408  9.062   -26.336 1.000 15.939 ? 86  0G  M "O3'" 1 
HETATM 497 C  "C2'" . 0G  C 3 8 ? -4.077  8.265   -24.100 1.000 15.040 ? 86  0G  M "C2'" 1 
HETATM 498 O  "O2'" . 0G  C 3 8 ? -4.837  9.459   -23.957 1.000 14.679 ? 86  0G  M "O2'" 1 
HETATM 499 C  "C1'" . 0G  C 3 8 ? -3.215  8.001   -22.867 1.000 14.762 ? 86  0G  M "C1'" 1 
HETATM 500 N  N9    . 0G  C 3 8 ? -2.949  6.580   -22.666 1.000 13.825 ? 86  0G  M N9    1 
HETATM 501 C  C8    . 0G  C 3 8 ? -1.864  5.851   -23.098 1.000 14.536 ? 86  0G  M C8    1 
HETATM 502 N  N7    . 0G  C 3 8 ? -1.947  4.577   -22.789 1.000 13.795 ? 86  0G  M N7    1 
HETATM 503 C  C6    . 0G  C 3 8 ? -3.820  3.311   -21.641 1.000 12.906 ? 86  0G  M C6    1 
HETATM 504 O  O6    . 0G  C 3 8 ? -3.416  2.135   -21.654 1.000 13.277 ? 86  0G  M O6    1 
HETATM 505 C  C5    . 0G  C 3 8 ? -3.173  4.453   -22.162 1.000 12.791 ? 86  0G  M C5    1 
HETATM 506 N  N1    . 0G  C 3 8 ? -5.055  3.631   -21.082 1.000 13.007 ? 86  0G  M N1    1 
HETATM 507 C  C2    . 0G  C 3 8 ? -5.617  4.892   -21.031 1.000 12.771 ? 86  0G  M C2    1 
HETATM 508 N  N2    . 0G  C 3 8 ? -6.841  4.994   -20.510 1.000 13.507 ? 86  0G  M N2    1 
HETATM 509 N  N3    . 0G  C 3 8 ? -5.019  5.973   -21.546 1.000 13.661 ? 86  0G  M N3    1 
HETATM 510 C  C4    . 0G  C 3 8 ? -3.812  5.680   -22.085 1.000 13.184 ? 86  0G  M C4    1 
HETATM 511 O  "O5'" . 0C  D 4 1 ? -9.091  -2.389  -15.992 1.000 21.293 ? 90  0C  N "O5'" 1 
HETATM 512 C  "C5'" . 0C  D 4 1 ? -10.475 -1.927  -15.938 1.000 18.945 ? 90  0C  N "C5'" 1 
HETATM 513 C  "C4'" . 0C  D 4 1 ? -10.622 -0.507  -16.434 1.000 20.103 ? 90  0C  N "C4'" 1 
HETATM 514 O  "O4'" . 0C  D 4 1 ? -10.182 -0.392  -17.811 1.000 20.319 ? 90  0C  N "O4'" 1 
HETATM 515 C  "C3'" . 0C  D 4 1 ? -9.831  0.568   -15.678 1.000 18.940 ? 90  0C  N "C3'" 1 
HETATM 516 O  "O3'" . 0C  D 4 1 ? -10.535 1.031   -14.534 1.000 19.379 ? 90  0C  N "O3'" 1 
HETATM 517 C  "C2'" . 0C  D 4 1 ? -9.776  1.689   -16.715 1.000 17.404 ? 90  0C  N "C2'" 1 
HETATM 518 O  "O2'" . 0C  D 4 1 ? -11.000 2.387   -16.823 1.000 18.841 ? 90  0C  N "O2'" 1 
HETATM 519 C  "C1'" . 0C  D 4 1 ? -9.568  0.879   -17.991 1.000 17.535 ? 90  0C  N "C1'" 1 
HETATM 520 N  N1    . 0C  D 4 1 ? -8.169  0.642   -18.394 1.000 17.441 ? 90  0C  N N1    1 
HETATM 521 C  C2    . 0C  D 4 1 ? -7.560  1.662   -19.137 1.000 15.727 ? 90  0C  N C2    1 
HETATM 522 O  O2    . 0C  D 4 1 ? -8.189  2.726   -19.229 1.000 15.692 ? 90  0C  N O2    1 
HETATM 523 N  N3    . 0C  D 4 1 ? -6.305  1.463   -19.614 1.000 15.346 ? 90  0C  N N3    1 
HETATM 524 C  C4    . 0C  D 4 1 ? -5.679  0.282   -19.436 1.000 14.920 ? 90  0C  N C4    1 
HETATM 525 N  N4    . 0C  D 4 1 ? -4.466  0.114   -19.939 1.000 16.869 ? 90  0C  N N4    1 
HETATM 526 C  C5    . 0C  D 4 1 ? -6.289  -0.753  -18.677 1.000 17.065 ? 90  0C  N C5    1 
HETATM 527 C  C6    . 0C  D 4 1 ? -7.528  -0.543  -18.207 1.000 15.609 ? 90  0C  N C6    1 
HETATM 528 P  P     . 0C  D 4 2 ? -9.720  1.557   -13.230 1.000 20.390 ? 91  0C  N P     1 
HETATM 529 O  OP1   . 0C  D 4 2 ? -8.575  0.668   -12.927 1.000 19.922 ? 91  0C  N OP1   1 
HETATM 530 O  OP2   . 0C  D 4 2 ? -10.736 1.850   -12.167 1.000 24.474 ? 91  0C  N OP2   1 
HETATM 531 O  "O5'" . 0C  D 4 2 ? -9.105  2.983   -13.733 1.000 18.596 ? 91  0C  N "O5'" 1 
HETATM 532 C  "C5'" . 0C  D 4 2 ? -9.970  4.109   -13.868 1.000 20.367 ? 91  0C  N "C5'" 1 
HETATM 533 C  "C4'" . 0C  D 4 2 ? -9.221  5.183   -14.614 1.000 19.077 ? 91  0C  N "C4'" 1 
HETATM 534 O  "O4'" . 0C  D 4 2 ? -8.805  4.671   -15.902 1.000 19.712 ? 91  0C  N "O4'" 1 
HETATM 535 C  "C3'" . 0C  D 4 2 ? -7.892  5.658   -14.012 1.000 19.613 ? 91  0C  N "C3'" 1 
HETATM 536 O  "O3'" . 0C  D 4 2 ? -8.122  6.535   -12.929 1.000 20.741 ? 91  0C  N "O3'" 1 
HETATM 537 C  "C2'" . 0C  D 4 2 ? -7.293  6.389   -15.208 1.000 20.543 ? 91  0C  N "C2'" 1 
HETATM 538 O  "O2'" . 0C  D 4 2 ? -7.948  7.598   -15.523 1.000 23.809 ? 91  0C  N "O2'" 1 
HETATM 539 C  "C1'" . 0C  D 4 2 ? -7.638  5.364   -16.287 1.000 19.665 ? 91  0C  N "C1'" 1 
HETATM 540 N  N1    . 0C  D 4 2 ? -6.562  4.381   -16.481 1.000 19.383 ? 91  0C  N N1    1 
HETATM 541 C  C2    . 0C  D 4 2 ? -5.526  4.804   -17.320 1.000 17.723 ? 91  0C  N C2    1 
HETATM 542 O  O2    . 0C  D 4 2 ? -5.496  5.990   -17.685 1.000 19.115 ? 91  0C  N O2    1 
HETATM 543 N  N3    . 0C  D 4 2 ? -4.532  3.948   -17.552 1.000 18.899 ? 91  0C  N N3    1 
HETATM 544 C  C4    . 0C  D 4 2 ? -4.560  2.699   -17.058 1.000 16.649 ? 91  0C  N C4    1 
HETATM 545 N  N4    . 0C  D 4 2 ? -3.549  1.903   -17.343 1.000 18.730 ? 91  0C  N N4    1 
HETATM 546 C  C5    . 0C  D 4 2 ? -5.623  2.235   -16.236 1.000 19.897 ? 91  0C  N C5    1 
HETATM 547 C  C6    . 0C  D 4 2 ? -6.605  3.115   -15.980 1.000 17.830 ? 91  0C  N C6    1 
HETATM 548 P  P     . 0G  D 4 3 ? -6.997  6.783   -11.817 1.000 19.677 ? 92  0G  N P     1 
HETATM 549 O  OP1   . 0G  D 4 3 ? -6.361  5.443   -11.431 1.000 22.576 ? 92  0G  N OP1   1 
HETATM 550 O  OP2   . 0G  D 4 3 ? -7.631  7.620   -10.716 1.000 23.849 ? 92  0G  N OP2   1 
HETATM 551 O  "O5'" . 0G  D 4 3 ? -5.863  7.613   -12.575 1.000 17.602 ? 92  0G  N "O5'" 1 
HETATM 552 C  "C5'" . 0G  D 4 3 ? -6.120  9.006   -12.836 1.000 15.906 ? 92  0G  N "C5'" 1 
HETATM 553 C  "C4'" . 0G  D 4 3 ? -4.890  9.593   -13.451 1.000 15.877 ? 92  0G  N "C4'" 1 
HETATM 554 O  "O4'" . 0G  D 4 3 ? -4.632  8.876   -14.685 1.000 15.589 ? 92  0G  N "O4'" 1 
HETATM 555 C  "C3'" . 0G  D 4 3 ? -3.623  9.398   -12.615 1.000 16.119 ? 92  0G  N "C3'" 1 
HETATM 556 O  "O3'" . 0G  D 4 3 ? -3.504  10.393  -11.600 1.000 15.439 ? 92  0G  N "O3'" 1 
HETATM 557 C  "C2'" . 0G  D 4 3 ? -2.576  9.524   -13.710 1.000 16.341 ? 92  0G  N "C2'" 1 
HETATM 558 O  "O2'" . 0G  D 4 3 ? -2.422  10.882  -14.036 1.000 17.602 ? 92  0G  N "O2'" 1 
HETATM 559 C  "C1'" . 0G  D 4 3 ? -3.232  8.721   -14.828 1.000 16.713 ? 92  0G  N "C1'" 1 
HETATM 560 N  N9    . 0G  D 4 3 ? -2.944  7.295   -14.811 1.000 14.113 ? 92  0G  N N9    1 
HETATM 561 C  C8    . 0G  D 4 3 ? -3.741  6.254   -14.408 1.000 15.560 ? 92  0G  N C8    1 
HETATM 562 N  N7    . 0G  D 4 3 ? -3.201  5.072   -14.606 1.000 15.177 ? 92  0G  N N7    1 
HETATM 563 C  C6    . 0G  D 4 3 ? -0.968  4.467   -15.678 1.000 15.083 ? 92  0G  N C6    1 
HETATM 564 O  O6    . 0G  D 4 3 ? -0.955  3.222   -15.737 1.000 15.343 ? 92  0G  N O6    1 
HETATM 565 C  C5    . 0G  D 4 3 ? -1.986  5.346   -15.215 1.000 14.517 ? 92  0G  N C5    1 
HETATM 566 N  N1    . 0G  D 4 3 ? 0.081   5.200   -16.213 1.000 13.758 ? 92  0G  N N1    1 
HETATM 567 C  C2    . 0G  D 4 3 ? 0.181   6.566   -16.274 1.000 13.658 ? 92  0G  N C2    1 
HETATM 568 N  N2    . 0G  D 4 3 ? 1.299   7.062   -16.819 1.000 15.414 ? 92  0G  N N2    1 
HETATM 569 N  N3    . 0G  D 4 3 ? -0.787  7.412   -15.860 1.000 13.242 ? 92  0G  N N3    1 
HETATM 570 C  C4    . 0G  D 4 3 ? -1.815  6.712   -15.328 1.000 15.066 ? 92  0G  N C4    1 
HETATM 571 P  P     . 0C  D 4 4 ? -2.795  10.058  -10.231 1.000 14.927 ? 93  0C  N P     1 
HETATM 572 O  OP1   . 0C  D 4 4 ? -3.134  8.666   -9.803  1.000 16.244 ? 93  0C  N OP1   1 
HETATM 573 O  OP2   . 0C  D 4 4 ? -3.195  11.111  -9.258  1.000 15.553 ? 93  0C  N OP2   1 
HETATM 574 O  "O5'" . 0C  D 4 4 ? -1.227  10.093  -10.601 1.000 14.706 ? 93  0C  N "O5'" 1 
HETATM 575 C  "C5'" . 0C  D 4 4 ? -0.668  11.295  -11.110 1.000 14.944 ? 93  0C  N "C5'" 1 
HETATM 576 C  "C4'" . 0C  D 4 4 ? 0.676   11.018  -11.738 1.000 15.514 ? 93  0C  N "C4'" 1 
HETATM 577 O  "O4'" . 0C  D 4 4 ? 0.511   10.138  -12.883 1.000 15.120 ? 93  0C  N "O4'" 1 
HETATM 578 C  "C3'" . 0C  D 4 4 ? 1.717   10.316  -10.864 1.000 16.255 ? 93  0C  N "C3'" 1 
HETATM 579 O  "O3'" . 0C  D 4 4 ? 2.315   11.216  -9.944  1.000 15.933 ? 93  0C  N "O3'" 1 
HETATM 580 C  "C2'" . 0C  D 4 4 ? 2.664   9.779   -11.936 1.000 15.397 ? 93  0C  N "C2'" 1 
HETATM 581 O  "O2'" . 0C  D 4 4 ? 3.438   10.778  -12.562 1.000 15.549 ? 93  0C  N "O2'" 1 
HETATM 582 C  "C1'" . 0C  D 4 4 ? 1.643   9.285   -12.960 1.000 15.082 ? 93  0C  N "C1'" 1 
HETATM 583 N  N1    . 0C  D 4 4 ? 1.177   7.891   -12.731 1.000 14.222 ? 93  0C  N N1    1 
HETATM 584 C  C2    . 0C  D 4 4 ? 1.941   6.861   -13.256 1.000 14.429 ? 93  0C  N C2    1 
HETATM 585 O  O2    . 0C  D 4 4 ? 3.017   7.130   -13.789 1.000 15.428 ? 93  0C  N O2    1 
HETATM 586 N  N3    . 0C  D 4 4 ? 1.492   5.589   -13.163 1.000 14.332 ? 93  0C  N N3    1 
HETATM 587 C  C4    . 0C  D 4 4 ? 0.345   5.315   -12.578 1.000 14.245 ? 93  0C  N C4    1 
HETATM 588 N  N4    . 0C  D 4 4 ? -0.016  4.035   -12.564 1.000 17.098 ? 93  0C  N N4    1 
HETATM 589 C  C5    . 0C  D 4 4 ? -0.442  6.344   -12.004 1.000 14.896 ? 93  0C  N C5    1 
HETATM 590 C  C6    . 0C  D 4 4 ? -0.004  7.606   -12.112 1.000 14.405 ? 93  0C  N C6    1 
HETATM 591 P  P     . 0C  D 4 5 ? 3.022   10.674  -8.628  1.000 17.081 ? 94  0C  N P     1 
HETATM 592 O  OP1   . 0C  D 4 5 ? 2.128   9.680   -7.904  1.000 19.755 ? 94  0C  N OP1   1 
HETATM 593 O  OP2   . 0C  D 4 5 ? 3.496   11.876  -7.833  1.000 17.492 ? 94  0C  N OP2   1 
HETATM 594 O  "O5'" . 0C  D 4 5 ? 4.261   9.816   -9.171  1.000 16.306 ? 94  0C  N "O5'" 1 
HETATM 595 C  "C5'" . 0C  D 4 5 ? 5.432   10.406  -9.745  1.000 16.829 ? 94  0C  N "C5'" 1 
HETATM 596 C  "C4'" . 0C  D 4 5 ? 6.355   9.295   -10.179 1.000 17.810 ? 94  0C  N "C4'" 1 
HETATM 597 O  "O4'" . 0C  D 4 5 ? 5.685   8.470   -11.178 1.000 17.143 ? 94  0C  N "O4'" 1 
HETATM 598 C  "C3'" . 0C  D 4 5 ? 6.753   8.288   -9.092  1.000 18.305 ? 94  0C  N "C3'" 1 
HETATM 599 O  "O3'" . 0C  D 4 5 ? 7.801   8.773   -8.266  1.000 19.592 ? 94  0C  N "O3'" 1 
HETATM 600 C  "C2'" . 0C  D 4 5 ? 7.183   7.108   -9.960  1.000 17.877 ? 94  0C  N "C2'" 1 
HETATM 601 O  "O2'" . 0C  D 4 5 ? 8.392   7.338   -10.630 1.000 18.564 ? 94  0C  N "O2'" 1 
HETATM 602 C  "C1'" . 0C  D 4 5 ? 6.092   7.111   -11.030 1.000 17.258 ? 94  0C  N "C1'" 1 
HETATM 603 N  N1    . 0C  D 4 5 ? 4.913   6.274   -10.664 1.000 15.535 ? 94  0C  N N1    1 
HETATM 604 C  C2    . 0C  D 4 5 ? 4.961   4.892   -10.896 1.000 14.157 ? 94  0C  N C2    1 
HETATM 605 O  O2    . 0C  D 4 5 ? 6.023   4.395   -11.297 1.000 14.651 ? 94  0C  N O2    1 
HETATM 606 N  N3    . 0C  D 4 5 ? 3.875   4.130   -10.590 1.000 14.606 ? 94  0C  N N3    1 
HETATM 607 C  C4    . 0C  D 4 5 ? 2.768   4.687   -10.078 1.000 16.691 ? 94  0C  N C4    1 
HETATM 608 N  N4    . 0C  D 4 5 ? 1.711   3.906   -9.819  1.000 17.684 ? 94  0C  N N4    1 
HETATM 609 C  C5    . 0C  D 4 5 ? 2.712   6.077   -9.837  1.000 15.048 ? 94  0C  N C5    1 
HETATM 610 C  C6    . 0C  D 4 5 ? 3.791   6.817   -10.129 1.000 16.879 ? 94  0C  N C6    1 
HETATM 611 P  P     . 0U  D 4 6 ? 7.878   8.332   -6.752  1.000 21.300 ? 95  0U  N P     1 
HETATM 612 O  OP1   . 0U  D 4 6 ? 6.532   8.462   -6.080  1.000 23.382 ? 95  0U  N OP1   1 
HETATM 613 O  OP2   . 0U  D 4 6 ? 9.014   9.117   -6.100  1.000 25.027 ? 95  0U  N OP2   1 
HETATM 614 O  "O5'" . 0U  D 4 6 ? 8.255   6.777   -6.835  1.000 20.814 ? 95  0U  N "O5'" 1 
HETATM 615 C  "C5'" . 0U  D 4 6 ? 9.510   6.362   -7.449  1.000 18.574 ? 95  0U  N "C5'" 1 
HETATM 616 C  "C4'" . 0U  D 4 6 ? 9.470   4.862   -7.651  1.000 20.351 ? 95  0U  N "C4'" 1 
HETATM 617 O  "O4'" . 0U  D 4 6 ? 8.427   4.545   -8.604  1.000 18.637 ? 95  0U  N "O4'" 1 
HETATM 618 C  "C3'" . 0U  D 4 6 ? 9.123   4.011   -6.424  1.000 20.363 ? 95  0U  N "C3'" 1 
HETATM 619 O  "O3'" . 0U  D 4 6 ? 10.304  3.797   -5.664  1.000 22.503 ? 95  0U  N "O3'" 1 
HETATM 620 C  "C2'" . 0U  D 4 6 ? 8.622   2.735   -7.101  1.000 19.025 ? 95  0U  N "C2'" 1 
HETATM 621 O  "O2'" . 0U  D 4 6 ? 9.706   2.008   -7.611  1.000 19.562 ? 95  0U  N "O2'" 1 
HETATM 622 C  "C1'" . 0U  D 4 6 ? 7.806   3.315   -8.260  1.000 17.028 ? 95  0U  N "C1'" 1 
HETATM 623 N  N1    . 0U  D 4 6 ? 6.403   3.508   -7.879  1.000 17.779 ? 95  0U  N N1    1 
HETATM 624 C  C2    . 0U  D 4 6 ? 5.622   2.367   -7.933  1.000 16.259 ? 95  0U  N C2    1 
HETATM 625 O  O2    . 0U  D 4 6 ? 6.101   1.316   -8.296  1.000 17.670 ? 95  0U  N O2    1 
HETATM 626 N  N3    . 0U  D 4 6 ? 4.311   2.537   -7.579  1.000 16.538 ? 95  0U  N N3    1 
HETATM 627 C  C4    . 0U  D 4 6 ? 3.712   3.687   -7.144  1.000 16.034 ? 95  0U  N C4    1 
HETATM 628 O  O4    . 0U  D 4 6 ? 2.521   3.706   -6.837  1.000 19.465 ? 95  0U  N O4    1 
HETATM 629 C  C5    . 0U  D 4 6 ? 4.592   4.820   -7.094  1.000 16.516 ? 95  0U  N C5    1 
HETATM 630 C  C6    . 0U  D 4 6 ? 5.878   4.693   -7.437  1.000 16.619 ? 95  0U  N C6    1 
HETATM 631 P  P     . 0G  D 4 7 ? 10.212  3.335   -4.152  1.000 23.127 ? 96  0G  N P     1 
HETATM 632 O  OP1   . 0G  D 4 7 ? 9.099   4.070   -3.442  1.000 22.533 ? 96  0G  N OP1   1 
HETATM 633 O  OP2   . 0G  D 4 7 ? 11.625  3.417   -3.555  1.000 25.845 ? 96  0G  N OP2   1 
HETATM 634 O  "O5'" . 0G  D 4 7 ? 9.700   1.783   -4.224  1.000 20.089 ? 96  0G  N "O5'" 1 
HETATM 635 C  "C5'" . 0G  D 4 7 ? 10.607  0.763   -4.677  1.000 20.332 ? 96  0G  N "C5'" 1 
HETATM 636 C  "C4'" . 0G  D 4 7 ? 9.895   -0.572  -4.650  1.000 19.796 ? 96  0G  N "C4'" 1 
HETATM 637 O  "O4'" . 0G  D 4 7 ? 8.795   -0.576  -5.597  1.000 20.153 ? 96  0G  N "O4'" 1 
HETATM 638 C  "C3'" . 0G  D 4 7 ? 9.189   -0.983  -3.358  1.000 18.302 ? 96  0G  N "C3'" 1 
HETATM 639 O  "O3'" . 0G  D 4 7 ? 10.156  -1.296  -2.361  1.000 18.154 ? 96  0G  N "O3'" 1 
HETATM 640 C  "C2'" . 0G  D 4 7 ? 8.342   -2.140  -3.899  1.000 18.178 ? 96  0G  N "C2'" 1 
HETATM 641 O  "O2'" . 0G  D 4 7 ? 9.096   -3.306  -4.185  1.000 19.374 ? 96  0G  N "O2'" 1 
HETATM 642 C  "C1'" . 0G  D 4 7 ? 7.823   -1.519  -5.197  1.000 17.848 ? 96  0G  N "C1'" 1 
HETATM 643 N  N9    . 0G  D 4 7 ? 6.541   -0.843  -5.034  1.000 16.874 ? 96  0G  N N9    1 
HETATM 644 C  C8    . 0G  D 4 7 ? 6.312   0.506   -4.898  1.000 16.439 ? 96  0G  N C8    1 
HETATM 645 N  N7    . 0G  D 4 7 ? 5.041   0.797   -4.754  1.000 16.885 ? 96  0G  N N7    1 
HETATM 646 C  C6    . 0G  D 4 7 ? 3.026   -0.753  -4.651  1.000 14.728 ? 96  0G  N C6    1 
HETATM 647 O  O6    . 0G  D 4 7 ? 2.079   0.029   -4.472  1.000 16.969 ? 96  0G  N O6    1 
HETATM 648 C  C5    . 0G  D 4 7 ? 4.401   -0.433  -4.755  1.000 16.964 ? 96  0G  N C5    1 
HETATM 649 N  N1    . 0G  D 4 7 ? 2.812   -2.132  -4.658  1.000 16.190 ? 96  0G  N N1    1 
HETATM 650 C  C2    . 0G  D 4 7 ? 3.777   -3.088  -4.843  1.000 15.242 ? 96  0G  N C2    1 
HETATM 651 N  N2    . 0G  D 4 7 ? 3.369   -4.366  -4.862  1.000 17.513 ? 96  0G  N N2    1 
HETATM 652 N  N3    . 0G  D 4 7 ? 5.072   -2.787  -4.972  1.000 16.897 ? 96  0G  N N3    1 
HETATM 653 C  C4    . 0G  D 4 7 ? 5.309   -1.453  -4.922  1.000 15.243 ? 96  0G  N C4    1 
HETATM 654 P  P     . 0G  D 4 8 ? 9.888   -0.979  -0.836  1.000 17.970 ? 97  0G  N P     1 
HETATM 655 O  OP1   . 0G  D 4 8 ? 9.513   0.475   -0.611  1.000 18.130 ? 97  0G  N OP1   1 
HETATM 656 O  OP2   . 0G  D 4 8 ? 11.103  -1.515  -0.078  1.000 19.064 ? 97  0G  N OP2   1 
HETATM 657 O  "O5'" . 0G  D 4 8 ? 8.579   -1.863  -0.462  1.000 16.626 ? 97  0G  N "O5'" 1 
HETATM 658 C  "C5'" . 0G  D 4 8 ? 8.714   -3.304  -0.574  1.000 16.472 ? 97  0G  N "C5'" 1 
HETATM 659 C  "C4'" . 0G  D 4 8 ? 7.377   -3.946  -0.317  1.000 17.672 ? 97  0G  N "C4'" 1 
HETATM 660 O  "O4'" . 0G  D 4 8 ? 6.476   -3.594  -1.395  1.000 16.815 ? 97  0G  N "O4'" 1 
HETATM 661 C  "C3'" . 0G  D 4 8 ? 6.596   -3.489  0.917   1.000 18.187 ? 97  0G  N "C3'" 1 
HETATM 662 O  "O3'" . 0G  D 4 8 ? 7.114   -4.042  2.121   1.000 20.062 ? 97  0G  N "O3'" 1 
HETATM 663 C  "C2'" . 0G  D 4 8 ? 5.220   -4.040  0.539   1.000 18.510 ? 97  0G  N "C2'" 1 
HETATM 664 O  "O2'" . 0G  D 4 8 ? 5.165   -5.443  0.667   1.000 18.663 ? 97  0G  N "O2'" 1 
HETATM 665 C  "C1'" . 0G  D 4 8 ? 5.146   -3.628  -0.928  1.000 17.090 ? 97  0G  N "C1'" 1 
HETATM 666 N  N9    . 0G  D 4 8 ? 4.523   -2.316  -1.119  1.000 16.521 ? 97  0G  N N9    1 
HETATM 667 C  C8    . 0G  D 4 8 ? 5.128   -1.090  -1.254  1.000 16.691 ? 97  0G  N C8    1 
HETATM 668 N  N7    . 0G  D 4 8 ? 4.264   -0.104  -1.369  1.000 14.887 ? 97  0G  N N7    1 
HETATM 669 C  C6    . 0G  D 4 8 ? 1.727   -0.157  -1.388  1.000 14.808 ? 97  0G  N C6    1 
HETATM 670 O  O6    . 0G  D 4 8 ? 1.418   1.047   -1.447  1.000 16.773 ? 97  0G  N O6    1 
HETATM 671 C  C5    . 0G  D 4 8 ? 3.025   -0.717  -1.298  1.000 14.902 ? 97  0G  N C5    1 
HETATM 672 N  N1    . 0G  D 4 8 ? 0.751   -1.144  -1.293  1.000 15.916 ? 97  0G  N N1    1 
HETATM 673 C  C2    . 0G  D 4 8 ? 0.986   -2.494  -1.165  1.000 14.275 ? 97  0G  N C2    1 
HETATM 674 N  N2    . 0G  D 4 8 ? -0.086  -3.286  -1.100  1.000 15.787 ? 97  0G  N N2    1 
HETATM 675 N  N3    . 0G  D 4 8 ? 2.207   -3.020  -1.066  1.000 15.296 ? 97  0G  N N3    1 
HETATM 676 C  C4    . 0G  D 4 8 ? 3.173   -2.083  -1.172  1.000 14.691 ? 97  0G  N C4    1 
HETATM 677 ZN ZN    . ZN  E 5 . ? 1.399   -5.243  10.792  0.700 20.927 ? 101 ZN  K ZN    1 
HETATM 678 ZN ZN    . ZN  F 5 . ? -4.288  -4.200  2.453   0.700 23.592 ? 102 ZN  K ZN    1 
HETATM 679 ZN ZN    . ZN  G 5 . ? -0.143  -0.842  22.177  0.700 22.565 ? 101 ZN  L ZN    1 
HETATM 680 ZN ZN    . ZN  H 5 . ? -7.459  4.764   21.789  0.600 31.114 ? 102 ZN  L ZN    1 
HETATM 681 ZN ZN    . ZN  I 5 . ? 0.014   -1.793  -12.153 0.600 19.529 ? 101 ZN  M ZN    1 
HETATM 682 ZN ZN    . ZN  J 5 . ? 0.289   0.821   -22.228 0.700 28.138 ? 102 ZN  M ZN    1 
HETATM 683 ZN ZN    . ZN  K 5 . ? 4.271   4.067   -2.359  0.700 23.823 ? 101 ZN  N ZN    1 
HETATM 684 O  O     . HOH L 6 . ? -2.653  -3.192  2.559   1.000 32.317 ? 201 HOH K O     1 
HETATM 685 O  O     . HOH L 6 . ? 1.559   -3.589  12.284  1.000 22.900 ? 202 HOH K O     1 
HETATM 686 O  O     . HOH L 6 . ? -5.259  -13.752 8.983   1.000 21.566 ? 203 HOH K O     1 
HETATM 687 O  O     . HOH L 6 . ? 11.277  -4.942  18.118  1.000 29.206 ? 204 HOH K O     1 
HETATM 688 O  O     . HOH L 6 . ? -0.282  -4.202  9.807   1.000 17.083 ? 205 HOH K O     1 
HETATM 689 O  O     . HOH L 6 . ? 10.250  -4.298  20.719  1.000 27.596 ? 206 HOH K O     1 
HETATM 690 O  O     . HOH L 6 . ? 6.354   -1.027  12.142  1.000 43.911 ? 207 HOH K O     1 
HETATM 691 O  O     . HOH L 6 . ? 0.878   -12.678 15.795  1.000 32.629 ? 208 HOH K O     1 
HETATM 692 O  O     . HOH L 6 . ? -11.336 4.510   3.565   1.000 22.425 ? 209 HOH K O     1 
HETATM 693 O  O     . HOH L 6 . ? -5.348  -10.104 14.318  1.000 25.709 ? 210 HOH K O     1 
HETATM 694 O  O     . HOH L 6 . ? -0.640  -10.982 6.263   1.000 37.358 ? 211 HOH K O     1 
HETATM 695 O  O     . HOH L 6 . ? 6.083   -7.635  18.077  1.000 25.876 ? 212 HOH K O     1 
HETATM 696 O  O     . HOH L 6 . ? -2.098  5.025   -0.415  1.000 27.374 ? 213 HOH K O     1 
HETATM 697 O  O     . HOH L 6 . ? -3.428  -12.353 5.515   1.000 41.062 ? 214 HOH K O     1 
HETATM 698 O  O     . HOH L 6 . ? -7.942  -2.382  1.779   1.000 30.160 ? 215 HOH K O     1 
HETATM 699 O  O     . HOH L 6 . ? -2.608  -10.940 16.372  1.000 27.534 ? 216 HOH K O     1 
HETATM 700 O  O     . HOH L 6 . ? -11.483 1.460   -2.408  1.000 28.994 ? 217 HOH K O     1 
HETATM 701 O  O     . HOH L 6 . ? -6.992  4.185   5.500   1.000 30.606 ? 218 HOH K O     1 
HETATM 702 O  O     . HOH L 6 . ? -5.441  4.105   -4.043  1.000 36.506 ? 219 HOH K O     1 
HETATM 703 O  O     . HOH L 6 . ? -1.413  -7.090  8.672   1.000 20.048 ? 220 HOH K O     1 
HETATM 704 O  O     . HOH L 6 . ? -5.062  -4.062  4.306   1.000 22.062 ? 221 HOH K O     1 
HETATM 705 O  O     . HOH L 6 . ? 7.133   -9.174  8.602   1.000 36.447 ? 222 HOH K O     1 
HETATM 706 O  O     . HOH L 6 . ? 3.013   -6.364  11.502  1.000 19.581 ? 223 HOH K O     1 
HETATM 707 O  O     . HOH L 6 . ? 1.158   -6.746  9.402   1.000 17.908 ? 224 HOH K O     1 
HETATM 708 O  O     . HOH L 6 . ? -7.255  -5.887  4.648   1.000 24.235 ? 225 HOH K O     1 
HETATM 709 O  O     . HOH L 6 . ? 1.834   -0.281  18.499  1.000 29.932 ? 226 HOH K O     1 
HETATM 710 O  O     . HOH L 6 . ? -9.251  -11.784 7.310   1.000 33.739 ? 227 HOH K O     1 
HETATM 711 O  O     . HOH L 6 . ? -5.428  -2.649  1.793   1.000 22.391 ? 228 HOH K O     1 
HETATM 712 O  O     . HOH L 6 . ? -6.073  -7.585  15.582  1.000 19.486 ? 229 HOH K O     1 
HETATM 713 O  O     . HOH L 6 . ? -9.664  2.963   -3.298  1.000 30.201 ? 230 HOH K O     1 
HETATM 714 O  O     . HOH L 6 . ? -4.246  -7.801  6.737   1.000 29.852 ? 231 HOH K O     1 
HETATM 715 O  O     . HOH L 6 . ? 4.228   -3.572  13.096  1.000 38.500 ? 232 HOH K O     1 
HETATM 716 O  O     . HOH L 6 . ? 1.563   -1.716  15.382  1.000 23.088 ? 233 HOH K O     1 
HETATM 717 O  O     . HOH L 6 . ? -3.437  5.839   -2.830  1.000 36.979 ? 234 HOH K O     1 
HETATM 718 O  O     . HOH L 6 . ? -8.839  4.786   6.840   1.000 33.912 ? 235 HOH K O     1 
HETATM 719 O  O     . HOH L 6 . ? -2.109  -5.725  5.802   1.000 29.427 ? 236 HOH K O     1 
HETATM 720 O  O     . HOH L 6 . ? 14.139  -2.511  18.688  1.000 40.032 ? 237 HOH K O     1 
HETATM 721 O  O     . HOH L 6 . ? -10.463 2.456   8.061   1.000 27.724 ? 238 HOH K O     1 
HETATM 722 O  O     . HOH L 6 . ? 4.102   2.851   18.871  1.000 30.567 ? 239 HOH K O     1 
HETATM 723 O  O     . HOH L 6 . ? 2.501   2.034   20.837  1.000 40.176 ? 240 HOH K O     1 
HETATM 724 O  O     . HOH L 6 . ? 0.247   5.482   -1.545  1.000 30.717 ? 241 HOH K O     1 
HETATM 725 O  O     . HOH L 6 . ? 2.742   -0.432  13.329  1.000 40.151 ? 242 HOH K O     1 
HETATM 726 O  O     . HOH L 6 . ? -12.589 -9.271  9.128   1.000 29.689 ? 243 HOH K O     1 
HETATM 727 O  O     . HOH L 6 . ? -6.497  -13.610 13.168  1.000 25.715 ? 244 HOH K O     1 
HETATM 728 O  O     . HOH L 6 . ? 11.039  2.722   11.878  1.000 41.363 ? 245 HOH K O     1 
HETATM 729 O  O     . HOH L 6 . ? 2.634   -4.137  9.573   1.000 22.708 ? 246 HOH K O     1 
HETATM 730 O  O     . HOH L 6 . ? 13.214  -4.258  20.536  1.000 21.227 ? 247 HOH K O     1 
HETATM 731 O  O     . HOH L 6 . ? -14.605 -4.913  0.565   1.000 34.419 ? 248 HOH K O     1 
HETATM 732 O  O     . HOH L 6 . ? 4.429   -5.234  7.595   1.000 29.991 ? 249 HOH K O     1 
HETATM 733 O  O     . HOH L 6 . ? -3.252  -5.862  2.983   1.000 27.634 ? 250 HOH K O     1 
HETATM 734 O  O     . HOH M 6 . ? 0.093   -1.871  7.916   1.000 26.198 ? 201 HOH L O     1 
HETATM 735 O  O     . HOH M 6 . ? 0.658   0.105   10.911  1.000 29.800 ? 202 HOH L O     1 
HETATM 736 O  O     . HOH M 6 . ? 1.198   0.521   8.247   1.000 30.145 ? 203 HOH L O     1 
HETATM 737 O  O     . HOH M 6 . ? 5.415   -7.867  27.496  1.000 29.463 ? 204 HOH L O     1 
HETATM 738 O  O     . HOH M 6 . ? 6.607   -1.840  6.066   1.000 32.334 ? 205 HOH L O     1 
HETATM 739 O  O     . HOH M 6 . ? -0.241  1.348   17.891  1.000 26.390 ? 206 HOH L O     1 
HETATM 740 O  O     . HOH M 6 . ? -9.948  0.040   22.750  1.000 16.919 ? 207 HOH L O     1 
HETATM 741 O  O     . HOH M 6 . ? -1.530  -11.796 23.066  1.000 17.482 ? 208 HOH L O     1 
HETATM 742 O  O     . HOH M 6 . ? -0.618  -9.464  28.614  1.000 22.784 ? 209 HOH L O     1 
HETATM 743 O  O     . HOH M 6 . ? -8.619  -4.653  24.244  1.000 27.869 ? 210 HOH L O     1 
HETATM 744 O  O     . HOH M 6 . ? -1.870  5.874   17.320  1.000 22.984 ? 211 HOH L O     1 
HETATM 745 O  O     . HOH M 6 . ? -9.171  2.395   12.561  1.000 18.126 ? 212 HOH L O     1 
HETATM 746 O  O     . HOH M 6 . ? -0.193  3.334   13.991  1.000 31.323 ? 213 HOH L O     1 
HETATM 747 O  O     . HOH M 6 . ? -0.278  -1.551  20.343  1.000 28.143 ? 214 HOH L O     1 
HETATM 748 O  O     . HOH M 6 . ? 1.543   -0.827  22.431  1.000 29.692 ? 215 HOH L O     1 
HETATM 749 O  O     . HOH M 6 . ? 0.037   -2.886  23.125  1.000 21.484 ? 216 HOH L O     1 
HETATM 750 O  O     . HOH M 6 . ? -5.616  -4.267  26.948  1.000 28.866 ? 217 HOH L O     1 
HETATM 751 O  O     . HOH M 6 . ? -3.519  2.332   18.752  1.000 25.474 ? 218 HOH L O     1 
HETATM 752 O  O     . HOH M 6 . ? -1.998  -3.941  24.576  1.000 28.012 ? 219 HOH L O     1 
HETATM 753 O  O     . HOH M 6 . ? -7.812  -4.153  14.185  1.000 27.052 ? 220 HOH L O     1 
HETATM 754 O  O     . HOH M 6 . ? -4.428  -9.095  27.115  1.000 29.529 ? 221 HOH L O     1 
HETATM 755 O  O     . HOH M 6 . ? -10.077 -3.322  17.929  1.000 24.259 ? 222 HOH L O     1 
HETATM 756 O  O     . HOH M 6 . ? -2.977  -5.116  27.522  1.000 26.499 ? 223 HOH L O     1 
HETATM 757 O  O     . HOH M 6 . ? -4.884  -8.023  18.143  1.000 22.200 ? 224 HOH L O     1 
HETATM 758 O  O     . HOH M 6 . ? -8.920  3.473   20.943  1.000 20.627 ? 225 HOH L O     1 
HETATM 759 O  O     . HOH M 6 . ? 4.238   0.468   8.499   1.000 34.360 ? 226 HOH L O     1 
HETATM 760 O  O     . HOH M 6 . ? 8.393   4.326   2.392   1.000 35.596 ? 227 HOH L O     1 
HETATM 761 O  O     . HOH M 6 . ? -3.914  0.399   21.848  1.000 29.694 ? 228 HOH L O     1 
HETATM 762 O  O     . HOH M 6 . ? -1.058  5.699   2.540   1.000 24.525 ? 229 HOH L O     1 
HETATM 763 O  O     . HOH M 6 . ? -5.494  -0.820  24.396  1.000 26.008 ? 230 HOH L O     1 
HETATM 764 O  O     . HOH M 6 . ? -6.234  7.345   9.893   1.000 30.982 ? 231 HOH L O     1 
HETATM 765 O  O     . HOH M 6 . ? 3.715   4.399   1.075   1.000 36.110 ? 232 HOH L O     1 
HETATM 766 O  O     . HOH M 6 . ? 0.071   1.685   12.172  0.800 4.379  ? 233 HOH L O     1 
HETATM 767 O  O     . HOH M 6 . ? 2.888   8.994   6.293   1.000 30.888 ? 234 HOH L O     1 
HETATM 768 O  O     . HOH M 6 . ? 3.017   8.400   12.094  1.000 24.683 ? 235 HOH L O     1 
HETATM 769 O  O     . HOH M 6 . ? 10.519  3.465   5.941   1.000 40.094 ? 236 HOH L O     1 
HETATM 770 O  O     . HOH M 6 . ? -8.437  0.579   10.709  1.000 30.574 ? 237 HOH L O     1 
HETATM 771 O  O     . HOH M 6 . ? 7.786   5.287   8.565   1.000 29.293 ? 238 HOH L O     1 
HETATM 772 O  O     . HOH M 6 . ? 0.868   3.525   11.103  1.000 30.266 ? 239 HOH L O     1 
HETATM 773 O  O     . HOH M 6 . ? 0.329   1.331   14.722  1.000 25.462 ? 240 HOH L O     1 
HETATM 774 O  O     . HOH M 6 . ? 0.636   9.835   12.048  1.000 25.240 ? 241 HOH L O     1 
HETATM 775 O  O     . HOH M 6 . ? -1.194  -1.952  21.893  1.000 19.865 ? 242 HOH L O     1 
HETATM 776 O  O     . HOH M 6 . ? 2.119   -2.642  6.168   1.000 25.478 ? 243 HOH L O     1 
HETATM 777 O  O     . HOH M 6 . ? -5.712  4.124   20.746  1.000 41.056 ? 244 HOH L O     1 
HETATM 778 O  O     . HOH M 6 . ? 2.912   3.799   -0.925  1.000 26.764 ? 245 HOH L O     1 
HETATM 779 O  O     . HOH M 6 . ? 7.745   4.573   0.131   1.000 36.425 ? 246 HOH L O     1 
HETATM 780 O  O     . HOH M 6 . ? 5.315   5.270   -1.106  1.000 25.098 ? 247 HOH L O     1 
HETATM 781 O  O     . HOH M 6 . ? -8.470  -1.548  24.461  1.000 22.717 ? 248 HOH L O     1 
HETATM 782 O  O     . HOH M 6 . ? 3.964   0.620   10.992  1.000 36.421 ? 249 HOH L O     1 
HETATM 783 O  O     . HOH M 6 . ? 2.217   1.808   12.668  1.000 22.687 ? 250 HOH L O     1 
HETATM 784 O  O     . HOH M 6 . ? -0.488  0.939   21.357  1.000 23.088 ? 251 HOH L O     1 
HETATM 785 O  O     . HOH M 6 . ? 11.516  1.080   3.754   1.000 37.889 ? 252 HOH L O     1 
HETATM 786 O  O     . HOH N 6 . ? 8.167   -3.526  -8.491  1.000 37.647 ? 201 HOH M O     1 
HETATM 787 O  O     . HOH N 6 . ? -4.585  -5.686  -1.660  1.000 28.250 ? 202 HOH M O     1 
HETATM 788 O  O     . HOH N 6 . ? -1.367  0.950   -20.583 1.000 30.520 ? 203 HOH M O     1 
HETATM 789 O  O     . HOH N 6 . ? 1.679   11.687  -22.946 1.000 19.165 ? 204 HOH M O     1 
HETATM 790 O  O     . HOH N 6 . ? 1.209   11.462  -19.941 1.000 30.721 ? 205 HOH M O     1 
HETATM 791 O  O     . HOH N 6 . ? 6.097   -7.691  -8.934  1.000 33.073 ? 206 HOH M O     1 
HETATM 792 O  O     . HOH N 6 . ? 4.238   9.679   -25.957 1.000 28.474 ? 207 HOH M O     1 
HETATM 793 O  O     . HOH N 6 . ? 7.002   -5.410  -20.050 1.000 29.080 ? 208 HOH M O     1 
HETATM 794 O  O     . HOH N 6 . ? 3.618   -1.986  -18.787 1.000 19.628 ? 209 HOH M O     1 
HETATM 795 O  O     . HOH N 6 . ? -2.372  -6.537  -12.780 1.000 27.828 ? 210 HOH M O     1 
HETATM 796 O  O     . HOH N 6 . ? 0.730   -5.355  -3.957  1.000 22.229 ? 211 HOH M O     1 
HETATM 797 O  O     . HOH N 6 . ? 5.966   1.282   -24.599 1.000 29.484 ? 212 HOH M O     1 
HETATM 798 O  O     . HOH N 6 . ? -0.319  2.487   -23.062 1.000 20.013 ? 213 HOH M O     1 
HETATM 799 O  O     . HOH N 6 . ? 8.846   -3.381  -20.759 1.000 17.939 ? 214 HOH M O     1 
HETATM 800 O  O     . HOH N 6 . ? 2.525   -6.276  -17.935 1.000 30.030 ? 215 HOH M O     1 
HETATM 801 O  O     . HOH N 6 . ? -0.780  9.619   -19.603 1.000 20.276 ? 216 HOH M O     1 
HETATM 802 O  O     . HOH N 6 . ? 0.165   -3.141  -13.664 1.000 19.684 ? 217 HOH M O     1 
HETATM 803 O  O     . HOH N 6 . ? -0.043  -10.271 -14.398 1.000 21.354 ? 218 HOH M O     1 
HETATM 804 O  O     . HOH N 6 . ? 6.920   -1.583  -23.542 1.000 31.026 ? 219 HOH M O     1 
HETATM 805 O  O     . HOH N 6 . ? 0.665   9.580   -28.770 1.000 23.647 ? 220 HOH M O     1 
HETATM 806 O  O     . HOH N 6 . ? 8.055   3.823   -15.474 1.000 22.379 ? 221 HOH M O     1 
HETATM 807 O  O     . HOH N 6 . ? 0.186   -0.257  -13.595 1.000 17.794 ? 222 HOH M O     1 
HETATM 808 O  O     . HOH N 6 . ? -0.548  -0.446  -10.688 1.000 26.176 ? 223 HOH M O     1 
HETATM 809 O  O     . HOH N 6 . ? 4.800   7.873   -18.076 1.000 21.197 ? 224 HOH M O     1 
HETATM 810 O  O     . HOH N 6 . ? 2.017   -2.290  -15.487 1.000 20.173 ? 225 HOH M O     1 
HETATM 811 O  O     . HOH N 6 . ? -0.324  -3.473  -11.042 1.000 20.369 ? 226 HOH M O     1 
HETATM 812 O  O     . HOH N 6 . ? 5.733   3.640   -26.942 1.000 29.892 ? 227 HOH M O     1 
HETATM 813 O  O     . HOH N 6 . ? 1.102   4.044   -24.065 1.000 36.627 ? 228 HOH M O     1 
HETATM 814 O  O     . HOH N 6 . ? -6.127  8.502   -26.863 1.000 26.809 ? 229 HOH M O     1 
HETATM 815 O  O     . HOH N 6 . ? 4.043   0.791   -21.574 1.000 21.731 ? 230 HOH M O     1 
HETATM 816 O  O     . HOH N 6 . ? 8.828   0.305   -11.595 1.000 19.270 ? 231 HOH M O     1 
HETATM 817 O  O     . HOH N 6 . ? 10.288  3.551   -17.824 1.000 21.306 ? 232 HOH M O     1 
HETATM 818 O  O     . HOH N 6 . ? 1.879   1.316   -21.148 1.000 28.664 ? 233 HOH M O     1 
HETATM 819 O  O     . HOH N 6 . ? -4.222  -8.904  -8.223  1.000 34.388 ? 234 HOH M O     1 
HETATM 820 O  O     . HOH N 6 . ? 9.004   4.600   -24.255 1.000 27.588 ? 235 HOH M O     1 
HETATM 821 O  O     . HOH N 6 . ? -2.043  -1.541  -8.698  1.000 27.719 ? 236 HOH M O     1 
HETATM 822 O  O     . HOH N 6 . ? 3.102   4.579   -27.491 1.000 34.413 ? 237 HOH M O     1 
HETATM 823 O  O     . HOH N 6 . ? 9.418   2.204   -12.253 1.000 23.346 ? 238 HOH M O     1 
HETATM 824 O  O     . HOH N 6 . ? -0.506  1.756   -8.390  1.000 21.920 ? 239 HOH M O     1 
HETATM 825 O  O     . HOH N 6 . ? 0.900   -1.586  -18.756 1.000 30.959 ? 240 HOH M O     1 
HETATM 826 O  O     . HOH N 6 . ? 8.100   0.659   -24.655 1.000 32.916 ? 241 HOH M O     1 
HETATM 827 O  O     . HOH N 6 . ? -1.550  5.266   -5.132  1.000 36.740 ? 242 HOH M O     1 
HETATM 828 O  O     . HOH N 6 . ? -5.354  11.928  -28.522 1.000 33.993 ? 243 HOH M O     1 
HETATM 829 O  O     . HOH N 6 . ? -3.467  -3.933  -13.962 1.000 27.630 ? 244 HOH M O     1 
HETATM 830 O  O     . HOH N 6 . ? -5.766  -5.433  1.815   1.000 29.625 ? 245 HOH M O     1 
HETATM 831 O  O     . HOH N 6 . ? -1.979  -1.582  -12.646 1.000 22.058 ? 246 HOH M O     1 
HETATM 832 O  O     . HOH N 6 . ? 0.244   -0.355  -21.378 1.000 20.298 ? 247 HOH M O     1 
HETATM 833 O  O     . HOH N 6 . ? -4.542  -2.213  -12.905 1.000 39.564 ? 248 HOH M O     1 
HETATM 834 O  O     . HOH N 6 . ? -4.168  -0.458  -11.473 1.000 29.595 ? 249 HOH M O     1 
HETATM 835 O  O     . HOH O 6 . ? -1.817  3.432   -11.821 1.000 26.084 ? 201 HOH N O     1 
HETATM 836 O  O     . HOH O 6 . ? -3.516  2.987   -13.985 1.000 33.375 ? 202 HOH N O     1 
HETATM 837 O  O     . HOH O 6 . ? 11.898  -1.698  2.190   1.000 31.423 ? 203 HOH N O     1 
HETATM 838 O  O     . HOH O 6 . ? 13.184  -0.387  -0.684  1.000 34.955 ? 204 HOH N O     1 
HETATM 839 O  O     . HOH O 6 . ? 1.168   5.484   -5.841  1.000 31.729 ? 205 HOH N O     1 
HETATM 840 O  O     . HOH O 6 . ? 8.755   -4.869  -6.112  1.000 37.948 ? 206 HOH N O     1 
HETATM 841 O  O     . HOH O 6 . ? -9.987  -4.647  -15.370 1.000 27.303 ? 207 HOH N O     1 
HETATM 842 O  O     . HOH O 6 . ? -13.113 2.595   -12.505 1.000 43.979 ? 208 HOH N O     1 
HETATM 843 O  O     . HOH O 6 . ? -1.368  5.109   -10.709 0.800 4.868  ? 209 HOH N O     1 
HETATM 844 O  O     . HOH O 6 . ? 8.163   4.711   -12.647 1.000 29.928 ? 210 HOH N O     1 
HETATM 845 O  O     . HOH O 6 . ? 11.389  -4.328  -3.548  1.000 22.911 ? 211 HOH N O     1 
HETATM 846 O  O     . HOH O 6 . ? 3.987   8.185   -6.485  1.000 33.640 ? 212 HOH N O     1 
HETATM 847 O  O     . HOH O 6 . ? -7.698  -1.783  -13.866 1.000 26.918 ? 213 HOH N O     1 
HETATM 848 O  O     . HOH O 6 . ? 4.571   11.871  -5.378  1.000 27.815 ? 214 HOH N O     1 
HETATM 849 O  O     . HOH O 6 . ? 0.165   10.594  -6.323  1.000 28.454 ? 215 HOH N O     1 
HETATM 850 O  O     . HOH O 6 . ? 5.269   2.405   -1.486  1.000 19.682 ? 216 HOH N O     1 
HETATM 851 O  O     . HOH O 6 . ? -4.997  3.560   -12.820 1.000 32.894 ? 217 HOH N O     1 
HETATM 852 O  O     . HOH O 6 . ? 7.959   2.515   -1.492  1.000 30.698 ? 218 HOH N O     1 
HETATM 853 O  O     . HOH O 6 . ? 8.897   -0.330  -8.733  1.000 22.253 ? 219 HOH N O     1 
HETATM 854 O  O     . HOH O 6 . ? 10.848  2.424   0.763   1.000 28.860 ? 220 HOH N O     1 
HETATM 855 O  O     . HOH O 6 . ? -0.621  4.655   -8.600  1.000 30.974 ? 221 HOH N O     1 
HETATM 856 O  O     . HOH O 6 . ? -10.666 4.251   -18.807 1.000 29.476 ? 222 HOH N O     1 
HETATM 857 O  O     . HOH O 6 . ? 4.777   9.530   -14.619 1.000 25.307 ? 223 HOH N O     1 
HETATM 858 O  O     . HOH O 6 . ? 12.151  -3.976  -0.741  1.000 22.439 ? 224 HOH N O     1 
HETATM 859 O  O     . HOH O 6 . ? -5.838  11.819  -9.780  1.000 20.277 ? 225 HOH N O     1 
HETATM 860 O  O     . HOH O 6 . ? -5.924  1.289   -12.257 1.000 34.280 ? 226 HOH N O     1 
HETATM 861 O  O     . HOH O 6 . ? -1.075  6.867   -9.001  1.000 32.199 ? 227 HOH N O     1 
HETATM 862 O  O     . HOH O 6 . ? -9.804  9.105   -13.968 1.000 23.535 ? 228 HOH N O     1 
HETATM 863 O  O     . HOH O 6 . ? 10.217  9.486   -10.170 1.000 32.782 ? 229 HOH N O     1 
HETATM 864 O  O     . HOH O 6 . ? -3.633  5.976   -10.753 1.000 29.387 ? 230 HOH N O     1 
HETATM 865 O  O     . HOH O 6 . ? -2.091  1.168   -14.089 1.000 19.222 ? 231 HOH N O     1 
HETATM 866 O  O     . HOH O 6 . ? -3.266  -2.492  -19.537 1.000 31.302 ? 232 HOH N O     1 
HETATM 867 O  O     . HOH O 6 . ? -7.091  7.740   -19.431 1.000 20.814 ? 233 HOH N O     1 
HETATM 868 O  O     . HOH O 6 . ? -3.611  -0.713  -15.856 1.000 28.951 ? 234 HOH N O     1 
HETATM 869 O  O     . HOH O 6 . ? 3.131   2.923   -3.534  1.000 27.072 ? 235 HOH N O     1 
HETATM 870 O  O     . HOH O 6 . ? 6.002   4.351   -3.804  1.000 30.028 ? 236 HOH N O     1 
HETATM 871 O  O     . HOH O 6 . ? -9.617  6.970   -18.821 1.000 32.191 ? 237 HOH N O     1 
HETATM 872 O  O     . HOH O 6 . ? 7.495   11.668  -12.677 1.000 34.890 ? 238 HOH N O     1 
HETATM 873 O  O     . HOH O 6 . ? -12.896 4.048   -19.983 1.000 23.323 ? 239 HOH N O     1 
HETATM 874 O  O     . HOH O 6 . ? 9.271   9.877   -13.657 1.000 37.039 ? 240 HOH N O     1 
HETATM 875 O  O     . HOH O 6 . ? 11.483  2.310   -11.291 1.000 39.613 ? 241 HOH N O     1 
HETATM 876 O  O     . HOH O 6 . ? 3.260   5.610   -3.153  1.000 23.149 ? 242 HOH N O     1 
HETATM 877 O  O     . HOH O 6 . ? 8.074   12.910  -9.025  1.000 37.731 ? 243 HOH N O     1 
HETATM 878 O  O     . HOH O 6 . ? -2.876  4.270   -9.144  1.000 24.879 ? 244 HOH N O     1 
HETATM 879 O  O     . HOH O 6 . ? -4.294  1.660   -9.865  1.000 31.558 ? 245 HOH N O     1 
HETATM 880 O  O     . HOH O 6 . ? -2.133  -2.739  -16.944 1.000 43.608 ? 246 HOH N O     1 
# 
